data_2A08
# 
_entry.id   2A08 
# 
_audit_conform.dict_name       mmcif_pdbx.dic 
_audit_conform.dict_version    5.376 
_audit_conform.dict_location   http://mmcif.pdb.org/dictionaries/ascii/mmcif_pdbx.dic 
# 
loop_
_database_2.database_id 
_database_2.database_code 
_database_2.pdbx_database_accession 
_database_2.pdbx_DOI 
PDB   2A08         pdb_00002a08 10.2210/pdb2a08/pdb 
RCSB  RCSB033329   ?            ?                   
WWPDB D_1000033329 ?            ?                   
# 
loop_
_pdbx_database_related.db_name 
_pdbx_database_related.db_id 
_pdbx_database_related.details 
_pdbx_database_related.content_type 
PDB 1oot . unspecified 
PDB 1ruw . unspecified 
PDB 1ssh . unspecified 
PDB 1tg0 . unspecified 
PDB 1va7 . unspecified 
PDB 1wdx . unspecified 
PDB 1yn8 . unspecified 
PDB 1ynz . unspecified 
PDB 1yp5 . unspecified 
PDB 1z9z . unspecified 
PDB 1zuk . unspecified 
PDB 1zuu . unspecified 
PDB 1zuy . unspecified 
PDB 1zx6 . unspecified 
# 
_pdbx_database_status.status_code                     REL 
_pdbx_database_status.entry_id                        2A08 
_pdbx_database_status.recvd_initial_deposition_date   2005-06-16 
_pdbx_database_status.deposit_site                    RCSB 
_pdbx_database_status.process_site                    RCSB 
_pdbx_database_status.status_code_sf                  REL 
_pdbx_database_status.status_code_mr                  ? 
_pdbx_database_status.SG_entry                        ? 
_pdbx_database_status.pdb_format_compatible           Y 
_pdbx_database_status.status_code_cs                  ? 
_pdbx_database_status.methods_development_category    ? 
_pdbx_database_status.status_code_nmr_data            ? 
# 
loop_
_audit_author.name 
_audit_author.pdbx_ordinal 
'Kursula, P.'  1 
'Kursula, I.'  2 
'Song, Y.H.'   3 
'Lehmann, F.'  4 
'Zou, P.'      5 
'Wilmanns, M.' 6 
# 
_citation.id                        primary 
_citation.title                     '3-D proteome of yeast SH3 domains' 
_citation.journal_abbrev            'To be Published' 
_citation.journal_volume            ? 
_citation.page_first                ? 
_citation.page_last                 ? 
_citation.year                      ? 
_citation.journal_id_ASTM           ? 
_citation.country                   ? 
_citation.journal_id_ISSN           ? 
_citation.journal_id_CSD            0353 
_citation.book_publisher            ? 
_citation.pdbx_database_id_PubMed   ? 
_citation.pdbx_database_id_DOI      ? 
# 
loop_
_citation_author.citation_id 
_citation_author.name 
_citation_author.ordinal 
_citation_author.identifier_ORCID 
primary 'Kursula, P.'  1 ? 
primary 'Kursula, I.'  2 ? 
primary 'Song, Y.H.'   3 ? 
primary 'Lehmann, F.'  4 ? 
primary 'Zou, P.'      5 ? 
primary 'Wilmanns, M.' 6 ? 
# 
_cell.entry_id           2A08 
_cell.length_a           66.830 
_cell.length_b           66.830 
_cell.length_c           52.680 
_cell.angle_alpha        90.00 
_cell.angle_beta         90.00 
_cell.angle_gamma        120.00 
_cell.Z_PDB              12 
_cell.pdbx_unique_axis   ? 
_cell.length_a_esd       ? 
_cell.length_b_esd       ? 
_cell.length_c_esd       ? 
_cell.angle_alpha_esd    ? 
_cell.angle_beta_esd     ? 
_cell.angle_gamma_esd    ? 
# 
_symmetry.entry_id                         2A08 
_symmetry.space_group_name_H-M             'P 64' 
_symmetry.pdbx_full_space_group_name_H-M   ? 
_symmetry.cell_setting                     ? 
_symmetry.Int_Tables_number                172 
_symmetry.space_group_name_Hall            ? 
# 
loop_
_entity.id 
_entity.type 
_entity.src_method 
_entity.pdbx_description 
_entity.formula_weight 
_entity.pdbx_number_of_molecules 
_entity.pdbx_ec 
_entity.pdbx_mutation 
_entity.pdbx_fragment 
_entity.details 
1 polymer man 'Hypothetical 41.8 kDa protein in SPO13-ARG4 intergenic region' 6513.289 2   ? ? 'sh3 domain' ? 
2 water   nat water                                                           18.015   229 ? ? ?            ? 
# 
_entity_poly.entity_id                      1 
_entity_poly.type                           'polypeptide(L)' 
_entity_poly.nstd_linkage                   no 
_entity_poly.nstd_monomer                   no 
_entity_poly.pdbx_seq_one_letter_code       GAMATAVALYNFAGEQPGDLAFKKGDVITILKKSDSQNDWWTGRTNGKEGIFPANYVRVS 
_entity_poly.pdbx_seq_one_letter_code_can   GAMATAVALYNFAGEQPGDLAFKKGDVITILKKSDSQNDWWTGRTNGKEGIFPANYVRVS 
_entity_poly.pdbx_strand_id                 A,B 
_entity_poly.pdbx_target_identifier         ? 
# 
loop_
_entity_poly_seq.entity_id 
_entity_poly_seq.num 
_entity_poly_seq.mon_id 
_entity_poly_seq.hetero 
1 1  GLY n 
1 2  ALA n 
1 3  MET n 
1 4  ALA n 
1 5  THR n 
1 6  ALA n 
1 7  VAL n 
1 8  ALA n 
1 9  LEU n 
1 10 TYR n 
1 11 ASN n 
1 12 PHE n 
1 13 ALA n 
1 14 GLY n 
1 15 GLU n 
1 16 GLN n 
1 17 PRO n 
1 18 GLY n 
1 19 ASP n 
1 20 LEU n 
1 21 ALA n 
1 22 PHE n 
1 23 LYS n 
1 24 LYS n 
1 25 GLY n 
1 26 ASP n 
1 27 VAL n 
1 28 ILE n 
1 29 THR n 
1 30 ILE n 
1 31 LEU n 
1 32 LYS n 
1 33 LYS n 
1 34 SER n 
1 35 ASP n 
1 36 SER n 
1 37 GLN n 
1 38 ASN n 
1 39 ASP n 
1 40 TRP n 
1 41 TRP n 
1 42 THR n 
1 43 GLY n 
1 44 ARG n 
1 45 THR n 
1 46 ASN n 
1 47 GLY n 
1 48 LYS n 
1 49 GLU n 
1 50 GLY n 
1 51 ILE n 
1 52 PHE n 
1 53 PRO n 
1 54 ALA n 
1 55 ASN n 
1 56 TYR n 
1 57 VAL n 
1 58 ARG n 
1 59 VAL n 
1 60 SER n 
# 
_entity_src_gen.entity_id                          1 
_entity_src_gen.pdbx_src_id                        1 
_entity_src_gen.pdbx_alt_source_flag               sample 
_entity_src_gen.pdbx_seq_type                      ? 
_entity_src_gen.pdbx_beg_seq_num                   ? 
_entity_src_gen.pdbx_end_seq_num                   ? 
_entity_src_gen.gene_src_common_name               
;baker's yeast
;
_entity_src_gen.gene_src_genus                     Saccharomyces 
_entity_src_gen.pdbx_gene_src_gene                 ? 
_entity_src_gen.gene_src_species                   ? 
_entity_src_gen.gene_src_strain                    ? 
_entity_src_gen.gene_src_tissue                    ? 
_entity_src_gen.gene_src_tissue_fraction           ? 
_entity_src_gen.gene_src_details                   ? 
_entity_src_gen.pdbx_gene_src_fragment             ? 
_entity_src_gen.pdbx_gene_src_scientific_name      'Saccharomyces cerevisiae' 
_entity_src_gen.pdbx_gene_src_ncbi_taxonomy_id     4932 
_entity_src_gen.pdbx_gene_src_variant              ? 
_entity_src_gen.pdbx_gene_src_cell_line            ? 
_entity_src_gen.pdbx_gene_src_atcc                 ? 
_entity_src_gen.pdbx_gene_src_organ                ? 
_entity_src_gen.pdbx_gene_src_organelle            ? 
_entity_src_gen.pdbx_gene_src_cell                 ? 
_entity_src_gen.pdbx_gene_src_cellular_location    ? 
_entity_src_gen.host_org_common_name               ? 
_entity_src_gen.pdbx_host_org_scientific_name      'Escherichia coli BL21' 
_entity_src_gen.pdbx_host_org_ncbi_taxonomy_id     511693 
_entity_src_gen.host_org_genus                     Escherichia 
_entity_src_gen.pdbx_host_org_gene                 ? 
_entity_src_gen.pdbx_host_org_organ                ? 
_entity_src_gen.host_org_species                   'Escherichia coli' 
_entity_src_gen.pdbx_host_org_tissue               ? 
_entity_src_gen.pdbx_host_org_tissue_fraction      ? 
_entity_src_gen.pdbx_host_org_strain               BL21 
_entity_src_gen.pdbx_host_org_variant              ? 
_entity_src_gen.pdbx_host_org_cell_line            ? 
_entity_src_gen.pdbx_host_org_atcc                 ? 
_entity_src_gen.pdbx_host_org_culture_collection   ? 
_entity_src_gen.pdbx_host_org_cell                 ? 
_entity_src_gen.pdbx_host_org_organelle            ? 
_entity_src_gen.pdbx_host_org_cellular_location    ? 
_entity_src_gen.pdbx_host_org_vector_type          plasmid 
_entity_src_gen.pdbx_host_org_vector               pET 
_entity_src_gen.host_org_details                   ? 
_entity_src_gen.expression_system_id               ? 
_entity_src_gen.plasmid_name                       ? 
_entity_src_gen.plasmid_details                    ? 
_entity_src_gen.pdbx_description                   ? 
# 
_struct_ref.id                         1 
_struct_ref.db_name                    UNP 
_struct_ref.db_code                    YSC84_YEAST 
_struct_ref.pdbx_db_accession          P32793 
_struct_ref.entity_id                  1 
_struct_ref.pdbx_align_begin           413 
_struct_ref.pdbx_db_isoform            ? 
_struct_ref.pdbx_seq_one_letter_code   ? 
# 
loop_
_struct_ref_seq.align_id 
_struct_ref_seq.ref_id 
_struct_ref_seq.pdbx_PDB_id_code 
_struct_ref_seq.pdbx_strand_id 
_struct_ref_seq.seq_align_beg 
_struct_ref_seq.pdbx_seq_align_beg_ins_code 
_struct_ref_seq.seq_align_end 
_struct_ref_seq.pdbx_seq_align_end_ins_code 
_struct_ref_seq.pdbx_db_accession 
_struct_ref_seq.db_align_beg 
_struct_ref_seq.pdbx_db_align_beg_ins_code 
_struct_ref_seq.db_align_end 
_struct_ref_seq.pdbx_db_align_end_ins_code 
_struct_ref_seq.pdbx_auth_seq_align_beg 
_struct_ref_seq.pdbx_auth_seq_align_end 
1 1 2A08 A 5 ? 60 ? P32793 413 ? 468 ? 7 62 
2 1 2A08 B 5 ? 60 ? P32793 413 ? 468 ? 7 62 
# 
loop_
_struct_ref_seq_dif.align_id 
_struct_ref_seq_dif.pdbx_pdb_id_code 
_struct_ref_seq_dif.mon_id 
_struct_ref_seq_dif.pdbx_pdb_strand_id 
_struct_ref_seq_dif.seq_num 
_struct_ref_seq_dif.pdbx_pdb_ins_code 
_struct_ref_seq_dif.pdbx_seq_db_name 
_struct_ref_seq_dif.pdbx_seq_db_accession_code 
_struct_ref_seq_dif.db_mon_id 
_struct_ref_seq_dif.pdbx_seq_db_seq_num 
_struct_ref_seq_dif.details 
_struct_ref_seq_dif.pdbx_auth_seq_num 
_struct_ref_seq_dif.pdbx_ordinal 
1 2A08 GLY A 1 ? UNP P32793 ? ? 'cloning artifact' 3 1 
1 2A08 ALA A 2 ? UNP P32793 ? ? 'cloning artifact' 4 2 
1 2A08 MET A 3 ? UNP P32793 ? ? 'cloning artifact' 5 3 
1 2A08 ALA A 4 ? UNP P32793 ? ? 'cloning artifact' 6 4 
2 2A08 GLY B 1 ? UNP P32793 ? ? 'cloning artifact' 3 5 
2 2A08 ALA B 2 ? UNP P32793 ? ? 'cloning artifact' 4 6 
2 2A08 MET B 3 ? UNP P32793 ? ? 'cloning artifact' 5 7 
2 2A08 ALA B 4 ? UNP P32793 ? ? 'cloning artifact' 6 8 
# 
loop_
_chem_comp.id 
_chem_comp.type 
_chem_comp.mon_nstd_flag 
_chem_comp.name 
_chem_comp.pdbx_synonyms 
_chem_comp.formula 
_chem_comp.formula_weight 
ALA 'L-peptide linking' y ALANINE         ? 'C3 H7 N O2'     89.093  
ARG 'L-peptide linking' y ARGININE        ? 'C6 H15 N4 O2 1' 175.209 
ASN 'L-peptide linking' y ASPARAGINE      ? 'C4 H8 N2 O3'    132.118 
ASP 'L-peptide linking' y 'ASPARTIC ACID' ? 'C4 H7 N O4'     133.103 
GLN 'L-peptide linking' y GLUTAMINE       ? 'C5 H10 N2 O3'   146.144 
GLU 'L-peptide linking' y 'GLUTAMIC ACID' ? 'C5 H9 N O4'     147.129 
GLY 'peptide linking'   y GLYCINE         ? 'C2 H5 N O2'     75.067  
HOH non-polymer         . WATER           ? 'H2 O'           18.015  
ILE 'L-peptide linking' y ISOLEUCINE      ? 'C6 H13 N O2'    131.173 
LEU 'L-peptide linking' y LEUCINE         ? 'C6 H13 N O2'    131.173 
LYS 'L-peptide linking' y LYSINE          ? 'C6 H15 N2 O2 1' 147.195 
MET 'L-peptide linking' y METHIONINE      ? 'C5 H11 N O2 S'  149.211 
PHE 'L-peptide linking' y PHENYLALANINE   ? 'C9 H11 N O2'    165.189 
PRO 'L-peptide linking' y PROLINE         ? 'C5 H9 N O2'     115.130 
SER 'L-peptide linking' y SERINE          ? 'C3 H7 N O3'     105.093 
THR 'L-peptide linking' y THREONINE       ? 'C4 H9 N O3'     119.119 
TRP 'L-peptide linking' y TRYPTOPHAN      ? 'C11 H12 N2 O2'  204.225 
TYR 'L-peptide linking' y TYROSINE        ? 'C9 H11 N O3'    181.189 
VAL 'L-peptide linking' y VALINE          ? 'C5 H11 N O2'    117.146 
# 
_exptl.entry_id          2A08 
_exptl.method            'X-RAY DIFFRACTION' 
_exptl.crystals_number   1 
# 
_exptl_crystal.id                    1 
_exptl_crystal.density_meas          ? 
_exptl_crystal.density_Matthews      2.6 
_exptl_crystal.density_percent_sol   52.5 
_exptl_crystal.description           ? 
_exptl_crystal.F_000                 ? 
_exptl_crystal.preparation           ? 
# 
_exptl_crystal_grow.crystal_id      1 
_exptl_crystal_grow.method          'VAPOR DIFFUSION, HANGING DROP' 
_exptl_crystal_grow.temp            293 
_exptl_crystal_grow.temp_details    ? 
_exptl_crystal_grow.pH              7 
_exptl_crystal_grow.pdbx_details    '2.4 M ammonium sulfate, pH 7, VAPOR DIFFUSION, HANGING DROP, temperature 293K' 
_exptl_crystal_grow.pdbx_pH_range   . 
# 
_diffrn.id                     1 
_diffrn.ambient_temp           100 
_diffrn.ambient_temp_details   ? 
_diffrn.crystal_id             1 
# 
_diffrn_detector.diffrn_id              1 
_diffrn_detector.detector               CCD 
_diffrn_detector.type                   MARRESEARCH 
_diffrn_detector.pdbx_collection_date   2004-09-24 
_diffrn_detector.details                ? 
# 
_diffrn_radiation.diffrn_id                        1 
_diffrn_radiation.wavelength_id                    1 
_diffrn_radiation.pdbx_monochromatic_or_laue_m_l   M 
_diffrn_radiation.monochromator                    ? 
_diffrn_radiation.pdbx_diffrn_protocol             'SINGLE WAVELENGTH' 
_diffrn_radiation.pdbx_scattering_type             x-ray 
# 
_diffrn_radiation_wavelength.id           1 
_diffrn_radiation_wavelength.wavelength   0.9537 
_diffrn_radiation_wavelength.wt           1.0 
# 
_diffrn_source.diffrn_id                   1 
_diffrn_source.source                      SYNCHROTRON 
_diffrn_source.type                        'BESSY BEAMLINE 14.1' 
_diffrn_source.pdbx_synchrotron_site       BESSY 
_diffrn_source.pdbx_synchrotron_beamline   14.1 
_diffrn_source.pdbx_wavelength             ? 
_diffrn_source.pdbx_wavelength_list        0.9537 
# 
_reflns.entry_id                     2A08 
_reflns.observed_criterion_sigma_F   ? 
_reflns.observed_criterion_sigma_I   -3 
_reflns.d_resolution_high            1.54 
_reflns.d_resolution_low             40 
_reflns.number_all                   ? 
_reflns.number_obs                   19553 
_reflns.percent_possible_obs         98.1 
_reflns.pdbx_Rmerge_I_obs            ? 
_reflns.pdbx_Rsym_value              0.06 
_reflns.pdbx_netI_over_sigmaI        15.5 
_reflns.B_iso_Wilson_estimate        ? 
_reflns.pdbx_redundancy              4.4 
_reflns.R_free_details               ? 
_reflns.limit_h_max                  ? 
_reflns.limit_h_min                  ? 
_reflns.limit_k_max                  ? 
_reflns.limit_k_min                  ? 
_reflns.limit_l_max                  ? 
_reflns.limit_l_min                  ? 
_reflns.observed_criterion_F_max     ? 
_reflns.observed_criterion_F_min     ? 
_reflns.pdbx_chi_squared             ? 
_reflns.pdbx_scaling_rejects         ? 
_reflns.pdbx_diffrn_id               1 
_reflns.pdbx_ordinal                 1 
# 
_reflns_shell.d_res_high             1.54 
_reflns_shell.d_res_low              1.6 
_reflns_shell.percent_possible_all   93.6 
_reflns_shell.Rmerge_I_obs           ? 
_reflns_shell.pdbx_Rsym_value        0.307 
_reflns_shell.meanI_over_sigI_obs    4.6 
_reflns_shell.pdbx_redundancy        3.4 
_reflns_shell.percent_possible_obs   ? 
_reflns_shell.number_unique_all      ? 
_reflns_shell.number_measured_all    ? 
_reflns_shell.number_measured_obs    ? 
_reflns_shell.number_unique_obs      ? 
_reflns_shell.pdbx_chi_squared       ? 
_reflns_shell.pdbx_diffrn_id         ? 
_reflns_shell.pdbx_ordinal           1 
# 
_refine.entry_id                                 2A08 
_refine.ls_number_reflns_obs                     18569 
_refine.ls_number_reflns_all                     ? 
_refine.pdbx_ls_sigma_I                          ? 
_refine.pdbx_ls_sigma_F                          ? 
_refine.pdbx_data_cutoff_high_absF               ? 
_refine.pdbx_data_cutoff_low_absF                ? 
_refine.pdbx_data_cutoff_high_rms_absF           ? 
_refine.ls_d_res_low                             33.41 
_refine.ls_d_res_high                            1.54 
_refine.ls_percent_reflns_obs                    98.28 
_refine.ls_R_factor_obs                          0.17329 
_refine.ls_R_factor_all                          ? 
_refine.ls_R_factor_R_work                       0.17109 
_refine.ls_R_factor_R_free                       0.21547 
_refine.ls_R_factor_R_free_error                 ? 
_refine.ls_R_factor_R_free_error_details         ? 
_refine.ls_percent_reflns_R_free                 5.0 
_refine.ls_number_reflns_R_free                  977 
_refine.ls_number_parameters                     ? 
_refine.ls_number_restraints                     ? 
_refine.occupancy_min                            ? 
_refine.occupancy_max                            ? 
_refine.correlation_coeff_Fo_to_Fc               0.965 
_refine.correlation_coeff_Fo_to_Fc_free          0.944 
_refine.B_iso_mean                               10.595 
_refine.aniso_B[1][1]                            0.11 
_refine.aniso_B[2][2]                            0.11 
_refine.aniso_B[3][3]                            -0.16 
_refine.aniso_B[1][2]                            0.05 
_refine.aniso_B[1][3]                            0.00 
_refine.aniso_B[2][3]                            0.00 
_refine.solvent_model_details                    'BABINET MODEL WITH MASK' 
_refine.solvent_model_param_ksol                 ? 
_refine.solvent_model_param_bsol                 ? 
_refine.pdbx_solvent_vdw_probe_radii             1.40 
_refine.pdbx_solvent_ion_probe_radii             0.80 
_refine.pdbx_solvent_shrinkage_radii             0.80 
_refine.pdbx_ls_cross_valid_method               THROUGHOUT 
_refine.details                                  ? 
_refine.pdbx_starting_model                      'PDB Entry: 1OOT' 
_refine.pdbx_method_to_determine_struct          'MOLECULAR REPLACEMENT' 
_refine.pdbx_isotropic_thermal_model             ? 
_refine.pdbx_stereochemistry_target_values       'MAXIMUM LIKELIHOOD' 
_refine.pdbx_stereochem_target_val_spec_case     ? 
_refine.pdbx_R_Free_selection_details            RANDOM 
_refine.pdbx_overall_ESU_R                       0.077 
_refine.pdbx_overall_ESU_R_Free                  0.085 
_refine.overall_SU_ML                            0.056 
_refine.overall_SU_B                             1.503 
_refine.ls_redundancy_reflns_obs                 ? 
_refine.B_iso_min                                ? 
_refine.B_iso_max                                ? 
_refine.overall_SU_R_Cruickshank_DPI             ? 
_refine.overall_SU_R_free                        ? 
_refine.ls_wR_factor_R_free                      ? 
_refine.ls_wR_factor_R_work                      ? 
_refine.overall_FOM_free_R_set                   ? 
_refine.overall_FOM_work_R_set                   ? 
_refine.pdbx_refine_id                           'X-RAY DIFFRACTION' 
_refine.pdbx_diffrn_id                           1 
_refine.pdbx_TLS_residual_ADP_flag               ? 
_refine.pdbx_overall_phase_error                 ? 
_refine.pdbx_overall_SU_R_free_Cruickshank_DPI   ? 
_refine.pdbx_overall_SU_R_Blow_DPI               ? 
_refine.pdbx_overall_SU_R_free_Blow_DPI          ? 
# 
_refine_hist.pdbx_refine_id                   'X-RAY DIFFRACTION' 
_refine_hist.cycle_id                         LAST 
_refine_hist.pdbx_number_atoms_protein        920 
_refine_hist.pdbx_number_atoms_nucleic_acid   0 
_refine_hist.pdbx_number_atoms_ligand         0 
_refine_hist.number_atoms_solvent             229 
_refine_hist.number_atoms_total               1149 
_refine_hist.d_res_high                       1.54 
_refine_hist.d_res_low                        33.41 
# 
loop_
_refine_ls_restr.type 
_refine_ls_restr.dev_ideal 
_refine_ls_restr.dev_ideal_target 
_refine_ls_restr.weight 
_refine_ls_restr.number 
_refine_ls_restr.pdbx_refine_id 
_refine_ls_restr.pdbx_restraint_function 
r_bond_refined_d         0.013 0.022 ? 940  'X-RAY DIFFRACTION' ? 
r_bond_other_d           0.002 0.020 ? 828  'X-RAY DIFFRACTION' ? 
r_angle_refined_deg      1.454 1.924 ? 1270 'X-RAY DIFFRACTION' ? 
r_angle_other_deg        0.811 3.000 ? 1933 'X-RAY DIFFRACTION' ? 
r_dihedral_angle_1_deg   6.027 5.000 ? 114  'X-RAY DIFFRACTION' ? 
r_chiral_restr           0.095 0.200 ? 135  'X-RAY DIFFRACTION' ? 
r_gen_planes_refined     0.006 0.020 ? 1054 'X-RAY DIFFRACTION' ? 
r_gen_planes_other       0.001 0.020 ? 200  'X-RAY DIFFRACTION' ? 
r_nbd_refined            0.200 0.200 ? 162  'X-RAY DIFFRACTION' ? 
r_nbd_other              0.254 0.200 ? 998  'X-RAY DIFFRACTION' ? 
r_nbtor_other            0.083 0.200 ? 565  'X-RAY DIFFRACTION' ? 
r_xyhbond_nbd_refined    0.223 0.200 ? 119  'X-RAY DIFFRACTION' ? 
r_symmetry_vdw_refined   0.294 0.200 ? 10   'X-RAY DIFFRACTION' ? 
r_symmetry_vdw_other     0.333 0.200 ? 28   'X-RAY DIFFRACTION' ? 
r_symmetry_hbond_refined 0.190 0.200 ? 21   'X-RAY DIFFRACTION' ? 
r_mcbond_it              1.248 3.000 ? 575  'X-RAY DIFFRACTION' ? 
r_mcangle_it             1.865 4.000 ? 919  'X-RAY DIFFRACTION' ? 
r_scbond_it              2.198 4.000 ? 365  'X-RAY DIFFRACTION' ? 
r_scangle_it             3.222 5.000 ? 351  'X-RAY DIFFRACTION' ? 
# 
loop_
_refine_ls_restr_ncs.dom_id 
_refine_ls_restr_ncs.pdbx_auth_asym_id 
_refine_ls_restr_ncs.pdbx_number 
_refine_ls_restr_ncs.rms_dev_position 
_refine_ls_restr_ncs.weight_position 
_refine_ls_restr_ncs.pdbx_type 
_refine_ls_restr_ncs.pdbx_ens_id 
_refine_ls_restr_ncs.pdbx_refine_id 
_refine_ls_restr_ncs.pdbx_ordinal 
_refine_ls_restr_ncs.ncs_model_details 
_refine_ls_restr_ncs.rms_dev_B_iso 
_refine_ls_restr_ncs.weight_B_iso 
_refine_ls_restr_ncs.pdbx_asym_id 
_refine_ls_restr_ncs.pdbx_rms 
_refine_ls_restr_ncs.pdbx_weight 
1 A 333 0.29 0.50  'medium positional' 1 'X-RAY DIFFRACTION' 1 ? ? ? ? ? ? 
1 A 457 0.71 5.00  'loose positional'  1 'X-RAY DIFFRACTION' 2 ? ? ? ? ? ? 
1 A 333 1.04 2.00  'medium thermal'    1 'X-RAY DIFFRACTION' 3 ? ? ? ? ? ? 
1 A 457 1.71 10.00 'loose thermal'     1 'X-RAY DIFFRACTION' 4 ? ? ? ? ? ? 
# 
_refine_ls_shell.pdbx_total_number_of_bins_used   20 
_refine_ls_shell.d_res_high                       1.541 
_refine_ls_shell.d_res_low                        1.581 
_refine_ls_shell.number_reflns_R_work             1302 
_refine_ls_shell.R_factor_R_work                  0.197 
_refine_ls_shell.percent_reflns_obs               ? 
_refine_ls_shell.R_factor_R_free                  0.249 
_refine_ls_shell.R_factor_R_free_error            ? 
_refine_ls_shell.percent_reflns_R_free            ? 
_refine_ls_shell.number_reflns_R_free             69 
_refine_ls_shell.number_reflns_obs                ? 
_refine_ls_shell.redundancy_reflns_obs            ? 
_refine_ls_shell.number_reflns_all                ? 
_refine_ls_shell.R_factor_all                     ? 
_refine_ls_shell.pdbx_refine_id                   'X-RAY DIFFRACTION' 
# 
loop_
_struct_ncs_dom.pdbx_ens_id 
_struct_ncs_dom.id 
_struct_ncs_dom.details 
1 1 A 
1 2 B 
# 
loop_
_struct_ncs_dom_lim.pdbx_ens_id 
_struct_ncs_dom_lim.dom_id 
_struct_ncs_dom_lim.pdbx_component_id 
_struct_ncs_dom_lim.beg_label_asym_id 
_struct_ncs_dom_lim.beg_label_comp_id 
_struct_ncs_dom_lim.beg_label_seq_id 
_struct_ncs_dom_lim.beg_label_alt_id 
_struct_ncs_dom_lim.end_label_asym_id 
_struct_ncs_dom_lim.end_label_comp_id 
_struct_ncs_dom_lim.end_label_seq_id 
_struct_ncs_dom_lim.end_label_alt_id 
_struct_ncs_dom_lim.beg_auth_asym_id 
_struct_ncs_dom_lim.beg_auth_comp_id 
_struct_ncs_dom_lim.beg_auth_seq_id 
_struct_ncs_dom_lim.end_auth_asym_id 
_struct_ncs_dom_lim.end_auth_comp_id 
_struct_ncs_dom_lim.end_auth_seq_id 
_struct_ncs_dom_lim.pdbx_refine_code 
_struct_ncs_dom_lim.selection_details 
1 1 1 A ALA 4 . A SER 60 . A ALA 6 A SER 62 5 ? 
1 2 1 B ALA 4 . B SER 60 . B ALA 6 B SER 62 5 ? 
# 
_struct_ncs_ens.id        1 
_struct_ncs_ens.details   ? 
# 
_struct.entry_id                  2A08 
_struct.title                     'Structure of the yeast YHH6 SH3 domain' 
_struct.pdbx_model_details        ? 
_struct.pdbx_CASP_flag            ? 
_struct.pdbx_model_type_details   ? 
# 
_struct_keywords.entry_id        2A08 
_struct_keywords.pdbx_keywords   'PROTEIN BINDING' 
_struct_keywords.text            'sh3 domain, yeast, structural genomics, Protein Binding' 
# 
loop_
_struct_asym.id 
_struct_asym.pdbx_blank_PDB_chainid_flag 
_struct_asym.pdbx_modified 
_struct_asym.entity_id 
_struct_asym.details 
A N N 1 ? 
B N N 1 ? 
C N N 2 ? 
D N N 2 ? 
# 
loop_
_struct_sheet.id 
_struct_sheet.type 
_struct_sheet.number_strands 
_struct_sheet.details 
A ? 5 ? 
B ? 5 ? 
# 
loop_
_struct_sheet_order.sheet_id 
_struct_sheet_order.range_id_1 
_struct_sheet_order.range_id_2 
_struct_sheet_order.offset 
_struct_sheet_order.sense 
A 1 2 ? anti-parallel 
A 2 3 ? anti-parallel 
A 3 4 ? anti-parallel 
A 4 5 ? anti-parallel 
B 1 2 ? anti-parallel 
B 2 3 ? anti-parallel 
B 3 4 ? anti-parallel 
B 4 5 ? anti-parallel 
# 
loop_
_struct_sheet_range.sheet_id 
_struct_sheet_range.id 
_struct_sheet_range.beg_label_comp_id 
_struct_sheet_range.beg_label_asym_id 
_struct_sheet_range.beg_label_seq_id 
_struct_sheet_range.pdbx_beg_PDB_ins_code 
_struct_sheet_range.end_label_comp_id 
_struct_sheet_range.end_label_asym_id 
_struct_sheet_range.end_label_seq_id 
_struct_sheet_range.pdbx_end_PDB_ins_code 
_struct_sheet_range.beg_auth_comp_id 
_struct_sheet_range.beg_auth_asym_id 
_struct_sheet_range.beg_auth_seq_id 
_struct_sheet_range.end_auth_comp_id 
_struct_sheet_range.end_auth_asym_id 
_struct_sheet_range.end_auth_seq_id 
A 1 LYS A 48 ? PRO A 53 ? LYS A 50 PRO A 55 
A 2 TRP A 40 ? THR A 45 ? TRP A 42 THR A 47 
A 3 VAL A 27 ? LYS A 32 ? VAL A 29 LYS A 34 
A 4 THR A 5  ? ALA A 8  ? THR A 7  ALA A 10 
A 5 VAL A 57 ? VAL A 59 ? VAL A 59 VAL A 61 
B 1 LYS B 48 ? PRO B 53 ? LYS B 50 PRO B 55 
B 2 TRP B 40 ? THR B 45 ? TRP B 42 THR B 47 
B 3 VAL B 27 ? LYS B 32 ? VAL B 29 LYS B 34 
B 4 THR B 5  ? ALA B 8  ? THR B 7  ALA B 10 
B 5 VAL B 57 ? VAL B 59 ? VAL B 59 VAL B 61 
# 
loop_
_pdbx_struct_sheet_hbond.sheet_id 
_pdbx_struct_sheet_hbond.range_id_1 
_pdbx_struct_sheet_hbond.range_id_2 
_pdbx_struct_sheet_hbond.range_1_label_atom_id 
_pdbx_struct_sheet_hbond.range_1_label_comp_id 
_pdbx_struct_sheet_hbond.range_1_label_asym_id 
_pdbx_struct_sheet_hbond.range_1_label_seq_id 
_pdbx_struct_sheet_hbond.range_1_PDB_ins_code 
_pdbx_struct_sheet_hbond.range_1_auth_atom_id 
_pdbx_struct_sheet_hbond.range_1_auth_comp_id 
_pdbx_struct_sheet_hbond.range_1_auth_asym_id 
_pdbx_struct_sheet_hbond.range_1_auth_seq_id 
_pdbx_struct_sheet_hbond.range_2_label_atom_id 
_pdbx_struct_sheet_hbond.range_2_label_comp_id 
_pdbx_struct_sheet_hbond.range_2_label_asym_id 
_pdbx_struct_sheet_hbond.range_2_label_seq_id 
_pdbx_struct_sheet_hbond.range_2_PDB_ins_code 
_pdbx_struct_sheet_hbond.range_2_auth_atom_id 
_pdbx_struct_sheet_hbond.range_2_auth_comp_id 
_pdbx_struct_sheet_hbond.range_2_auth_asym_id 
_pdbx_struct_sheet_hbond.range_2_auth_seq_id 
A 1 2 O GLY A 50 ? O GLY A 52 N GLY A 43 ? N GLY A 45 
A 2 3 O THR A 42 ? O THR A 44 N LYS A 32 ? N LYS A 34 
A 3 4 O ILE A 28 ? O ILE A 30 N ALA A 6  ? N ALA A 8  
A 4 5 N VAL A 7  ? N VAL A 9  O ARG A 58 ? O ARG A 60 
B 1 2 O GLY B 50 ? O GLY B 52 N GLY B 43 ? N GLY B 45 
B 2 3 O THR B 42 ? O THR B 44 N LYS B 32 ? N LYS B 34 
B 3 4 O ILE B 28 ? O ILE B 30 N ALA B 6  ? N ALA B 8  
B 4 5 N VAL B 7  ? N VAL B 9  O ARG B 58 ? O ARG B 60 
# 
_atom_sites.entry_id                    2A08 
_atom_sites.fract_transf_matrix[1][1]   0.01196560 
_atom_sites.fract_transf_matrix[1][2]   -0.01068615 
_atom_sites.fract_transf_matrix[1][3]   0.00641516 
_atom_sites.fract_transf_matrix[2][1]   0.01633005 
_atom_sites.fract_transf_matrix[2][2]   0.00536676 
_atom_sites.fract_transf_matrix[2][3]   0.00174830 
_atom_sites.fract_transf_matrix[3][1]   -0.00389977 
_atom_sites.fract_transf_matrix[3][2]   0.00615611 
_atom_sites.fract_transf_matrix[3][3]   0.01752850 
_atom_sites.fract_transf_vector[1]      0.381673 
_atom_sites.fract_transf_vector[2]      0.276964 
_atom_sites.fract_transf_vector[3]      0.002688 
# 
loop_
_atom_type.symbol 
C 
N 
O 
S 
# 
loop_
_atom_site.group_PDB 
_atom_site.id 
_atom_site.type_symbol 
_atom_site.label_atom_id 
_atom_site.label_alt_id 
_atom_site.label_comp_id 
_atom_site.label_asym_id 
_atom_site.label_entity_id 
_atom_site.label_seq_id 
_atom_site.pdbx_PDB_ins_code 
_atom_site.Cartn_x 
_atom_site.Cartn_y 
_atom_site.Cartn_z 
_atom_site.occupancy 
_atom_site.B_iso_or_equiv 
_atom_site.pdbx_formal_charge 
_atom_site.auth_seq_id 
_atom_site.auth_comp_id 
_atom_site.auth_asym_id 
_atom_site.auth_atom_id 
_atom_site.pdbx_PDB_model_num 
ATOM   1    N N   . ALA A 1 2  ? 14.898  -4.342  -9.605  1.00 25.27 ? 4   ALA A N   1 
ATOM   2    C CA  . ALA A 1 2  ? 13.466  -4.732  -9.624  1.00 23.01 ? 4   ALA A CA  1 
ATOM   3    C C   . ALA A 1 2  ? 12.902  -4.629  -8.213  1.00 20.52 ? 4   ALA A C   1 
ATOM   4    O O   . ALA A 1 2  ? 13.609  -4.194  -7.280  1.00 22.35 ? 4   ALA A O   1 
ATOM   5    C CB  . ALA A 1 2  ? 13.334  -6.107  -10.140 1.00 23.16 ? 4   ALA A CB  1 
ATOM   6    N N   . MET A 1 3  ? 11.636  -5.007  -8.038  1.00 17.30 ? 5   MET A N   1 
ATOM   7    C CA  . MET A 1 3  ? 11.020  -4.922  -6.712  1.00 15.76 ? 5   MET A CA  1 
ATOM   8    C C   . MET A 1 3  ? 11.647  -5.882  -5.682  1.00 11.90 ? 5   MET A C   1 
ATOM   9    O O   . MET A 1 3  ? 12.053  -7.020  -6.008  1.00 11.43 ? 5   MET A O   1 
ATOM   10   C CB  . MET A 1 3  ? 9.499   -5.142  -6.762  1.00 16.88 ? 5   MET A CB  1 
ATOM   11   C CG  . MET A 1 3  ? 8.723   -3.910  -7.320  1.00 20.37 ? 5   MET A CG  1 
ATOM   12   S SD  . MET A 1 3  ? 6.920   -3.996  -7.044  1.00 20.99 ? 5   MET A SD  1 
ATOM   13   C CE  . MET A 1 3  ? 6.537   -4.838  -8.568  1.00 21.60 ? 5   MET A CE  1 
ATOM   14   N N   . ALA A 1 4  ? 11.692  -5.415  -4.443  1.00 9.34  ? 6   ALA A N   1 
ATOM   15   C CA  . ALA A 1 4  ? 12.052  -6.245  -3.316  1.00 8.97  ? 6   ALA A CA  1 
ATOM   16   C C   . ALA A 1 4  ? 11.032  -7.345  -3.129  1.00 10.35 ? 6   ALA A C   1 
ATOM   17   O O   . ALA A 1 4  ? 9.853   -7.194  -3.458  1.00 9.06  ? 6   ALA A O   1 
ATOM   18   C CB  . ALA A 1 4  ? 12.228  -5.422  -2.006  1.00 9.01  ? 6   ALA A CB  1 
ATOM   19   N N   . THR A 1 5  ? 11.527  -8.468  -2.628  1.00 8.96  ? 7   THR A N   1 
ATOM   20   C CA  . THR A 1 5  ? 10.684  -9.589  -2.247  1.00 8.20  ? 7   THR A CA  1 
ATOM   21   C C   . THR A 1 5  ? 11.123  -10.055 -0.870  1.00 7.75  ? 7   THR A C   1 
ATOM   22   O O   . THR A 1 5  ? 12.249  -9.829  -0.445  1.00 8.35  ? 7   THR A O   1 
ATOM   23   C CB  . THR A 1 5  ? 10.792  -10.748 -3.247  1.00 8.26  ? 7   THR A CB  1 
ATOM   24   O OG1 . THR A 1 5  ? 12.179  -11.101 -3.435  1.00 8.37  ? 7   THR A OG1 1 
ATOM   25   C CG2 . THR A 1 5  ? 10.250  -10.342 -4.646  1.00 8.06  ? 7   THR A CG2 1 
ATOM   26   N N   . ALA A 1 6  ? 10.204  -10.736 -0.198  1.00 7.79  ? 8   ALA A N   1 
ATOM   27   C CA  . ALA A 1 6  ? 10.382  -11.183 1.168   1.00 9.75  ? 8   ALA A CA  1 
ATOM   28   C C   . ALA A 1 6  ? 9.686   -12.504 1.400   1.00 9.85  ? 8   ALA A C   1 
ATOM   29   O O   . ALA A 1 6  ? 8.639   -12.799 0.820   1.00 12.26 ? 8   ALA A O   1 
ATOM   30   C CB  . ALA A 1 6  ? 9.836   -10.126 2.143   1.00 10.61 ? 8   ALA A CB  1 
ATOM   31   N N   . VAL A 1 7  ? 10.240  -13.300 2.307   1.00 6.81  ? 9   VAL A N   1 
ATOM   32   C CA  . VAL A 1 7  ? 9.655   -14.572 2.682   1.00 9.38  ? 9   VAL A CA  1 
ATOM   33   C C   . VAL A 1 7  ? 8.895   -14.378 3.966   1.00 8.17  ? 9   VAL A C   1 
ATOM   34   O O   . VAL A 1 7  ? 9.398   -13.760 4.903   1.00 8.89  ? 9   VAL A O   1 
ATOM   35   C CB  . VAL A 1 7  ? 10.718  -15.684 2.857   1.00 7.76  ? 9   VAL A CB  1 
ATOM   36   C CG1 . VAL A 1 7  ? 10.040  -17.017 3.147   1.00 7.32  ? 9   VAL A CG1 1 
ATOM   37   C CG2 . VAL A 1 7  ? 11.545  -15.781 1.613   1.00 10.58 ? 9   VAL A CG2 1 
ATOM   38   N N   . ALA A 1 8  ? 7.653   -14.865 3.990   1.00 9.11  ? 10  ALA A N   1 
ATOM   39   C CA  . ALA A 1 8  ? 6.825   -14.814 5.193   1.00 8.61  ? 10  ALA A CA  1 
ATOM   40   C C   . ALA A 1 8  ? 7.371   -15.763 6.259   1.00 10.09 ? 10  ALA A C   1 
ATOM   41   O O   . ALA A 1 8  ? 7.582   -16.969 6.042   1.00 9.66  ? 10  ALA A O   1 
ATOM   42   C CB  . ALA A 1 8  ? 5.383   -15.171 4.860   1.00 8.33  ? 10  ALA A CB  1 
ATOM   43   N N   . LEU A 1 9  ? 7.583   -15.197 7.432   1.00 8.66  ? 11  LEU A N   1 
ATOM   44   C CA  . LEU A 1 9  ? 8.060   -15.949 8.586   1.00 9.41  ? 11  LEU A CA  1 
ATOM   45   C C   . LEU A 1 9  ? 6.897   -16.545 9.400   1.00 9.10  ? 11  LEU A C   1 
ATOM   46   O O   . LEU A 1 9  ? 7.105   -17.474 10.172  1.00 9.73  ? 11  LEU A O   1 
ATOM   47   C CB  . LEU A 1 9  ? 8.884   -15.034 9.490   1.00 8.53  ? 11  LEU A CB  1 
ATOM   48   C CG  . LEU A 1 9  ? 10.096  -14.372 8.835   1.00 12.59 ? 11  LEU A CG  1 
ATOM   49   C CD1 . LEU A 1 9  ? 10.707  -13.354 9.785   1.00 15.56 ? 11  LEU A CD1 1 
ATOM   50   C CD2 . LEU A 1 9  ? 11.101  -15.388 8.461   1.00 14.13 ? 11  LEU A CD2 1 
ATOM   51   N N   . TYR A 1 10 ? 5.704   -15.975 9.252   1.00 9.05  ? 12  TYR A N   1 
ATOM   52   C CA  . TYR A 1 10 ? 4.493   -16.379 9.994   1.00 9.21  ? 12  TYR A CA  1 
ATOM   53   C C   . TYR A 1 10 ? 3.279   -16.266 9.073   1.00 9.56  ? 12  TYR A C   1 
ATOM   54   O O   . TYR A 1 10 ? 3.328   -15.568 8.067   1.00 10.36 ? 12  TYR A O   1 
ATOM   55   C CB  . TYR A 1 10 ? 4.263   -15.470 11.228  1.00 9.80  ? 12  TYR A CB  1 
ATOM   56   C CG  . TYR A 1 10 ? 5.516   -15.276 12.060  1.00 9.69  ? 12  TYR A CG  1 
ATOM   57   C CD1 . TYR A 1 10 ? 5.941   -16.265 12.916  1.00 11.74 ? 12  TYR A CD1 1 
ATOM   58   C CD2 . TYR A 1 10 ? 6.280   -14.108 11.953  1.00 14.51 ? 12  TYR A CD2 1 
ATOM   59   C CE1 . TYR A 1 10 ? 7.122   -16.126 13.657  1.00 13.66 ? 12  TYR A CE1 1 
ATOM   60   C CE2 . TYR A 1 10 ? 7.469   -13.960 12.684  1.00 15.03 ? 12  TYR A CE2 1 
ATOM   61   C CZ  . TYR A 1 10 ? 7.880   -14.962 13.518  1.00 16.30 ? 12  TYR A CZ  1 
ATOM   62   O OH  . TYR A 1 10 ? 9.034   -14.868 14.289  1.00 25.92 ? 12  TYR A OH  1 
ATOM   63   N N   . ASN A 1 11 ? 2.189   -16.915 9.428   1.00 10.71 ? 13  ASN A N   1 
ATOM   64   C CA  . ASN A 1 11 ? 0.913   -16.654 8.785   1.00 10.45 ? 13  ASN A CA  1 
ATOM   65   C C   . ASN A 1 11 ? 0.422   -15.268 9.201   1.00 10.11 ? 13  ASN A C   1 
ATOM   66   O O   . ASN A 1 11 ? 0.741   -14.770 10.303  1.00 9.12  ? 13  ASN A O   1 
ATOM   67   C CB  . ASN A 1 11 ? -0.112  -17.701 9.206   1.00 9.93  ? 13  ASN A CB  1 
ATOM   68   C CG  . ASN A 1 11 ? 0.364   -19.116 8.983   1.00 9.92  ? 13  ASN A CG  1 
ATOM   69   O OD1 . ASN A 1 11 ? 0.896   -19.458 7.944   1.00 10.11 ? 13  ASN A OD1 1 
ATOM   70   N ND2 . ASN A 1 11 ? 0.190   -19.961 10.010  1.00 15.97 ? 13  ASN A ND2 1 
ATOM   71   N N   . PHE A 1 12 ? -0.383  -14.658 8.339   1.00 8.87  ? 14  PHE A N   1 
ATOM   72   C CA  . PHE A 1 12 ? -1.123  -13.446 8.675   1.00 8.57  ? 14  PHE A CA  1 
ATOM   73   C C   . PHE A 1 12 ? -2.496  -13.546 8.034   1.00 8.77  ? 14  PHE A C   1 
ATOM   74   O O   . PHE A 1 12 ? -2.608  -13.702 6.801   1.00 10.08 ? 14  PHE A O   1 
ATOM   75   C CB  . PHE A 1 12 ? -0.392  -12.162 8.207   1.00 9.43  ? 14  PHE A CB  1 
ATOM   76   C CG  . PHE A 1 12 ? -1.123  -10.901 8.484   1.00 9.76  ? 14  PHE A CG  1 
ATOM   77   C CD1 . PHE A 1 12 ? -1.614  -10.595 9.760   1.00 11.35 ? 14  PHE A CD1 1 
ATOM   78   C CD2 . PHE A 1 12 ? -1.357  -9.990  7.458   1.00 8.92  ? 14  PHE A CD2 1 
ATOM   79   C CE1 . PHE A 1 12 ? -2.337  -9.380  9.978   1.00 10.57 ? 14  PHE A CE1 1 
ATOM   80   C CE2 . PHE A 1 12 ? -2.067  -8.830  7.675   1.00 12.06 ? 14  PHE A CE2 1 
ATOM   81   C CZ  . PHE A 1 12 ? -2.550  -8.521  8.939   1.00 10.41 ? 14  PHE A CZ  1 
ATOM   82   N N   . ALA A 1 13 ? -3.544  -13.451 8.831   1.00 7.19  ? 15  ALA A N   1 
ATOM   83   C CA  . ALA A 1 13 ? -4.902  -13.640 8.332   1.00 9.35  ? 15  ALA A CA  1 
ATOM   84   C C   . ALA A 1 13 ? -5.437  -12.474 7.488   1.00 10.51 ? 15  ALA A C   1 
ATOM   85   O O   . ALA A 1 13 ? -6.420  -12.644 6.739   1.00 10.32 ? 15  ALA A O   1 
ATOM   86   C CB  . ALA A 1 13 ? -5.850  -13.933 9.498   1.00 10.59 ? 15  ALA A CB  1 
ATOM   87   N N   . GLY A 1 14 ? -4.823  -11.296 7.600   1.00 9.75  ? 16  GLY A N   1 
ATOM   88   C CA  . GLY A 1 14 ? -5.250  -10.158 6.789   1.00 11.16 ? 16  GLY A CA  1 
ATOM   89   C C   . GLY A 1 14 ? -6.759  -9.855  6.945   1.00 9.74  ? 16  GLY A C   1 
ATOM   90   O O   . GLY A 1 14 ? -7.467  -9.609  5.955   1.00 11.70 ? 16  GLY A O   1 
ATOM   91   N N   . GLU A 1 15 ? -7.241  -9.814  8.184   1.00 9.59  ? 17  GLU A N   1 
ATOM   92   C CA  . GLU A 1 15 ? -8.653  -9.765  8.489   1.00 11.21 ? 17  GLU A CA  1 
ATOM   93   C C   . GLU A 1 15 ? -9.375  -8.408  8.405   1.00 9.42  ? 17  GLU A C   1 
ATOM   94   O O   . GLU A 1 15 ? -10.602 -8.371  8.433   1.00 11.41 ? 17  GLU A O   1 
ATOM   95   C CB  . GLU A 1 15 ? -8.853  -10.345 9.900   1.00 13.12 ? 17  GLU A CB  1 
ATOM   96   C CG  . GLU A 1 15 ? -8.370  -9.411  11.024  1.00 14.94 ? 17  GLU A CG  1 
ATOM   97   C CD  . GLU A 1 15 ? -6.862  -9.350  11.264  1.00 15.05 ? 17  GLU A CD  1 
ATOM   98   O OE1 . GLU A 1 15 ? -6.070  -10.080 10.616  1.00 13.31 ? 17  GLU A OE1 1 
ATOM   99   O OE2 . GLU A 1 15 ? -6.475  -8.523  12.142  1.00 18.29 ? 17  GLU A OE2 1 
ATOM   100  N N   . GLN A 1 16 ? -8.617  -7.310  8.315   1.00 7.33  ? 18  GLN A N   1 
ATOM   101  C CA  . GLN A 1 16 ? -9.196  -5.948  8.253   1.00 6.64  ? 18  GLN A CA  1 
ATOM   102  C C   . GLN A 1 16 ? -9.127  -5.469  6.803   1.00 7.70  ? 18  GLN A C   1 
ATOM   103  O O   . GLN A 1 16 ? -8.366  -6.017  5.998   1.00 7.11  ? 18  GLN A O   1 
ATOM   104  C CB  . GLN A 1 16 ? -8.448  -4.959  9.181   1.00 6.22  ? 18  GLN A CB  1 
ATOM   105  C CG  . GLN A 1 16 ? -8.334  -5.423  10.627  1.00 6.52  ? 18  GLN A CG  1 
ATOM   106  C CD  . GLN A 1 16 ? -7.839  -4.330  11.573  1.00 6.99  ? 18  GLN A CD  1 
ATOM   107  O OE1 . GLN A 1 16 ? -7.688  -3.175  11.185  1.00 7.57  ? 18  GLN A OE1 1 
ATOM   108  N NE2 . GLN A 1 16 ? -7.603  -4.697  12.828  1.00 8.47  ? 18  GLN A NE2 1 
ATOM   109  N N   . PRO A 1 17 ? -9.908  -4.452  6.460   1.00 7.19  ? 19  PRO A N   1 
ATOM   110  C CA  . PRO A 1 17 ? -9.853  -3.913  5.102   1.00 7.33  ? 19  PRO A CA  1 
ATOM   111  C C   . PRO A 1 17 ? -8.452  -3.569  4.657   1.00 7.65  ? 19  PRO A C   1 
ATOM   112  O O   . PRO A 1 17 ? -7.634  -3.043  5.421   1.00 7.73  ? 19  PRO A O   1 
ATOM   113  C CB  . PRO A 1 17 ? -10.741 -2.650  5.201   1.00 6.90  ? 19  PRO A CB  1 
ATOM   114  C CG  . PRO A 1 17 ? -11.721 -2.979  6.252   1.00 8.40  ? 19  PRO A CG  1 
ATOM   115  C CD  . PRO A 1 17 ? -10.939 -3.770  7.263   1.00 6.79  ? 19  PRO A CD  1 
ATOM   116  N N   . GLY A 1 18 ? -8.168  -3.831  3.383   1.00 7.30  ? 20  GLY A N   1 
ATOM   117  C CA  . GLY A 1 18 ? -6.897  -3.433  2.844   1.00 7.69  ? 20  GLY A CA  1 
ATOM   118  C C   . GLY A 1 18 ? -5.730  -4.294  3.214   1.00 8.77  ? 20  GLY A C   1 
ATOM   119  O O   . GLY A 1 18 ? -4.618  -3.987  2.824   1.00 9.59  ? 20  GLY A O   1 
ATOM   120  N N   . ASP A 1 19 ? -5.949  -5.363  3.976   1.00 8.14  ? 21  ASP A N   1 
ATOM   121  C CA  . ASP A 1 19 ? -4.857  -6.219  4.405   1.00 8.24  ? 21  ASP A CA  1 
ATOM   122  C C   . ASP A 1 19 ? -4.519  -7.280  3.366   1.00 8.90  ? 21  ASP A C   1 
ATOM   123  O O   . ASP A 1 19 ? -5.398  -7.715  2.596   1.00 10.03 ? 21  ASP A O   1 
ATOM   124  C CB  . ASP A 1 19 ? -5.224  -6.996  5.660   1.00 8.96  ? 21  ASP A CB  1 
ATOM   125  C CG  . ASP A 1 19 ? -5.262  -6.178  6.925   1.00 6.43  ? 21  ASP A CG  1 
ATOM   126  O OD1 . ASP A 1 19 ? -4.917  -4.966  6.929   1.00 7.78  ? 21  ASP A OD1 1 
ATOM   127  O OD2 . ASP A 1 19 ? -5.681  -6.728  7.979   1.00 6.98  ? 21  ASP A OD2 1 
ATOM   128  N N   . LEU A 1 20 ? -3.250  -7.697  3.384   1.00 9.56  ? 22  LEU A N   1 
ATOM   129  C CA  . LEU A 1 20 ? -2.798  -8.856  2.613   1.00 9.40  ? 22  LEU A CA  1 
ATOM   130  C C   . LEU A 1 20 ? -2.680  -10.083 3.492   1.00 10.70 ? 22  LEU A C   1 
ATOM   131  O O   . LEU A 1 20 ? -1.943  -10.080 4.484   1.00 13.28 ? 22  LEU A O   1 
ATOM   132  C CB  . LEU A 1 20 ? -1.443  -8.582  1.981   1.00 11.44 ? 22  LEU A CB  1 
ATOM   133  C CG  . LEU A 1 20 ? -0.803  -9.691  1.167   1.00 12.33 ? 22  LEU A CG  1 
ATOM   134  C CD1 . LEU A 1 20 ? -1.544  -9.859  -0.124  1.00 13.95 ? 22  LEU A CD1 1 
ATOM   135  C CD2 . LEU A 1 20 ? 0.688   -9.326  0.953   1.00 13.42 ? 22  LEU A CD2 1 
ATOM   136  N N   . ALA A 1 21 ? -3.398  -11.131 3.148   1.00 8.86  ? 23  ALA A N   1 
ATOM   137  C CA  . ALA A 1 21 ? -3.305  -12.407 3.838   1.00 8.50  ? 23  ALA A CA  1 
ATOM   138  C C   . ALA A 1 21 ? -2.199  -13.222 3.217   1.00 8.99  ? 23  ALA A C   1 
ATOM   139  O O   . ALA A 1 21 ? -2.005  -13.189 1.999   1.00 10.20 ? 23  ALA A O   1 
ATOM   140  C CB  . ALA A 1 21 ? -4.594  -13.142 3.720   1.00 10.34 ? 23  ALA A CB  1 
ATOM   141  N N   . PHE A 1 22 ? -1.487  -13.971 4.036   1.00 8.94  ? 24  PHE A N   1 
ATOM   142  C CA  . PHE A 1 22 ? -0.482  -14.908 3.530   1.00 9.47  ? 24  PHE A CA  1 
ATOM   143  C C   . PHE A 1 22 ? -0.192  -15.996 4.548   1.00 9.14  ? 24  PHE A C   1 
ATOM   144  O O   . PHE A 1 22 ? -0.668  -15.920 5.698   1.00 8.85  ? 24  PHE A O   1 
ATOM   145  C CB  . PHE A 1 22 ? 0.822   -14.204 3.089   1.00 8.56  ? 24  PHE A CB  1 
ATOM   146  C CG  . PHE A 1 22 ? 1.424   -13.278 4.115   1.00 8.93  ? 24  PHE A CG  1 
ATOM   147  C CD1 . PHE A 1 22 ? 2.091   -13.750 5.235   1.00 10.06 ? 24  PHE A CD1 1 
ATOM   148  C CD2 . PHE A 1 22 ? 1.350   -11.919 3.938   1.00 10.86 ? 24  PHE A CD2 1 
ATOM   149  C CE1 . PHE A 1 22 ? 2.657   -12.884 6.166   1.00 10.09 ? 24  PHE A CE1 1 
ATOM   150  C CE2 . PHE A 1 22 ? 1.928   -11.034 4.874   1.00 11.31 ? 24  PHE A CE2 1 
ATOM   151  C CZ  . PHE A 1 22 ? 2.580   -11.536 5.985   1.00 11.22 ? 24  PHE A CZ  1 
ATOM   152  N N   . LYS A 1 23 ? 0.537   -17.019 4.098   1.00 9.13  ? 25  LYS A N   1 
ATOM   153  C CA  . LYS A 1 23 ? 0.985   -18.143 4.920   1.00 9.32  ? 25  LYS A CA  1 
ATOM   154  C C   . LYS A 1 23 ? 2.494   -18.146 5.037   1.00 9.77  ? 25  LYS A C   1 
ATOM   155  O O   . LYS A 1 23 ? 3.200   -17.703 4.124   1.00 8.92  ? 25  LYS A O   1 
ATOM   156  C CB  . LYS A 1 23 ? 0.530   -19.482 4.333   1.00 10.71 ? 25  LYS A CB  1 
ATOM   157  C CG  . LYS A 1 23 ? -0.950  -19.553 4.135   1.00 13.47 ? 25  LYS A CG  1 
ATOM   158  C CD  . LYS A 1 23 ? -1.701  -19.702 5.438   1.00 18.29 ? 25  LYS A CD  1 
ATOM   159  C CE  . LYS A 1 23 ? -3.227  -19.960 5.192   1.00 21.20 ? 25  LYS A CE  1 
ATOM   160  N NZ  . LYS A 1 23 ? -3.543  -20.912 4.081   1.00 26.05 ? 25  LYS A NZ  1 
ATOM   161  N N   . LYS A 1 24 ? 2.985   -18.640 6.175   1.00 8.19  ? 26  LYS A N   1 
ATOM   162  C CA  . LYS A 1 24 ? 4.422   -18.892 6.376   1.00 9.70  ? 26  LYS A CA  1 
ATOM   163  C C   . LYS A 1 24 ? 5.038   -19.533 5.130   1.00 8.59  ? 26  LYS A C   1 
ATOM   164  O O   . LYS A 1 24 ? 4.493   -20.494 4.603   1.00 9.32  ? 26  LYS A O   1 
ATOM   165  C CB  . LYS A 1 24 ? 4.639   -19.760 7.650   1.00 8.71  ? 26  LYS A CB  1 
ATOM   166  C CG  . LYS A 1 24 ? 6.096   -20.031 7.914   1.00 11.77 ? 26  LYS A CG  1 
ATOM   167  C CD  . LYS A 1 24 ? 6.277   -20.873 9.159   1.00 14.30 ? 26  LYS A CD  1 
ATOM   168  C CE  . LYS A 1 24 ? 7.741   -21.046 9.478   1.00 16.58 ? 26  LYS A CE  1 
ATOM   169  N NZ  . LYS A 1 24 ? 7.825   -21.805 10.770  1.00 19.74 ? 26  LYS A NZ  1 
ATOM   170  N N   . GLY A 1 25 ? 6.116   -18.932 4.624   1.00 8.75  ? 27  GLY A N   1 
ATOM   171  C CA  . GLY A 1 25 ? 6.872   -19.487 3.507   1.00 10.67 ? 27  GLY A CA  1 
ATOM   172  C C   . GLY A 1 25 ? 6.461   -18.879 2.173   1.00 11.43 ? 27  GLY A C   1 
ATOM   173  O O   . GLY A 1 25 ? 7.167   -19.042 1.186   1.00 11.83 ? 27  GLY A O   1 
ATOM   174  N N   . ASP A 1 26 ? 5.328   -18.169 2.126   1.00 8.75  ? 28  ASP A N   1 
ATOM   175  C CA  . ASP A 1 26 ? 4.956   -17.458 0.894   1.00 7.73  ? 28  ASP A CA  1 
ATOM   176  C C   . ASP A 1 26 ? 5.991   -16.380 0.572   1.00 7.17  ? 28  ASP A C   1 
ATOM   177  O O   . ASP A 1 26 ? 6.594   -15.782 1.462   1.00 8.26  ? 28  ASP A O   1 
ATOM   178  C CB  . ASP A 1 26 ? 3.582   -16.779 1.037   1.00 9.95  ? 28  ASP A CB  1 
ATOM   179  C CG  . ASP A 1 26 ? 2.418   -17.735 1.072   1.00 9.28  ? 28  ASP A CG  1 
ATOM   180  O OD1 . ASP A 1 26 ? 2.561   -18.959 0.810   1.00 9.06  ? 28  ASP A OD1 1 
ATOM   181  O OD2 . ASP A 1 26 ? 1.263   -17.291 1.334   1.00 9.39  ? 28  ASP A OD2 1 
ATOM   182  N N   . VAL A 1 27 ? 6.192   -16.145 -0.714  1.00 7.43  ? 29  VAL A N   1 
ATOM   183  C CA  . VAL A 1 27 ? 7.080   -15.100 -1.195  1.00 7.48  ? 29  VAL A CA  1 
ATOM   184  C C   . VAL A 1 27 ? 6.214   -13.892 -1.579  1.00 7.93  ? 29  VAL A C   1 
ATOM   185  O O   . VAL A 1 27 ? 5.410   -13.954 -2.504  1.00 9.18  ? 29  VAL A O   1 
ATOM   186  C CB  . VAL A 1 27 ? 8.002   -15.590 -2.321  1.00 8.16  ? 29  VAL A CB  1 
ATOM   187  C CG1 . VAL A 1 27 ? 8.855   -14.481 -2.816  1.00 8.05  ? 29  VAL A CG1 1 
ATOM   188  C CG2 . VAL A 1 27 ? 8.864   -16.742 -1.839  1.00 10.21 ? 29  VAL A CG2 1 
ATOM   189  N N   . ILE A 1 28 ? 6.395   -12.806 -0.828  1.00 8.51  ? 30  ILE A N   1 
ATOM   190  C CA  . ILE A 1 28 ? 5.634   -11.555 -0.943  1.00 9.20  ? 30  ILE A CA  1 
ATOM   191  C C   . ILE A 1 28 ? 6.468   -10.566 -1.781  1.00 11.10 ? 30  ILE A C   1 
ATOM   192  O O   . ILE A 1 28 ? 7.619   -10.311 -1.478  1.00 9.94  ? 30  ILE A O   1 
ATOM   193  C CB  . ILE A 1 28 ? 5.366   -10.960 0.460   1.00 10.51 ? 30  ILE A CB  1 
ATOM   194  C CG1 . ILE A 1 28 ? 4.754   -12.002 1.433   1.00 12.61 ? 30  ILE A CG1 1 
ATOM   195  C CG2 . ILE A 1 28 ? 4.575   -9.646  0.370   1.00 11.98 ? 30  ILE A CG2 1 
ATOM   196  C CD1 . ILE A 1 28 ? 3.648   -12.801 0.965   1.00 12.40 ? 30  ILE A CD1 1 
ATOM   197  N N   . THR A 1 29 ? 5.864   -10.023 -2.826  1.00 10.37 ? 31  THR A N   1 
ATOM   198  C CA  . THR A 1 29 ? 6.463   -8.950  -3.580  1.00 9.65  ? 31  THR A CA  1 
ATOM   199  C C   . THR A 1 29 ? 6.184   -7.664  -2.821  1.00 11.40 ? 31  THR A C   1 
ATOM   200  O O   . THR A 1 29 ? 5.034   -7.404  -2.493  1.00 10.21 ? 31  THR A O   1 
ATOM   201  C CB  . THR A 1 29 ? 5.819   -8.879  -4.945  1.00 11.74 ? 31  THR A CB  1 
ATOM   202  O OG1 . THR A 1 29 ? 6.200   -10.031 -5.710  1.00 11.14 ? 31  THR A OG1 1 
ATOM   203  C CG2 . THR A 1 29 ? 6.278   -7.659  -5.716  1.00 10.37 ? 31  THR A CG2 1 
ATOM   204  N N   . ILE A 1 30 ? 7.211   -6.884  -2.508  1.00 9.91  ? 32  ILE A N   1 
ATOM   205  C CA  . ILE A 1 30 ? 7.041   -5.638  -1.808  1.00 8.41  ? 32  ILE A CA  1 
ATOM   206  C C   . ILE A 1 30 ? 6.722   -4.503  -2.787  1.00 8.75  ? 32  ILE A C   1 
ATOM   207  O O   . ILE A 1 30 ? 7.535   -4.171  -3.639  1.00 12.23 ? 32  ILE A O   1 
ATOM   208  C CB  . ILE A 1 30 ? 8.311   -5.258  -1.020  1.00 10.38 ? 32  ILE A CB  1 
ATOM   209  C CG1 . ILE A 1 30 ? 8.769   -6.384  -0.071  1.00 11.92 ? 32  ILE A CG1 1 
ATOM   210  C CG2 . ILE A 1 30 ? 8.077   -3.960  -0.308  1.00 11.53 ? 32  ILE A CG2 1 
ATOM   211  C CD1 . ILE A 1 30 ? 7.809   -6.736  0.964   1.00 13.07 ? 32  ILE A CD1 1 
ATOM   212  N N   . LEU A 1 31 ? 5.521   -3.956  -2.678  1.00 6.91  ? 33  LEU A N   1 
ATOM   213  C CA  . LEU A 1 31 ? 5.113   -2.796  -3.474  1.00 8.93  ? 33  LEU A CA  1 
ATOM   214  C C   . LEU A 1 31 ? 5.689   -1.500  -2.884  1.00 8.84  ? 33  LEU A C   1 
ATOM   215  O O   . LEU A 1 31 ? 6.154   -0.627  -3.627  1.00 10.97 ? 33  LEU A O   1 
ATOM   216  C CB  . LEU A 1 31 ? 3.574   -2.730  -3.588  1.00 8.78  ? 33  LEU A CB  1 
ATOM   217  C CG  . LEU A 1 31 ? 2.907   -3.973  -4.208  1.00 10.21 ? 33  LEU A CG  1 
ATOM   218  C CD1 . LEU A 1 31 ? 1.432   -3.717  -4.417  1.00 13.76 ? 33  LEU A CD1 1 
ATOM   219  C CD2 . LEU A 1 31 ? 3.549   -4.386  -5.540  1.00 11.46 ? 33  LEU A CD2 1 
ATOM   220  N N   . LYS A 1 32 ? 5.677   -1.408  -1.554  1.00 9.66  ? 34  LYS A N   1 
ATOM   221  C CA  . LYS A 1 32 ? 6.261   -0.268  -0.843  1.00 8.33  ? 34  LYS A CA  1 
ATOM   222  C C   . LYS A 1 32 ? 6.551   -0.667  0.584   1.00 9.76  ? 34  LYS A C   1 
ATOM   223  O O   . LYS A 1 32 ? 5.750   -1.333  1.209   1.00 9.66  ? 34  LYS A O   1 
ATOM   224  C CB  . LYS A 1 32 ? 5.335   0.939   -0.873  1.00 10.32 ? 34  LYS A CB  1 
ATOM   225  C CG  . LYS A 1 32 ? 6.047   2.235   -0.360  1.00 10.74 ? 34  LYS A CG  1 
ATOM   226  C CD  . LYS A 1 32 ? 5.318   3.455   -0.735  1.00 12.23 ? 34  LYS A CD  1 
ATOM   227  C CE  . LYS A 1 32 ? 6.021   4.701   -0.163  1.00 12.78 ? 34  LYS A CE  1 
ATOM   228  N NZ  . LYS A 1 32 ? 7.281   4.991   -0.828  1.00 12.21 ? 34  LYS A NZ  1 
ATOM   229  N N   . LYS A 1 33 ? 7.716   -0.266  1.098   1.00 8.80  ? 35  LYS A N   1 
ATOM   230  C CA  . LYS A 1 33 ? 8.066   -0.496  2.496   1.00 9.63  ? 35  LYS A CA  1 
ATOM   231  C C   . LYS A 1 33 ? 8.751   0.729   3.044   1.00 9.54  ? 35  LYS A C   1 
ATOM   232  O O   . LYS A 1 33 ? 9.234   1.575   2.301   1.00 10.88 ? 35  LYS A O   1 
ATOM   233  C CB  . LYS A 1 33 ? 9.018   -1.684  2.635   1.00 11.02 ? 35  LYS A CB  1 
ATOM   234  C CG  . LYS A 1 33 ? 10.349  -1.538  1.923   1.00 12.11 ? 35  LYS A CG  1 
ATOM   235  C CD  . LYS A 1 33 ? 11.180  -2.797  2.145   1.00 13.34 ? 35  LYS A CD  1 
ATOM   236  C CE  . LYS A 1 33 ? 11.903  -2.821  3.477   1.00 19.06 ? 35  LYS A CE  1 
ATOM   237  N NZ  . LYS A 1 33 ? 12.933  -1.770  3.725   1.00 20.31 ? 35  LYS A NZ  1 
ATOM   238  N N   . SER A 1 34 ? 8.825   0.774   4.369   1.00 9.08  ? 36  SER A N   1 
ATOM   239  C CA  . SER A 1 34 ? 9.572   1.759   5.125   1.00 8.18  ? 36  SER A CA  1 
ATOM   240  C C   . SER A 1 34 ? 10.870  1.067   5.507   1.00 7.43  ? 36  SER A C   1 
ATOM   241  O O   . SER A 1 34 ? 11.149  -0.033  5.058   1.00 8.94  ? 36  SER A O   1 
ATOM   242  C CB  . SER A 1 34 ? 8.795   2.215   6.357   1.00 10.67 ? 36  SER A CB  1 
ATOM   243  O OG  . SER A 1 34 ? 8.735   1.205   7.373   1.00 9.42  ? 36  SER A OG  1 
ATOM   244  N N   . ASP A 1 35 ? 11.626  1.730   6.363   1.00 10.13 ? 37  ASP A N   1 
ATOM   245  C CA  . ASP A 1 35 ? 12.867  1.197   6.903   1.00 10.35 ? 37  ASP A CA  1 
ATOM   246  C C   . ASP A 1 35 ? 12.703  0.559   8.289   1.00 9.62  ? 37  ASP A C   1 
ATOM   247  O O   . ASP A 1 35 ? 13.703  0.210   8.919   1.00 10.79 ? 37  ASP A O   1 
ATOM   248  C CB  . ASP A 1 35 ? 13.880  2.333   7.003   1.00 11.73 ? 37  ASP A CB  1 
ATOM   249  C CG  . ASP A 1 35 ? 13.970  3.159   5.715   1.00 13.21 ? 37  ASP A CG  1 
ATOM   250  O OD1 . ASP A 1 35 ? 14.284  2.523   4.666   1.00 11.60 ? 37  ASP A OD1 1 
ATOM   251  O OD2 . ASP A 1 35 ? 13.729  4.417   5.676   1.00 12.74 ? 37  ASP A OD2 1 
ATOM   252  N N   . SER A 1 36 ? 11.471  0.454   8.778   1.00 10.04 ? 38  SER A N   1 
ATOM   253  C CA  . SER A 1 36 ? 11.191  0.045   10.160  1.00 9.42  ? 38  SER A CA  1 
ATOM   254  C C   . SER A 1 36 ? 10.332  -1.210  10.262  1.00 9.97  ? 38  SER A C   1 
ATOM   255  O O   . SER A 1 36 ? 9.369   -1.414  9.528   1.00 10.27 ? 38  SER A O   1 
ATOM   256  C CB  . SER A 1 36 ? 10.513  1.199   10.898  1.00 11.10 ? 38  SER A CB  1 
ATOM   257  O OG  . SER A 1 36 ? 9.862   0.780   12.106  1.00 15.37 ? 38  SER A OG  1 
ATOM   258  N N   . GLN A 1 37 ? 10.688  -2.021  11.244  1.00 9.87  ? 39  GLN A N   1 
ATOM   259  C CA  . GLN A 1 37 ? 9.987   -3.272  11.544  1.00 10.99 ? 39  GLN A CA  1 
ATOM   260  C C   . GLN A 1 37 ? 8.654   -3.076  12.262  1.00 10.76 ? 39  GLN A C   1 
ATOM   261  O O   . GLN A 1 37 ? 7.893   -4.026  12.432  1.00 11.01 ? 39  GLN A O   1 
ATOM   262  C CB  . GLN A 1 37 ? 10.906  -4.126  12.439  1.00 12.14 ? 39  GLN A CB  1 
ATOM   263  C CG  . GLN A 1 37 ? 12.137  -4.669  11.738  1.00 11.91 ? 39  GLN A CG  1 
ATOM   264  C CD  . GLN A 1 37 ? 11.784  -5.682  10.697  1.00 13.22 ? 39  GLN A CD  1 
ATOM   265  O OE1 . GLN A 1 37 ? 11.932  -5.447  9.499   1.00 15.06 ? 39  GLN A OE1 1 
ATOM   266  N NE2 . GLN A 1 37 ? 11.305  -6.814  11.149  1.00 11.48 ? 39  GLN A NE2 1 
ATOM   267  N N   . ASN A 1 38 ? 8.363   -1.843  12.666  1.00 11.10 ? 40  ASN A N   1 
ATOM   268  C CA  . ASN A 1 38 ? 7.175   -1.543  13.449  1.00 11.80 ? 40  ASN A CA  1 
ATOM   269  C C   . ASN A 1 38 ? 6.066   -0.983  12.589  1.00 12.85 ? 40  ASN A C   1 
ATOM   270  O O   . ASN A 1 38 ? 5.016   -0.590  13.104  1.00 15.85 ? 40  ASN A O   1 
ATOM   271  C CB  . ASN A 1 38 ? 7.522   -0.572  14.584  1.00 13.96 ? 40  ASN A CB  1 
ATOM   272  C CG  . ASN A 1 38 ? 8.754   -1.029  15.384  1.00 19.46 ? 40  ASN A CG  1 
ATOM   273  O OD1 . ASN A 1 38 ? 8.893   -2.215  15.717  1.00 24.37 ? 40  ASN A OD1 1 
ATOM   274  N ND2 . ASN A 1 38 ? 9.672   -0.100  15.655  1.00 23.99 ? 40  ASN A ND2 1 
ATOM   275  N N   . ASP A 1 39 ? 6.303   -0.924  11.283  1.00 9.62  ? 41  ASP A N   1 
ATOM   276  C CA  . ASP A 1 39 ? 5.373   -0.328  10.353  1.00 10.51 ? 41  ASP A CA  1 
ATOM   277  C C   . ASP A 1 39 ? 4.548   -1.355  9.588   1.00 10.95 ? 41  ASP A C   1 
ATOM   278  O O   . ASP A 1 39 ? 4.808   -2.555  9.643   1.00 9.67  ? 41  ASP A O   1 
ATOM   279  C CB  . ASP A 1 39 ? 6.112   0.569   9.349   1.00 9.40  ? 41  ASP A CB  1 
ATOM   280  C CG  . ASP A 1 39 ? 6.628   1.855   9.950   1.00 11.05 ? 41  ASP A CG  1 
ATOM   281  O OD1 . ASP A 1 39 ? 6.060   2.380   10.949  1.00 12.13 ? 41  ASP A OD1 1 
ATOM   282  O OD2 . ASP A 1 39 ? 7.592   2.440   9.427   1.00 12.34 ? 41  ASP A OD2 1 
ATOM   283  N N   . TRP A 1 40 ? 3.595   -0.845  8.823   1.00 9.56  ? 42  TRP A N   1 
ATOM   284  C CA  . TRP A 1 40 ? 2.781   -1.655  7.924   1.00 10.83 ? 42  TRP A CA  1 
ATOM   285  C C   . TRP A 1 40 ? 3.296   -1.470  6.522   1.00 10.04 ? 42  TRP A C   1 
ATOM   286  O O   . TRP A 1 40 ? 3.254   -0.375  6.024   1.00 11.35 ? 42  TRP A O   1 
ATOM   287  C CB  . TRP A 1 40 ? 1.296   -1.242  8.043   1.00 9.38  ? 42  TRP A CB  1 
ATOM   288  C CG  . TRP A 1 40 ? 0.741   -1.757  9.360   1.00 9.09  ? 42  TRP A CG  1 
ATOM   289  C CD1 . TRP A 1 40 ? 0.913   -1.190  10.593  1.00 11.47 ? 42  TRP A CD1 1 
ATOM   290  C CD2 . TRP A 1 40 ? 0.013   -2.971  9.585   1.00 8.75  ? 42  TRP A CD2 1 
ATOM   291  N NE1 . TRP A 1 40 ? 0.327   -1.965  11.564  1.00 11.94 ? 42  TRP A NE1 1 
ATOM   292  C CE2 . TRP A 1 40 ? -0.244  -3.059  10.976  1.00 9.14  ? 42  TRP A CE2 1 
ATOM   293  C CE3 . TRP A 1 40 ? -0.512  -3.965  8.758   1.00 10.36 ? 42  TRP A CE3 1 
ATOM   294  C CZ2 . TRP A 1 40 ? -0.956  -4.120  11.540  1.00 10.08 ? 42  TRP A CZ2 1 
ATOM   295  C CZ3 . TRP A 1 40 ? -1.259  -5.001  9.344   1.00 9.26  ? 42  TRP A CZ3 1 
ATOM   296  C CH2 . TRP A 1 40 ? -1.445  -5.065  10.705  1.00 9.62  ? 42  TRP A CH2 1 
ATOM   297  N N   . TRP A 1 41 ? 3.720   -2.554  5.882   1.00 10.91 ? 43  TRP A N   1 
ATOM   298  C CA  . TRP A 1 41 ? 4.273   -2.513  4.538   1.00 10.12 ? 43  TRP A CA  1 
ATOM   299  C C   . TRP A 1 41 ? 3.208   -2.937  3.541   1.00 10.69 ? 43  TRP A C   1 
ATOM   300  O O   . TRP A 1 41 ? 2.204   -3.492  3.962   1.00 10.96 ? 43  TRP A O   1 
ATOM   301  C CB  . TRP A 1 41 ? 5.492   -3.436  4.473   1.00 8.52  ? 43  TRP A CB  1 
ATOM   302  C CG  . TRP A 1 41 ? 6.712   -2.914  5.238   1.00 9.44  ? 43  TRP A CG  1 
ATOM   303  C CD1 . TRP A 1 41 ? 6.844   -1.741  5.903   1.00 9.46  ? 43  TRP A CD1 1 
ATOM   304  C CD2 . TRP A 1 41 ? 7.955   -3.586  5.353   1.00 9.44  ? 43  TRP A CD2 1 
ATOM   305  N NE1 . TRP A 1 41 ? 8.120   -1.630  6.424   1.00 9.18  ? 43  TRP A NE1 1 
ATOM   306  C CE2 . TRP A 1 41 ? 8.811   -2.766  6.111   1.00 9.48  ? 43  TRP A CE2 1 
ATOM   307  C CE3 . TRP A 1 41 ? 8.435   -4.817  4.920   1.00 10.96 ? 43  TRP A CE3 1 
ATOM   308  C CZ2 . TRP A 1 41 ? 10.111  -3.139  6.425   1.00 9.00  ? 43  TRP A CZ2 1 
ATOM   309  C CZ3 . TRP A 1 41 ? 9.743   -5.167  5.233   1.00 9.42  ? 43  TRP A CZ3 1 
ATOM   310  C CH2 . TRP A 1 41 ? 10.546  -4.346  5.990   1.00 9.30  ? 43  TRP A CH2 1 
ATOM   311  N N   . THR A 1 42 ? 3.455   -2.731  2.253   1.00 10.12 ? 44  THR A N   1 
ATOM   312  C CA  . THR A 1 42 ? 2.489   -3.037  1.201   1.00 10.30 ? 44  THR A CA  1 
ATOM   313  C C   . THR A 1 42 ? 3.038   -4.083  0.255   1.00 10.46 ? 44  THR A C   1 
ATOM   314  O O   . THR A 1 42 ? 4.111   -3.919  -0.306  1.00 10.68 ? 44  THR A O   1 
ATOM   315  C CB  . THR A 1 42 ? 2.143   -1.771  0.500   1.00 12.77 ? 44  THR A CB  1 
ATOM   316  O OG1 . THR A 1 42 ? 1.652   -0.851  1.500   1.00 15.46 ? 44  THR A OG1 1 
ATOM   317  C CG2 . THR A 1 42 ? 0.968   -1.969  -0.465  1.00 12.50 ? 44  THR A CG2 1 
ATOM   318  N N   . GLY A 1 43 ? 2.283   -5.163  0.053   1.00 9.26  ? 45  GLY A N   1 
ATOM   319  C CA  . GLY A 1 43 ? 2.751   -6.264  -0.773  1.00 9.12  ? 45  GLY A CA  1 
ATOM   320  C C   . GLY A 1 43 ? 1.710   -6.925  -1.622  1.00 8.83  ? 45  GLY A C   1 
ATOM   321  O O   . GLY A 1 43 ? 0.527   -6.574  -1.620  1.00 9.63  ? 45  GLY A O   1 
ATOM   322  N N   . ARG A 1 44 ? 2.197   -7.899  -2.383  1.00 8.45  ? 46  ARG A N   1 
ATOM   323  C CA  . ARG A 1 44 ? 1.397   -8.665  -3.343  1.00 10.19 ? 46  ARG A CA  1 
ATOM   324  C C   . ARG A 1 44 ? 1.817   -10.127 -3.265  1.00 9.44  ? 46  ARG A C   1 
ATOM   325  O O   . ARG A 1 44 ? 2.997   -10.396 -3.262  1.00 9.93  ? 46  ARG A O   1 
ATOM   326  C CB  . ARG A 1 44 ? 1.685   -8.150  -4.754  1.00 12.44 ? 46  ARG A CB  1 
ATOM   327  C CG  . ARG A 1 44 ? 0.978   -8.887  -5.914  1.00 14.46 ? 46  ARG A CG  1 
ATOM   328  C CD  . ARG A 1 44 ? 0.961   -8.038  -7.217  1.00 13.85 ? 46  ARG A CD  1 
ATOM   329  N NE  . ARG A 1 44 ? 2.297   -7.782  -7.805  1.00 17.74 ? 46  ARG A NE  1 
ATOM   330  C CZ  . ARG A 1 44 ? 2.586   -6.848  -8.743  1.00 16.03 ? 46  ARG A CZ  1 
ATOM   331  N NH1 . ARG A 1 44 ? 1.676   -5.976  -9.179  1.00 18.44 ? 46  ARG A NH1 1 
ATOM   332  N NH2 . ARG A 1 44 ? 3.818   -6.749  -9.206  1.00 19.55 ? 46  ARG A NH2 1 
ATOM   333  N N   . THR A 1 45 ? 0.890   -11.074 -3.239  1.00 10.20 ? 47  THR A N   1 
ATOM   334  C CA  . THR A 1 45 ? 1.260   -12.479 -3.412  1.00 12.51 ? 47  THR A CA  1 
ATOM   335  C C   . THR A 1 45 ? 0.055   -13.241 -3.968  1.00 12.61 ? 47  THR A C   1 
ATOM   336  O O   . THR A 1 45 ? -1.061  -12.959 -3.582  1.00 13.63 ? 47  THR A O   1 
ATOM   337  C CB  . THR A 1 45 ? 1.799   -13.062 -2.074  1.00 12.97 ? 47  THR A CB  1 
ATOM   338  O OG1 . THR A 1 45 ? 2.366   -14.360 -2.281  1.00 18.38 ? 47  THR A OG1 1 
ATOM   339  C CG2 . THR A 1 45 ? 0.703   -13.263 -1.069  1.00 15.34 ? 47  THR A CG2 1 
ATOM   340  N N   . ASN A 1 46 ? 0.321   -14.120 -4.927  1.00 14.80 ? 48  ASN A N   1 
ATOM   341  C CA  . ASN A 1 46 ? -0.700  -14.924 -5.618  1.00 17.06 ? 48  ASN A CA  1 
ATOM   342  C C   . ASN A 1 46 ? -1.973  -14.118 -6.014  1.00 18.43 ? 48  ASN A C   1 
ATOM   343  O O   . ASN A 1 46 ? -3.106  -14.548 -5.769  1.00 21.74 ? 48  ASN A O   1 
ATOM   344  C CB  A ASN A 1 46 ? -1.072  -16.148 -4.758  0.50 17.28 ? 48  ASN A CB  1 
ATOM   345  C CB  B ASN A 1 46 ? -1.052  -16.141 -4.771  0.50 16.58 ? 48  ASN A CB  1 
ATOM   346  C CG  A ASN A 1 46 ? 0.132   -17.069 -4.439  0.50 17.46 ? 48  ASN A CG  1 
ATOM   347  C CG  B ASN A 1 46 ? -1.909  -17.155 -5.516  0.50 15.55 ? 48  ASN A CG  1 
ATOM   348  O OD1 A ASN A 1 46 ? 0.271   -17.574 -3.311  0.50 18.17 ? 48  ASN A OD1 1 
ATOM   349  O OD1 B ASN A 1 46 ? -1.702  -17.419 -6.700  0.50 16.54 ? 48  ASN A OD1 1 
ATOM   350  N ND2 A ASN A 1 46 ? 0.977   -17.306 -5.433  0.50 18.79 ? 48  ASN A ND2 1 
ATOM   351  N ND2 B ASN A 1 46 ? -2.896  -17.707 -4.823  0.50 15.76 ? 48  ASN A ND2 1 
ATOM   352  N N   . GLY A 1 47 ? -1.763  -12.943 -6.615  1.00 17.78 ? 49  GLY A N   1 
ATOM   353  C CA  . GLY A 1 47 ? -2.822  -12.146 -7.216  1.00 18.59 ? 49  GLY A CA  1 
ATOM   354  C C   . GLY A 1 47 ? -3.624  -11.214 -6.319  1.00 18.28 ? 49  GLY A C   1 
ATOM   355  O O   . GLY A 1 47 ? -4.608  -10.598 -6.757  1.00 18.08 ? 49  GLY A O   1 
ATOM   356  N N   . LYS A 1 48 ? -3.208  -11.102 -5.061  1.00 15.77 ? 50  LYS A N   1 
ATOM   357  C CA  . LYS A 1 48 ? -3.831  -10.149 -4.160  1.00 16.65 ? 50  LYS A CA  1 
ATOM   358  C C   . LYS A 1 48 ? -2.812  -9.238  -3.536  1.00 15.72 ? 50  LYS A C   1 
ATOM   359  O O   . LYS A 1 48 ? -1.634  -9.530  -3.549  1.00 13.63 ? 50  LYS A O   1 
ATOM   360  C CB  . LYS A 1 48 ? -4.576  -10.882 -3.086  1.00 16.84 ? 50  LYS A CB  1 
ATOM   361  C CG  . LYS A 1 48 ? -5.813  -11.575 -3.624  1.00 19.08 ? 50  LYS A CG  1 
ATOM   362  C CD  . LYS A 1 48 ? -6.483  -12.434 -2.554  1.00 22.04 ? 50  LYS A CD  1 
ATOM   363  C CE  . LYS A 1 48 ? -5.511  -13.439 -1.933  1.00 25.37 ? 50  LYS A CE  1 
ATOM   364  N NZ  . LYS A 1 48 ? -5.943  -14.874 -2.022  1.00 27.90 ? 50  LYS A NZ  1 
ATOM   365  N N   . GLU A 1 49 ? -3.299  -8.122  -3.006  1.00 13.75 ? 51  GLU A N   1 
ATOM   366  C CA  . GLU A 1 49 ? -2.443  -7.081  -2.492  1.00 13.75 ? 51  GLU A CA  1 
ATOM   367  C C   . GLU A 1 49 ? -3.016  -6.478  -1.252  1.00 13.09 ? 51  GLU A C   1 
ATOM   368  O O   . GLU A 1 49 ? -4.219  -6.580  -0.996  1.00 14.41 ? 51  GLU A O   1 
ATOM   369  C CB  . GLU A 1 49 ? -2.263  -5.977  -3.526  1.00 14.54 ? 51  GLU A CB  1 
ATOM   370  C CG  . GLU A 1 49 ? -1.950  -6.543  -4.906  1.00 13.56 ? 51  GLU A CG  1 
ATOM   371  C CD  . GLU A 1 49 ? -2.221  -5.602  -6.039  1.00 19.57 ? 51  GLU A CD  1 
ATOM   372  O OE1 . GLU A 1 49 ? -3.315  -4.982  -6.053  1.00 18.62 ? 51  GLU A OE1 1 
ATOM   373  O OE2 . GLU A 1 49 ? -1.353  -5.541  -6.956  1.00 21.16 ? 51  GLU A OE2 1 
ATOM   374  N N   . GLY A 1 50 ? -2.149  -5.852  -0.480  1.00 10.48 ? 52  GLY A N   1 
ATOM   375  C CA  . GLY A 1 50 ? -2.596  -5.108  0.669   1.00 10.76 ? 52  GLY A CA  1 
ATOM   376  C C   . GLY A 1 50 ? -1.479  -4.930  1.672   1.00 9.66  ? 52  GLY A C   1 
ATOM   377  O O   . GLY A 1 50 ? -0.299  -5.197  1.384   1.00 10.23 ? 52  GLY A O   1 
ATOM   378  N N   . ILE A 1 51 ? -1.840  -4.550  2.885   1.00 9.47  ? 53  ILE A N   1 
ATOM   379  C CA  . ILE A 1 51 ? -0.860  -4.212  3.906   1.00 9.39  ? 53  ILE A CA  1 
ATOM   380  C C   . ILE A 1 51 ? -0.674  -5.352  4.898   1.00 9.21  ? 53  ILE A C   1 
ATOM   381  O O   . ILE A 1 51 ? -1.571  -6.208  5.050   1.00 8.59  ? 53  ILE A O   1 
ATOM   382  C CB  . ILE A 1 51 ? -1.224  -2.870  4.659   1.00 9.63  ? 53  ILE A CB  1 
ATOM   383  C CG1 . ILE A 1 51 ? -2.507  -2.980  5.521   1.00 9.07  ? 53  ILE A CG1 1 
ATOM   384  C CG2 . ILE A 1 51 ? -1.273  -1.709  3.681   1.00 10.63 ? 53  ILE A CG2 1 
ATOM   385  C CD1 . ILE A 1 51 ? -2.587  -1.851  6.543   1.00 9.76  ? 53  ILE A CD1 1 
ATOM   386  N N   . PHE A 1 52 ? 0.487   -5.378  5.540   1.00 9.39  ? 54  PHE A N   1 
ATOM   387  C CA  . PHE A 1 52 ? 0.827   -6.396  6.536   1.00 8.19  ? 54  PHE A CA  1 
ATOM   388  C C   . PHE A 1 52 ? 1.900   -5.886  7.474   1.00 9.32  ? 54  PHE A C   1 
ATOM   389  O O   . PHE A 1 52 ? 2.600   -4.917  7.153   1.00 10.35 ? 54  PHE A O   1 
ATOM   390  C CB  . PHE A 1 52 ? 1.322   -7.667  5.832   1.00 11.11 ? 54  PHE A CB  1 
ATOM   391  C CG  . PHE A 1 52 ? 2.578   -7.450  5.022   1.00 9.22  ? 54  PHE A CG  1 
ATOM   392  C CD1 . PHE A 1 52 ? 3.824   -7.661  5.599   1.00 9.83  ? 54  PHE A CD1 1 
ATOM   393  C CD2 . PHE A 1 52 ? 2.535   -7.011  3.708   1.00 11.82 ? 54  PHE A CD2 1 
ATOM   394  C CE1 . PHE A 1 52 ? 4.995   -7.428  4.887   1.00 10.40 ? 54  PHE A CE1 1 
ATOM   395  C CE2 . PHE A 1 52 ? 3.717   -6.765  3.005   1.00 11.47 ? 54  PHE A CE2 1 
ATOM   396  C CZ  . PHE A 1 52 ? 4.933   -6.987  3.593   1.00 12.04 ? 54  PHE A CZ  1 
ATOM   397  N N   . PRO A 1 53 ? 2.058   -6.492  8.647   1.00 8.36  ? 55  PRO A N   1 
ATOM   398  C CA  . PRO A 1 53 ? 3.100   -6.031  9.560   1.00 9.43  ? 55  PRO A CA  1 
ATOM   399  C C   . PRO A 1 53 ? 4.510   -6.412  9.078   1.00 10.03 ? 55  PRO A C   1 
ATOM   400  O O   . PRO A 1 53 ? 4.770   -7.583  8.782   1.00 9.77  ? 55  PRO A O   1 
ATOM   401  C CB  . PRO A 1 53 ? 2.735   -6.680  10.904  1.00 10.95 ? 55  PRO A CB  1 
ATOM   402  C CG  . PRO A 1 53 ? 1.468   -7.398  10.636  1.00 10.62 ? 55  PRO A CG  1 
ATOM   403  C CD  . PRO A 1 53 ? 1.279   -7.607  9.217   1.00 11.11 ? 55  PRO A CD  1 
ATOM   404  N N   . ALA A 1 54 ? 5.404   -5.424  9.061   1.00 9.65  ? 56  ALA A N   1 
ATOM   405  C CA  . ALA A 1 54 ? 6.754   -5.617  8.496   1.00 8.69  ? 56  ALA A CA  1 
ATOM   406  C C   . ALA A 1 54 ? 7.523   -6.771  9.126   1.00 10.17 ? 56  ALA A C   1 
ATOM   407  O O   . ALA A 1 54 ? 8.252   -7.464  8.423   1.00 9.84  ? 56  ALA A O   1 
ATOM   408  C CB  . ALA A 1 54 ? 7.559   -4.361  8.676   1.00 9.40  ? 56  ALA A CB  1 
ATOM   409  N N   . ASN A 1 55 ? 7.408   -6.963  10.440  1.00 9.79  ? 57  ASN A N   1 
ATOM   410  C CA  . ASN A 1 55 ? 8.148   -7.995  11.137  1.00 7.88  ? 57  ASN A CA  1 
ATOM   411  C C   . ASN A 1 55 ? 7.693   -9.432  10.846  1.00 7.03  ? 57  ASN A C   1 
ATOM   412  O O   . ASN A 1 55 ? 8.294   -10.378 11.327  1.00 9.68  ? 57  ASN A O   1 
ATOM   413  C CB  . ASN A 1 55 ? 8.137   -7.722  12.619  1.00 7.46  ? 57  ASN A CB  1 
ATOM   414  C CG  . ASN A 1 55 ? 6.743   -7.844  13.244  1.00 11.19 ? 57  ASN A CG  1 
ATOM   415  O OD1 . ASN A 1 55 ? 5.758   -7.374  12.688  1.00 12.12 ? 57  ASN A OD1 1 
ATOM   416  N ND2 . ASN A 1 55 ? 6.708   -8.392  14.442  1.00 17.53 ? 57  ASN A ND2 1 
ATOM   417  N N   . TYR A 1 56 ? 6.651   -9.589  10.033  1.00 8.05  ? 58  TYR A N   1 
ATOM   418  C CA  . TYR A 1 56 ? 6.183   -10.926 9.651   1.00 8.44  ? 58  TYR A CA  1 
ATOM   419  C C   . TYR A 1 56 ? 6.945   -11.512 8.464   1.00 10.09 ? 58  TYR A C   1 
ATOM   420  O O   . TYR A 1 56 ? 6.692   -12.666 8.088   1.00 9.08  ? 58  TYR A O   1 
ATOM   421  C CB  . TYR A 1 56 ? 4.700   -10.944 9.317   1.00 7.70  ? 58  TYR A CB  1 
ATOM   422  C CG  . TYR A 1 56 ? 3.726   -10.984 10.484  1.00 7.32  ? 58  TYR A CG  1 
ATOM   423  C CD1 . TYR A 1 56 ? 3.830   -10.071 11.513  1.00 9.62  ? 58  TYR A CD1 1 
ATOM   424  C CD2 . TYR A 1 56 ? 2.681   -11.894 10.506  1.00 8.36  ? 58  TYR A CD2 1 
ATOM   425  C CE1 . TYR A 1 56 ? 2.908   -10.082 12.560  1.00 7.31  ? 58  TYR A CE1 1 
ATOM   426  C CE2 . TYR A 1 56 ? 1.774   -11.928 11.530  1.00 7.51  ? 58  TYR A CE2 1 
ATOM   427  C CZ  . TYR A 1 56 ? 1.865   -10.997 12.569  1.00 7.94  ? 58  TYR A CZ  1 
ATOM   428  O OH  . TYR A 1 56 ? 0.904   -11.009 13.599  1.00 6.59  ? 58  TYR A OH  1 
ATOM   429  N N   . VAL A 1 57 ? 7.801   -10.705 7.845   1.00 8.72  ? 59  VAL A N   1 
ATOM   430  C CA  . VAL A 1 57 ? 8.555   -11.138 6.665   1.00 9.61  ? 59  VAL A CA  1 
ATOM   431  C C   . VAL A 1 57 ? 10.044  -10.868 6.822   1.00 10.02 ? 59  VAL A C   1 
ATOM   432  O O   . VAL A 1 57 ? 10.463  -10.069 7.645   1.00 9.59  ? 59  VAL A O   1 
ATOM   433  C CB  . VAL A 1 57 ? 8.038   -10.481 5.331   1.00 9.39  ? 59  VAL A CB  1 
ATOM   434  C CG1 . VAL A 1 57 ? 6.524   -10.629 5.195   1.00 10.80 ? 59  VAL A CG1 1 
ATOM   435  C CG2 . VAL A 1 57 ? 8.448   -9.003  5.196   1.00 9.31  ? 59  VAL A CG2 1 
ATOM   436  N N   . ARG A 1 58 ? 10.840  -11.535 5.995   1.00 9.88  ? 60  ARG A N   1 
ATOM   437  C CA  . ARG A 1 58 ? 12.283  -11.311 5.917   1.00 9.34  ? 60  ARG A CA  1 
ATOM   438  C C   . ARG A 1 58 ? 12.613  -10.991 4.458   1.00 8.49  ? 60  ARG A C   1 
ATOM   439  O O   . ARG A 1 58 ? 12.487  -11.859 3.590   1.00 8.94  ? 60  ARG A O   1 
ATOM   440  C CB  A ARG A 1 58 ? 13.052  -12.549 6.357   0.50 7.77  ? 60  ARG A CB  1 
ATOM   441  C CB  B ARG A 1 58 ? 13.003  -12.583 6.367   0.50 7.84  ? 60  ARG A CB  1 
ATOM   442  C CG  A ARG A 1 58 ? 14.583  -12.407 6.242   0.50 10.41 ? 60  ARG A CG  1 
ATOM   443  C CG  B ARG A 1 58 ? 14.538  -12.522 6.419   0.50 11.13 ? 60  ARG A CG  1 
ATOM   444  C CD  A ARG A 1 58 ? 15.373  -13.624 6.739   0.50 12.25 ? 60  ARG A CD  1 
ATOM   445  C CD  B ARG A 1 58 ? 15.194  -13.908 6.595   0.50 12.54 ? 60  ARG A CD  1 
ATOM   446  N NE  A ARG A 1 58 ? 14.998  -14.001 8.103   0.50 11.91 ? 60  ARG A NE  1 
ATOM   447  N NE  B ARG A 1 58 ? 15.014  -14.694 5.377   0.50 14.03 ? 60  ARG A NE  1 
ATOM   448  C CZ  A ARG A 1 58 ? 15.105  -15.231 8.617   0.50 13.45 ? 60  ARG A CZ  1 
ATOM   449  C CZ  B ARG A 1 58 ? 14.367  -15.854 5.264   0.50 12.20 ? 60  ARG A CZ  1 
ATOM   450  N NH1 A ARG A 1 58 ? 15.588  -16.239 7.904   0.50 16.05 ? 60  ARG A NH1 1 
ATOM   451  N NH1 B ARG A 1 58 ? 13.862  -16.470 6.323   0.50 14.75 ? 60  ARG A NH1 1 
ATOM   452  N NH2 A ARG A 1 58 ? 14.702  -15.451 9.854   0.50 15.18 ? 60  ARG A NH2 1 
ATOM   453  N NH2 B ARG A 1 58 ? 14.273  -16.411 4.051   0.50 11.71 ? 60  ARG A NH2 1 
ATOM   454  N N   . VAL A 1 59 ? 13.013  -9.758  4.196   1.00 8.94  ? 61  VAL A N   1 
ATOM   455  C CA  . VAL A 1 59 ? 13.431  -9.345  2.855   1.00 9.28  ? 61  VAL A CA  1 
ATOM   456  C C   . VAL A 1 59 ? 14.633  -10.192 2.390   1.00 8.77  ? 61  VAL A C   1 
ATOM   457  O O   . VAL A 1 59 ? 15.557  -10.458 3.145   1.00 7.89  ? 61  VAL A O   1 
ATOM   458  C CB  . VAL A 1 59 ? 13.772  -7.845  2.794   1.00 10.64 ? 61  VAL A CB  1 
ATOM   459  C CG1 . VAL A 1 59 ? 14.302  -7.448  1.411   1.00 10.55 ? 61  VAL A CG1 1 
ATOM   460  C CG2 . VAL A 1 59 ? 12.541  -7.019  3.165   1.00 12.80 ? 61  VAL A CG2 1 
ATOM   461  N N   . SER A 1 60 ? 14.567  -10.629 1.127   1.00 7.37  ? 62  SER A N   1 
ATOM   462  C CA  . SER A 1 60 ? 15.614  -11.437 0.527   1.00 7.23  ? 62  SER A CA  1 
ATOM   463  C C   . SER A 1 60 ? 16.745  -10.604 -0.077  1.00 8.93  ? 62  SER A C   1 
ATOM   464  O O   . SER A 1 60 ? 16.508  -9.695  -0.894  1.00 9.70  ? 62  SER A O   1 
ATOM   465  C CB  . SER A 1 60 ? 15.027  -12.363 -0.535  1.00 6.75  ? 62  SER A CB  1 
ATOM   466  O OG  . SER A 1 60 ? 14.059  -13.205 0.022   1.00 7.51  ? 62  SER A OG  1 
ATOM   467  O OXT . SER A 1 60 ? 17.913  -10.895 0.253   1.00 8.22  ? 62  SER A OXT 1 
ATOM   468  N N   . ALA B 1 4  ? -14.833 4.188   -3.136  1.00 17.37 ? 6   ALA B N   1 
ATOM   469  C CA  . ALA B 1 4  ? -13.884 3.660   -2.119  1.00 15.89 ? 6   ALA B CA  1 
ATOM   470  C C   . ALA B 1 4  ? -13.071 4.788   -1.450  1.00 15.70 ? 6   ALA B C   1 
ATOM   471  O O   . ALA B 1 4  ? -13.010 5.927   -1.942  1.00 15.16 ? 6   ALA B O   1 
ATOM   472  C CB  . ALA B 1 4  ? -12.938 2.647   -2.765  1.00 17.23 ? 6   ALA B CB  1 
ATOM   473  N N   . THR B 1 5  ? -12.465 4.452   -0.313  1.00 13.28 ? 7   THR B N   1 
ATOM   474  C CA  . THR B 1 5  ? -11.571 5.341   0.415   1.00 12.67 ? 7   THR B CA  1 
ATOM   475  C C   . THR B 1 5  ? -10.277 4.607   0.723   1.00 10.57 ? 7   THR B C   1 
ATOM   476  O O   . THR B 1 5  ? -10.229 3.378   0.695   1.00 13.36 ? 7   THR B O   1 
ATOM   477  C CB  . THR B 1 5  ? -12.179 5.807   1.749   1.00 14.83 ? 7   THR B CB  1 
ATOM   478  O OG1 . THR B 1 5  ? -12.571 4.668   2.525   1.00 14.00 ? 7   THR B OG1 1 
ATOM   479  C CG2 . THR B 1 5  ? -13.442 6.625   1.536   1.00 16.34 ? 7   THR B CG2 1 
ATOM   480  N N   . ALA B 1 6  ? -9.248  5.393   1.016   1.00 10.69 ? 8   ALA B N   1 
ATOM   481  C CA  . ALA B 1 6  ? -7.941  4.889   1.401   1.00 10.15 ? 8   ALA B CA  1 
ATOM   482  C C   . ALA B 1 6  ? -7.271  5.853   2.382   1.00 10.21 ? 8   ALA B C   1 
ATOM   483  O O   . ALA B 1 6  ? -7.592  7.061   2.429   1.00 10.58 ? 8   ALA B O   1 
ATOM   484  C CB  . ALA B 1 6  ? -7.072  4.652   0.156   1.00 10.02 ? 8   ALA B CB  1 
ATOM   485  N N   . VAL B 1 7  ? -6.366  5.328   3.200   1.00 10.04 ? 9   VAL B N   1 
ATOM   486  C CA  . VAL B 1 7  ? -5.626  6.188   4.117   1.00 9.46  ? 9   VAL B CA  1 
ATOM   487  C C   . VAL B 1 7  ? -4.145  6.178   3.706   1.00 10.30 ? 9   VAL B C   1 
ATOM   488  O O   . VAL B 1 7  ? -3.576  5.101   3.420   1.00 7.91  ? 9   VAL B O   1 
ATOM   489  C CB  . VAL B 1 7  ? -5.826  5.766   5.605   1.00 12.73 ? 9   VAL B CB  1 
ATOM   490  C CG1 . VAL B 1 7  ? -5.464  4.345   5.782   1.00 14.71 ? 9   VAL B CG1 1 
ATOM   491  C CG2 . VAL B 1 7  ? -5.043  6.675   6.556   1.00 10.93 ? 9   VAL B CG2 1 
ATOM   492  N N   . ALA B 1 8  ? -3.529  7.360   3.658   1.00 8.30  ? 10  ALA B N   1 
ATOM   493  C CA  . ALA B 1 8  ? -2.118  7.476   3.318   1.00 8.41  ? 10  ALA B CA  1 
ATOM   494  C C   . ALA B 1 8  ? -1.237  6.912   4.419   1.00 11.30 ? 10  ALA B C   1 
ATOM   495  O O   . ALA B 1 8  ? -1.384  7.264   5.584   1.00 11.46 ? 10  ALA B O   1 
ATOM   496  C CB  . ALA B 1 8  ? -1.762  8.957   3.094   1.00 10.97 ? 10  ALA B CB  1 
ATOM   497  N N   . LEU B 1 9  ? -0.312  6.040   4.040   1.00 9.59  ? 11  LEU B N   1 
ATOM   498  C CA  . LEU B 1 9  ? 0.682   5.520   4.972   1.00 9.17  ? 11  LEU B CA  1 
ATOM   499  C C   . LEU B 1 9  ? 2.014   6.277   4.926   1.00 7.97  ? 11  LEU B C   1 
ATOM   500  O O   . LEU B 1 9  ? 2.919   6.025   5.731   1.00 9.86  ? 11  LEU B O   1 
ATOM   501  C CB  . LEU B 1 9  ? 0.953   4.045   4.673   1.00 11.63 ? 11  LEU B CB  1 
ATOM   502  C CG  . LEU B 1 9  ? -0.264  3.142   4.717   1.00 14.81 ? 11  LEU B CG  1 
ATOM   503  C CD1 . LEU B 1 9  ? 0.204   1.719   4.401   1.00 15.91 ? 11  LEU B CD1 1 
ATOM   504  C CD2 . LEU B 1 9  ? -0.962  3.201   6.034   1.00 15.03 ? 11  LEU B CD2 1 
ATOM   505  N N   . TYR B 1 10 ? 2.149   7.184   3.966   1.00 8.04  ? 12  TYR B N   1 
ATOM   506  C CA  . TYR B 1 10 ? 3.361   7.959   3.728   1.00 8.50  ? 12  TYR B CA  1 
ATOM   507  C C   . TYR B 1 10 ? 2.911   9.337   3.208   1.00 10.13 ? 12  TYR B C   1 
ATOM   508  O O   . TYR B 1 10 ? 1.836   9.449   2.619   1.00 11.55 ? 12  TYR B O   1 
ATOM   509  C CB  . TYR B 1 10 ? 4.251   7.347   2.623   1.00 9.00  ? 12  TYR B CB  1 
ATOM   510  C CG  . TYR B 1 10 ? 4.604   5.888   2.811   1.00 9.16  ? 12  TYR B CG  1 
ATOM   511  C CD1 . TYR B 1 10 ? 5.796   5.490   3.415   1.00 7.30  ? 12  TYR B CD1 1 
ATOM   512  C CD2 . TYR B 1 10 ? 3.736   4.904   2.381   1.00 9.78  ? 12  TYR B CD2 1 
ATOM   513  C CE1 . TYR B 1 10 ? 6.125   4.162   3.567   1.00 6.79  ? 12  TYR B CE1 1 
ATOM   514  C CE2 . TYR B 1 10 ? 4.039   3.578   2.535   1.00 8.94  ? 12  TYR B CE2 1 
ATOM   515  C CZ  . TYR B 1 10 ? 5.226   3.196   3.139   1.00 8.35  ? 12  TYR B CZ  1 
ATOM   516  O OH  . TYR B 1 10 ? 5.511   1.874   3.307   1.00 8.46  ? 12  TYR B OH  1 
ATOM   517  N N   . ASN B 1 11 ? 3.748   10.353  3.404   1.00 10.37 ? 13  ASN B N   1 
ATOM   518  C CA  . ASN B 1 11 ? 3.596   11.646  2.731   1.00 10.61 ? 13  ASN B CA  1 
ATOM   519  C C   . ASN B 1 11 ? 3.913   11.471  1.231   1.00 11.38 ? 13  ASN B C   1 
ATOM   520  O O   . ASN B 1 11 ? 4.770   10.666  0.840   1.00 9.71  ? 13  ASN B O   1 
ATOM   521  C CB  . ASN B 1 11 ? 4.557   12.660  3.342   1.00 12.68 ? 13  ASN B CB  1 
ATOM   522  C CG  . ASN B 1 11 ? 4.293   12.910  4.796   1.00 12.28 ? 13  ASN B CG  1 
ATOM   523  O OD1 . ASN B 1 11 ? 3.158   13.078  5.220   1.00 16.85 ? 13  ASN B OD1 1 
ATOM   524  N ND2 . ASN B 1 11 ? 5.360   12.947  5.588   1.00 20.54 ? 13  ASN B ND2 1 
ATOM   525  N N   . PHE B 1 12 ? 3.215   12.227  0.380   1.00 10.55 ? 14  PHE B N   1 
ATOM   526  C CA  . PHE B 1 12 ? 3.490   12.261  -1.061  1.00 10.47 ? 14  PHE B CA  1 
ATOM   527  C C   . PHE B 1 12 ? 3.379   13.698  -1.554  1.00 9.92  ? 14  PHE B C   1 
ATOM   528  O O   . PHE B 1 12 ? 2.307   14.302  -1.496  1.00 9.24  ? 14  PHE B O   1 
ATOM   529  C CB  . PHE B 1 12 ? 2.528   11.365  -1.852  1.00 9.70  ? 14  PHE B CB  1 
ATOM   530  C CG  . PHE B 1 12 ? 2.741   11.410  -3.355  1.00 8.55  ? 14  PHE B CG  1 
ATOM   531  C CD1 . PHE B 1 12 ? 3.971   11.042  -3.918  1.00 10.21 ? 14  PHE B CD1 1 
ATOM   532  C CD2 . PHE B 1 12 ? 1.716   11.784  -4.207  1.00 11.07 ? 14  PHE B CD2 1 
ATOM   533  C CE1 . PHE B 1 12 ? 4.181   11.091  -5.255  1.00 11.24 ? 14  PHE B CE1 1 
ATOM   534  C CE2 . PHE B 1 12 ? 1.916   11.820  -5.579  1.00 9.55  ? 14  PHE B CE2 1 
ATOM   535  C CZ  . PHE B 1 12 ? 3.157   11.471  -6.105  1.00 12.25 ? 14  PHE B CZ  1 
ATOM   536  N N   . ALA B 1 13 ? 4.485   14.258  -2.029  1.00 9.55  ? 15  ALA B N   1 
ATOM   537  C CA  . ALA B 1 13 ? 4.535   15.672  -2.381  1.00 10.05 ? 15  ALA B CA  1 
ATOM   538  C C   . ALA B 1 13 ? 3.749   16.002  -3.640  1.00 8.15  ? 15  ALA B C   1 
ATOM   539  O O   . ALA B 1 13 ? 3.377   17.156  -3.836  1.00 9.29  ? 15  ALA B O   1 
ATOM   540  C CB  . ALA B 1 13 ? 5.977   16.133  -2.517  1.00 11.53 ? 15  ALA B CB  1 
ATOM   541  N N   . GLY B 1 14 ? 3.553   15.005  -4.516  1.00 8.31  ? 16  GLY B N   1 
ATOM   542  C CA  . GLY B 1 14 ? 2.746   15.175  -5.733  1.00 9.41  ? 16  GLY B CA  1 
ATOM   543  C C   . GLY B 1 14 ? 3.139   16.396  -6.575  1.00 9.33  ? 16  GLY B C   1 
ATOM   544  O O   . GLY B 1 14 ? 2.319   17.275  -6.877  1.00 9.34  ? 16  GLY B O   1 
ATOM   545  N N   . GLU B 1 15 ? 4.406   16.437  -6.979  1.00 8.31  ? 17  GLU B N   1 
ATOM   546  C CA  . GLU B 1 15 ? 4.990   17.617  -7.605  1.00 8.46  ? 17  GLU B CA  1 
ATOM   547  C C   . GLU B 1 15 ? 4.982   17.571  -9.122  1.00 8.25  ? 17  GLU B C   1 
ATOM   548  O O   . GLU B 1 15 ? 5.225   18.602  -9.779  1.00 11.50 ? 17  GLU B O   1 
ATOM   549  C CB  . GLU B 1 15 ? 6.416   17.857  -7.097  1.00 9.84  ? 17  GLU B CB  1 
ATOM   550  C CG  . GLU B 1 15 ? 6.469   18.176  -5.621  1.00 11.12 ? 17  GLU B CG  1 
ATOM   551  C CD  . GLU B 1 15 ? 6.165   19.615  -5.292  1.00 16.65 ? 17  GLU B CD  1 
ATOM   552  O OE1 . GLU B 1 15 ? 5.900   20.428  -6.211  1.00 17.09 ? 17  GLU B OE1 1 
ATOM   553  O OE2 . GLU B 1 15 ? 6.252   19.956  -4.084  1.00 21.95 ? 17  GLU B OE2 1 
ATOM   554  N N   . GLN B 1 16 ? 4.680   16.421  -9.707  1.00 7.43  ? 18  GLN B N   1 
ATOM   555  C CA  . GLN B 1 16 ? 4.557   16.386  -11.166 1.00 7.39  ? 18  GLN B CA  1 
ATOM   556  C C   . GLN B 1 16 ? 3.155   16.898  -11.541 1.00 7.48  ? 18  GLN B C   1 
ATOM   557  O O   . GLN B 1 16 ? 2.207   16.752  -10.771 1.00 8.46  ? 18  GLN B O   1 
ATOM   558  C CB  . GLN B 1 16 ? 4.755   14.986  -11.724 1.00 7.69  ? 18  GLN B CB  1 
ATOM   559  C CG  . GLN B 1 16 ? 6.170   14.449  -11.498 1.00 5.22  ? 18  GLN B CG  1 
ATOM   560  C CD  . GLN B 1 16 ? 6.523   13.261  -12.359 1.00 4.93  ? 18  GLN B CD  1 
ATOM   561  O OE1 . GLN B 1 16 ? 5.813   13.015  -13.370 1.00 6.43  ? 18  GLN B OE1 1 
ATOM   562  N NE2 . GLN B 1 16 ? 7.588   12.549  -12.007 1.00 6.51  ? 18  GLN B NE2 1 
ATOM   563  N N   . PRO B 1 17 ? 2.997   17.509  -12.699 1.00 7.48  ? 19  PRO B N   1 
ATOM   564  C CA  . PRO B 1 17 ? 1.697   18.121  -13.050 1.00 8.00  ? 19  PRO B CA  1 
ATOM   565  C C   . PRO B 1 17 ? 0.534   17.131  -13.046 1.00 7.95  ? 19  PRO B C   1 
ATOM   566  O O   . PRO B 1 17 ? 0.605   16.097  -13.712 1.00 8.74  ? 19  PRO B O   1 
ATOM   567  C CB  . PRO B 1 17 ? 1.923   18.707  -14.454 1.00 9.38  ? 19  PRO B CB  1 
ATOM   568  C CG  . PRO B 1 17 ? 3.386   18.601  -14.721 1.00 9.31  ? 19  PRO B CG  1 
ATOM   569  C CD  . PRO B 1 17 ? 4.027   17.715  -13.732 1.00 8.57  ? 19  PRO B CD  1 
ATOM   570  N N   . GLY B 1 18 ? -0.506  17.425  -12.275 1.00 7.52  ? 20  GLY B N   1 
ATOM   571  C CA  . GLY B 1 18 ? -1.665  16.563  -12.175 1.00 7.76  ? 20  GLY B CA  1 
ATOM   572  C C   . GLY B 1 18 ? -1.607  15.584  -11.033 1.00 9.09  ? 20  GLY B C   1 
ATOM   573  O O   . GLY B 1 18 ? -2.558  14.862  -10.872 1.00 8.39  ? 20  GLY B O   1 
ATOM   574  N N   . ASP B 1 19 ? -0.520  15.542  -10.278 1.00 8.02  ? 21  ASP B N   1 
ATOM   575  C CA  . ASP B 1 19 ? -0.458  14.693  -9.092  1.00 8.00  ? 21  ASP B CA  1 
ATOM   576  C C   . ASP B 1 19 ? -1.282  15.270  -7.940  1.00 8.67  ? 21  ASP B C   1 
ATOM   577  O O   . ASP B 1 19 ? -1.323  16.470  -7.767  1.00 8.72  ? 21  ASP B O   1 
ATOM   578  C CB  . ASP B 1 19 ? 0.984   14.607  -8.575  1.00 7.66  ? 21  ASP B CB  1 
ATOM   579  C CG  . ASP B 1 19 ? 1.887   13.725  -9.386  1.00 8.74  ? 21  ASP B CG  1 
ATOM   580  O OD1 . ASP B 1 19 ? 1.458   13.098  -10.382 1.00 8.20  ? 21  ASP B OD1 1 
ATOM   581  O OD2 . ASP B 1 19 ? 3.089   13.589  -9.009  1.00 7.17  ? 21  ASP B OD2 1 
ATOM   582  N N   . LEU B 1 20 ? -1.856  14.379  -7.124  1.00 9.14  ? 22  LEU B N   1 
ATOM   583  C CA  . LEU B 1 20 ? -2.458  14.719  -5.824  1.00 9.51  ? 22  LEU B CA  1 
ATOM   584  C C   . LEU B 1 20 ? -1.372  14.647  -4.756  1.00 9.23  ? 22  LEU B C   1 
ATOM   585  O O   . LEU B 1 20 ? -0.714  13.601  -4.639  1.00 11.96 ? 22  LEU B O   1 
ATOM   586  C CB  . LEU B 1 20 ? -3.514  13.681  -5.476  1.00 10.51 ? 22  LEU B CB  1 
ATOM   587  C CG  . LEU B 1 20 ? -4.251  13.875  -4.150  1.00 9.80  ? 22  LEU B CG  1 
ATOM   588  C CD1 . LEU B 1 20 ? -5.167  15.114  -4.222  1.00 10.55 ? 22  LEU B CD1 1 
ATOM   589  C CD2 . LEU B 1 20 ? -5.073  12.617  -3.841  1.00 11.00 ? 22  LEU B CD2 1 
ATOM   590  N N   . ALA B 1 21 ? -1.200  15.712  -3.973  1.00 8.03  ? 23  ALA B N   1 
ATOM   591  C CA  . ALA B 1 21 ? -0.349  15.727  -2.815  1.00 9.64  ? 23  ALA B CA  1 
ATOM   592  C C   . ALA B 1 21 ? -1.161  15.314  -1.586  1.00 10.07 ? 23  ALA B C   1 
ATOM   593  O O   . ALA B 1 21 ? -2.355  15.662  -1.468  1.00 10.24 ? 23  ALA B O   1 
ATOM   594  C CB  . ALA B 1 21 ? 0.234   17.084  -2.595  1.00 9.90  ? 23  ALA B CB  1 
ATOM   595  N N   . PHE B 1 22 ? -0.499  14.622  -0.660  1.00 9.14  ? 24  PHE B N   1 
ATOM   596  C CA  . PHE B 1 22 ? -1.096  14.305  0.626   1.00 9.13  ? 24  PHE B CA  1 
ATOM   597  C C   . PHE B 1 22 ? -0.052  14.059  1.699   1.00 11.27 ? 24  PHE B C   1 
ATOM   598  O O   . PHE B 1 22 ? 1.150   13.946  1.425   1.00 9.73  ? 24  PHE B O   1 
ATOM   599  C CB  . PHE B 1 22 ? -2.081  13.128  0.505   1.00 11.02 ? 24  PHE B CB  1 
ATOM   600  C CG  . PHE B 1 22 ? -1.498  11.877  -0.118  1.00 8.82  ? 24  PHE B CG  1 
ATOM   601  C CD1 . PHE B 1 22 ? -0.642  11.059  0.585   1.00 9.55  ? 24  PHE B CD1 1 
ATOM   602  C CD2 . PHE B 1 22 ? -1.815  11.536  -1.407  1.00 11.79 ? 24  PHE B CD2 1 
ATOM   603  C CE1 . PHE B 1 22 ? -0.147  9.908   0.021   1.00 10.29 ? 24  PHE B CE1 1 
ATOM   604  C CE2 . PHE B 1 22 ? -1.307  10.402  -1.995  1.00 14.72 ? 24  PHE B CE2 1 
ATOM   605  C CZ  . PHE B 1 22 ? -0.465  9.583   -1.258  1.00 12.88 ? 24  PHE B CZ  1 
ATOM   606  N N   . LYS B 1 23 ? -0.548  14.014  2.934   1.00 10.76 ? 25  LYS B N   1 
ATOM   607  C CA  . LYS B 1 23 ? 0.254   13.718  4.121   1.00 12.53 ? 25  LYS B CA  1 
ATOM   608  C C   . LYS B 1 23 ? -0.143  12.375  4.688   1.00 10.82 ? 25  LYS B C   1 
ATOM   609  O O   . LYS B 1 23 ? -1.293  11.973  4.554   1.00 9.96  ? 25  LYS B O   1 
ATOM   610  C CB  . LYS B 1 23 ? 0.026   14.787  5.184   1.00 13.85 ? 25  LYS B CB  1 
ATOM   611  C CG  . LYS B 1 23 ? 0.464   16.190  4.773   1.00 16.56 ? 25  LYS B CG  1 
ATOM   612  C CD  . LYS B 1 23 ? 1.996   16.321  4.740   1.00 18.16 ? 25  LYS B CD  1 
ATOM   613  C CE  A LYS B 1 23 ? 2.440   17.729  4.295   0.50 19.18 ? 25  LYS B CE  1 
ATOM   614  C CE  B LYS B 1 23 ? 2.425   17.743  4.378   0.50 19.06 ? 25  LYS B CE  1 
ATOM   615  N NZ  A LYS B 1 23 ? 2.563   18.718  5.401   0.50 19.06 ? 25  LYS B NZ  1 
ATOM   616  N NZ  B LYS B 1 23 ? 3.898   17.907  4.474   0.50 19.11 ? 25  LYS B NZ  1 
ATOM   617  N N   . LYS B 1 24 ? 0.817   11.710  5.338   1.00 12.88 ? 26  LYS B N   1 
ATOM   618  C CA  . LYS B 1 24 ? 0.589   10.477  6.100   1.00 13.93 ? 26  LYS B CA  1 
ATOM   619  C C   . LYS B 1 24 ? -0.632  10.698  6.991   1.00 11.66 ? 26  LYS B C   1 
ATOM   620  O O   . LYS B 1 24 ? -0.702  11.703  7.717   1.00 11.05 ? 26  LYS B O   1 
ATOM   621  C CB  . LYS B 1 24 ? 1.842   10.160  6.951   1.00 15.42 ? 26  LYS B CB  1 
ATOM   622  C CG  . LYS B 1 24 ? 1.820   8.876   7.784   1.00 18.43 ? 26  LYS B CG  1 
ATOM   623  C CD  . LYS B 1 24 ? 3.250   8.499   8.303   1.00 20.39 ? 26  LYS B CD  1 
ATOM   624  C CE  . LYS B 1 24 ? 3.404   8.497   9.835   1.00 24.68 ? 26  LYS B CE  1 
ATOM   625  N NZ  . LYS B 1 24 ? 3.515   7.104   10.398  1.00 26.12 ? 26  LYS B NZ  1 
ATOM   626  N N   . GLY B 1 25 ? -1.609  9.801   6.888   1.00 11.28 ? 27  GLY B N   1 
ATOM   627  C CA  . GLY B 1 25 ? -2.810  9.823   7.707   1.00 10.85 ? 27  GLY B CA  1 
ATOM   628  C C   . GLY B 1 25 ? -4.034  10.407  7.014   1.00 10.44 ? 27  GLY B C   1 
ATOM   629  O O   . GLY B 1 25 ? -5.180  10.224  7.437   1.00 12.42 ? 27  GLY B O   1 
ATOM   630  N N   . ASP B 1 26 ? -3.798  11.133  5.928   1.00 10.81 ? 28  ASP B N   1 
ATOM   631  C CA  . ASP B 1 26 ? -4.896  11.706  5.168   1.00 10.25 ? 28  ASP B CA  1 
ATOM   632  C C   . ASP B 1 26 ? -5.785  10.629  4.582   1.00 9.69  ? 28  ASP B C   1 
ATOM   633  O O   . ASP B 1 26 ? -5.304  9.574   4.153   1.00 9.76  ? 28  ASP B O   1 
ATOM   634  C CB  . ASP B 1 26 ? -4.380  12.563  4.006   1.00 10.67 ? 28  ASP B CB  1 
ATOM   635  C CG  . ASP B 1 26 ? -3.804  13.914  4.432   1.00 13.89 ? 28  ASP B CG  1 
ATOM   636  O OD1 . ASP B 1 26 ? -3.820  14.292  5.632   1.00 11.80 ? 28  ASP B OD1 1 
ATOM   637  O OD2 . ASP B 1 26 ? -3.298  14.668  3.557   1.00 12.97 ? 28  ASP B OD2 1 
ATOM   638  N N   . VAL B 1 27 ? -7.078  10.907  4.530   1.00 10.05 ? 29  VAL B N   1 
ATOM   639  C CA  . VAL B 1 27 ? -8.061  10.035  3.934   1.00 10.18 ? 29  VAL B CA  1 
ATOM   640  C C   . VAL B 1 27 ? -8.339  10.544  2.521   1.00 9.40  ? 29  VAL B C   1 
ATOM   641  O O   . VAL B 1 27 ? -8.832  11.695  2.336   1.00 9.66  ? 29  VAL B O   1 
ATOM   642  C CB  . VAL B 1 27 ? -9.361  10.032  4.750   1.00 12.93 ? 29  VAL B CB  1 
ATOM   643  C CG1 . VAL B 1 27 ? -10.352 9.028   4.170   1.00 11.62 ? 29  VAL B CG1 1 
ATOM   644  C CG2 . VAL B 1 27 ? -9.066  9.729   6.231   1.00 14.55 ? 29  VAL B CG2 1 
ATOM   645  N N   . ILE B 1 28 ? -8.100  9.673   1.551   1.00 9.11  ? 30  ILE B N   1 
ATOM   646  C CA  . ILE B 1 28 ? -8.263  9.960   0.125   1.00 10.39 ? 30  ILE B CA  1 
ATOM   647  C C   . ILE B 1 28 ? -9.543  9.265   -0.364  1.00 12.70 ? 30  ILE B C   1 
ATOM   648  O O   . ILE B 1 28 ? -9.738  8.052   -0.156  1.00 12.59 ? 30  ILE B O   1 
ATOM   649  C CB  . ILE B 1 28 ? -7.036  9.460   -0.681  1.00 11.10 ? 30  ILE B CB  1 
ATOM   650  C CG1 . ILE B 1 28 ? -5.764  10.216  -0.282  1.00 11.92 ? 30  ILE B CG1 1 
ATOM   651  C CG2 . ILE B 1 28 ? -7.287  9.572   -2.198  1.00 11.82 ? 30  ILE B CG2 1 
ATOM   652  C CD1 . ILE B 1 28 ? -4.477  9.383   -0.448  1.00 15.47 ? 30  ILE B CD1 1 
ATOM   653  N N   . THR B 1 29 ? -10.437 10.046  -0.965  1.00 11.87 ? 31  THR B N   1 
ATOM   654  C CA  . THR B 1 29 ? -11.604 9.507   -1.647  1.00 12.30 ? 31  THR B CA  1 
ATOM   655  C C   . THR B 1 29 ? -11.218 9.125   -3.059  1.00 12.31 ? 31  THR B C   1 
ATOM   656  O O   . THR B 1 29 ? -10.703 9.958   -3.803  1.00 13.19 ? 31  THR B O   1 
ATOM   657  C CB  . THR B 1 29 ? -12.750 10.537  -1.683  1.00 12.66 ? 31  THR B CB  1 
ATOM   658  O OG1 . THR B 1 29 ? -13.012 11.027  -0.359  1.00 11.27 ? 31  THR B OG1 1 
ATOM   659  C CG2 . THR B 1 29 ? -14.047 9.859   -2.079  1.00 15.82 ? 31  THR B CG2 1 
ATOM   660  N N   . ILE B 1 30 ? -11.489 7.882   -3.443  1.00 11.40 ? 32  ILE B N   1 
ATOM   661  C CA  . ILE B 1 30 ? -11.008 7.350   -4.715  1.00 12.90 ? 32  ILE B CA  1 
ATOM   662  C C   . ILE B 1 30 ? -12.005 7.561   -5.835  1.00 12.70 ? 32  ILE B C   1 
ATOM   663  O O   . ILE B 1 30 ? -13.044 6.895   -5.917  1.00 12.74 ? 32  ILE B O   1 
ATOM   664  C CB  . ILE B 1 30 ? -10.632 5.872   -4.597  1.00 13.88 ? 32  ILE B CB  1 
ATOM   665  C CG1 . ILE B 1 30 ? -9.540  5.704   -3.544  1.00 15.76 ? 32  ILE B CG1 1 
ATOM   666  C CG2 . ILE B 1 30 ? -10.143 5.338   -5.958  1.00 15.54 ? 32  ILE B CG2 1 
ATOM   667  C CD1 . ILE B 1 30 ? -9.340  4.280   -3.114  1.00 15.56 ? 32  ILE B CD1 1 
ATOM   668  N N   . LEU B 1 31 ? -11.683 8.499   -6.710  1.00 11.34 ? 33  LEU B N   1 
ATOM   669  C CA  . LEU B 1 31 ? -12.580 8.805   -7.823  1.00 12.24 ? 33  LEU B CA  1 
ATOM   670  C C   . LEU B 1 31 ? -12.474 7.774   -8.937  1.00 12.05 ? 33  LEU B C   1 
ATOM   671  O O   . LEU B 1 31 ? -13.466 7.464   -9.586  1.00 13.02 ? 33  LEU B O   1 
ATOM   672  C CB  . LEU B 1 31 ? -12.299 10.202  -8.362  1.00 12.72 ? 33  LEU B CB  1 
ATOM   673  C CG  . LEU B 1 31 ? -12.364 11.320  -7.316  1.00 14.72 ? 33  LEU B CG  1 
ATOM   674  C CD1 . LEU B 1 31 ? -12.015 12.630  -8.004  1.00 16.55 ? 33  LEU B CD1 1 
ATOM   675  C CD2 . LEU B 1 31 ? -13.722 11.406  -6.603  1.00 17.49 ? 33  LEU B CD2 1 
ATOM   676  N N   . LYS B 1 32 ? -11.274 7.232   -9.133  1.00 12.29 ? 34  LYS B N   1 
ATOM   677  C CA  . LYS B 1 32 ? -11.025 6.252   -10.176 1.00 13.46 ? 34  LYS B CA  1 
ATOM   678  C C   . LYS B 1 32 ? -9.862  5.328   -9.806  1.00 12.51 ? 34  LYS B C   1 
ATOM   679  O O   . LYS B 1 32 ? -8.816  5.783   -9.367  1.00 12.51 ? 34  LYS B O   1 
ATOM   680  C CB  . LYS B 1 32 ? -10.702 6.945   -11.488 1.00 14.90 ? 34  LYS B CB  1 
ATOM   681  C CG  . LYS B 1 32 ? -10.949 6.049   -12.676 1.00 18.09 ? 34  LYS B CG  1 
ATOM   682  C CD  . LYS B 1 32 ? -10.218 6.509   -13.913 1.00 22.16 ? 34  LYS B CD  1 
ATOM   683  C CE  . LYS B 1 32 ? -10.686 7.875   -14.349 1.00 22.74 ? 34  LYS B CE  1 
ATOM   684  N NZ  . LYS B 1 32 ? -9.667  8.919   -14.059 1.00 26.29 ? 34  LYS B NZ  1 
ATOM   685  N N   . LYS B 1 33 ? -10.045 4.031   -10.024 1.00 12.55 ? 35  LYS B N   1 
ATOM   686  C CA  . LYS B 1 33 ? -9.012  3.055   -9.704  1.00 13.34 ? 35  LYS B CA  1 
ATOM   687  C C   . LYS B 1 33 ? -8.997  1.881   -10.663 1.00 13.76 ? 35  LYS B C   1 
ATOM   688  O O   . LYS B 1 33 ? -9.990  1.603   -11.359 1.00 13.62 ? 35  LYS B O   1 
ATOM   689  C CB  . LYS B 1 33 ? -9.169  2.544   -8.271  1.00 13.85 ? 35  LYS B CB  1 
ATOM   690  C CG  . LYS B 1 33 ? -10.499 1.801   -8.030  1.00 14.76 ? 35  LYS B CG  1 
ATOM   691  C CD  . LYS B 1 33 ? -10.686 1.335   -6.586  1.00 16.20 ? 35  LYS B CD  1 
ATOM   692  C CE  . LYS B 1 33 ? -10.126 -0.078  -6.362  1.00 19.30 ? 35  LYS B CE  1 
ATOM   693  N NZ  . LYS B 1 33 ? -11.229 -1.059  -6.139  1.00 24.24 ? 35  LYS B NZ  1 
ATOM   694  N N   . SER B 1 34 ? -7.849  1.215   -10.693 1.00 13.37 ? 36  SER B N   1 
ATOM   695  C CA  . SER B 1 34 ? -7.655  -0.072  -11.344 1.00 12.47 ? 36  SER B CA  1 
ATOM   696  C C   . SER B 1 34 ? -7.758  -1.169  -10.288 1.00 12.92 ? 36  SER B C   1 
ATOM   697  O O   . SER B 1 34 ? -7.935  -0.885  -9.107  1.00 13.38 ? 36  SER B O   1 
ATOM   698  C CB  . SER B 1 34 ? -6.278  -0.115  -12.015 1.00 12.64 ? 36  SER B CB  1 
ATOM   699  O OG  . SER B 1 34 ? -5.255  -0.255  -11.037 1.00 13.03 ? 36  SER B OG  1 
ATOM   700  N N   . ASP B 1 35 ? -7.635  -2.421  -10.725 1.00 13.80 ? 37  ASP B N   1 
ATOM   701  C CA  . ASP B 1 35 ? -7.683  -3.568  -9.818  1.00 13.92 ? 37  ASP B CA  1 
ATOM   702  C C   . ASP B 1 35 ? -6.316  -3.889  -9.187  1.00 12.98 ? 37  ASP B C   1 
ATOM   703  O O   . ASP B 1 35 ? -6.160  -4.900  -8.495  1.00 12.77 ? 37  ASP B O   1 
ATOM   704  C CB  . ASP B 1 35 ? -8.283  -4.802  -10.512 1.00 16.11 ? 37  ASP B CB  1 
ATOM   705  C CG  . ASP B 1 35 ? -7.348  -5.443  -11.562 1.00 19.62 ? 37  ASP B CG  1 
ATOM   706  O OD1 . ASP B 1 35 ? -6.303  -4.845  -11.948 1.00 22.65 ? 37  ASP B OD1 1 
ATOM   707  O OD2 . ASP B 1 35 ? -7.613  -6.565  -12.071 1.00 23.77 ? 37  ASP B OD2 1 
ATOM   708  N N   . SER B 1 36 ? -5.341  -3.005  -9.395  1.00 12.62 ? 38  SER B N   1 
ATOM   709  C CA  . SER B 1 36 ? -4.000  -3.202  -8.851  1.00 11.45 ? 38  SER B CA  1 
ATOM   710  C C   . SER B 1 36 ? -3.518  -2.022  -8.028  1.00 11.53 ? 38  SER B C   1 
ATOM   711  O O   . SER B 1 36 ? -3.507  -0.864  -8.476  1.00 8.99  ? 38  SER B O   1 
ATOM   712  C CB  . SER B 1 36 ? -2.993  -3.441  -9.975  1.00 13.59 ? 38  SER B CB  1 
ATOM   713  O OG  . SER B 1 36 ? -1.733  -3.731  -9.400  1.00 14.89 ? 38  SER B OG  1 
ATOM   714  N N   . GLN B 1 37 ? -3.045  -2.344  -6.824  1.00 10.50 ? 39  GLN B N   1 
ATOM   715  C CA  . GLN B 1 37 ? -2.485  -1.349  -5.935  1.00 11.02 ? 39  GLN B CA  1 
ATOM   716  C C   . GLN B 1 37 ? -1.066  -1.021  -6.299  1.00 11.37 ? 39  GLN B C   1 
ATOM   717  O O   . GLN B 1 37 ? -0.404  -0.252  -5.602  1.00 13.72 ? 39  GLN B O   1 
ATOM   718  C CB  . GLN B 1 37 ? -2.558  -1.816  -4.462  1.00 12.35 ? 39  GLN B CB  1 
ATOM   719  C CG  . GLN B 1 37 ? -3.327  -0.876  -3.631  1.00 11.74 ? 39  GLN B CG  1 
ATOM   720  C CD  . GLN B 1 37 ? -3.199  -1.121  -2.146  1.00 10.30 ? 39  GLN B CD  1 
ATOM   721  O OE1 . GLN B 1 37 ? -2.658  -0.265  -1.429  1.00 13.12 ? 39  GLN B OE1 1 
ATOM   722  N NE2 . GLN B 1 37 ? -3.747  -2.210  -1.674  1.00 6.19  ? 39  GLN B NE2 1 
ATOM   723  N N   . ASN B 1 38 ? -0.549  -1.573  -7.388  1.00 10.37 ? 40  ASN B N   1 
ATOM   724  C CA  . ASN B 1 38 ? 0.717   -1.077  -7.880  1.00 12.66 ? 40  ASN B CA  1 
ATOM   725  C C   . ASN B 1 38 ? 0.598   -0.098  -9.043  1.00 10.12 ? 40  ASN B C   1 
ATOM   726  O O   . ASN B 1 38 ? 1.591   0.263   -9.658  1.00 13.09 ? 40  ASN B O   1 
ATOM   727  C CB  . ASN B 1 38 ? 1.637   -2.203  -8.218  1.00 13.06 ? 40  ASN B CB  1 
ATOM   728  C CG  . ASN B 1 38 ? 3.086   -1.781  -8.129  1.00 19.01 ? 40  ASN B CG  1 
ATOM   729  O OD1 . ASN B 1 38 ? 3.494   -1.074  -7.178  1.00 19.93 ? 40  ASN B OD1 1 
ATOM   730  N ND2 . ASN B 1 38 ? 3.869   -2.199  -9.106  1.00 12.73 ? 40  ASN B ND2 1 
ATOM   731  N N   . ASP B 1 39 ? -0.616  0.368   -9.259  1.00 10.07 ? 41  ASP B N   1 
ATOM   732  C CA  . ASP B 1 39 ? -0.927  1.351   -10.278 1.00 9.15  ? 41  ASP B CA  1 
ATOM   733  C C   . ASP B 1 39 ? -1.081  2.722   -9.601  1.00 9.96  ? 41  ASP B C   1 
ATOM   734  O O   . ASP B 1 39 ? -0.970  2.851   -8.363  1.00 10.04 ? 41  ASP B O   1 
ATOM   735  C CB  . ASP B 1 39 ? -2.231  0.980   -10.993 1.00 11.46 ? 41  ASP B CB  1 
ATOM   736  C CG  . ASP B 1 39 ? -2.076  -0.199  -11.942 1.00 12.67 ? 41  ASP B CG  1 
ATOM   737  O OD1 . ASP B 1 39 ? -0.917  -0.539  -12.294 1.00 14.49 ? 41  ASP B OD1 1 
ATOM   738  O OD2 . ASP B 1 39 ? -3.061  -0.823  -12.412 1.00 15.19 ? 41  ASP B OD2 1 
ATOM   739  N N   . TRP B 1 40 ? -1.375  3.728   -10.419 1.00 9.07  ? 42  TRP B N   1 
ATOM   740  C CA  . TRP B 1 40 ? -1.710  5.066   -9.963  1.00 10.12 ? 42  TRP B CA  1 
ATOM   741  C C   . TRP B 1 40 ? -3.206  5.283   -10.163 1.00 11.21 ? 42  TRP B C   1 
ATOM   742  O O   . TRP B 1 40 ? -3.751  4.977   -11.221 1.00 12.95 ? 42  TRP B O   1 
ATOM   743  C CB  . TRP B 1 40 ? -0.885  6.084   -10.763 1.00 10.25 ? 42  TRP B CB  1 
ATOM   744  C CG  . TRP B 1 40 ? 0.513   6.150   -10.313 1.00 8.86  ? 42  TRP B CG  1 
ATOM   745  C CD1 . TRP B 1 40 ? 1.409   5.117   -10.268 1.00 11.41 ? 42  TRP B CD1 1 
ATOM   746  C CD2 . TRP B 1 40 ? 1.185   7.294   -9.819  1.00 8.30  ? 42  TRP B CD2 1 
ATOM   747  N NE1 . TRP B 1 40 ? 2.609   5.549   -9.759  1.00 12.51 ? 42  TRP B NE1 1 
ATOM   748  C CE2 . TRP B 1 40 ? 2.503   6.881   -9.458  1.00 10.14 ? 42  TRP B CE2 1 
ATOM   749  C CE3 . TRP B 1 40 ? 0.818   8.634   -9.619  1.00 11.53 ? 42  TRP B CE3 1 
ATOM   750  C CZ2 . TRP B 1 40 ? 3.448   7.782   -8.956  1.00 12.22 ? 42  TRP B CZ2 1 
ATOM   751  C CZ3 . TRP B 1 40 ? 1.759   9.512   -9.132  1.00 11.73 ? 42  TRP B CZ3 1 
ATOM   752  C CH2 . TRP B 1 40 ? 3.049   9.084   -8.800  1.00 12.01 ? 42  TRP B CH2 1 
ATOM   753  N N   . TRP B 1 41 ? -3.856  5.790   -9.139  1.00 10.47 ? 43  TRP B N   1 
ATOM   754  C CA  . TRP B 1 41 ? -5.291  5.971   -9.143  1.00 10.14 ? 43  TRP B CA  1 
ATOM   755  C C   . TRP B 1 41 ? -5.601  7.459   -9.100  1.00 10.08 ? 43  TRP B C   1 
ATOM   756  O O   . TRP B 1 41 ? -4.676  8.272   -8.947  1.00 9.87  ? 43  TRP B O   1 
ATOM   757  C CB  . TRP B 1 41 ? -5.867  5.268   -7.928  1.00 9.18  ? 43  TRP B CB  1 
ATOM   758  C CG  . TRP B 1 41 ? -5.715  3.753   -7.918  1.00 10.35 ? 43  TRP B CG  1 
ATOM   759  C CD1 . TRP B 1 41 ? -5.299  2.931   -8.927  1.00 10.02 ? 43  TRP B CD1 1 
ATOM   760  C CD2 . TRP B 1 41 ? -5.992  2.897   -6.810  1.00 8.74  ? 43  TRP B CD2 1 
ATOM   761  N NE1 . TRP B 1 41 ? -5.310  1.617   -8.522  1.00 8.68  ? 43  TRP B NE1 1 
ATOM   762  C CE2 . TRP B 1 41 ? -5.751  1.561   -7.229  1.00 9.40  ? 43  TRP B CE2 1 
ATOM   763  C CE3 . TRP B 1 41 ? -6.438  3.123   -5.496  1.00 11.26 ? 43  TRP B CE3 1 
ATOM   764  C CZ2 . TRP B 1 41 ? -5.905  0.468   -6.372  1.00 11.23 ? 43  TRP B CZ2 1 
ATOM   765  C CZ3 . TRP B 1 41 ? -6.615  2.037   -4.660  1.00 12.03 ? 43  TRP B CZ3 1 
ATOM   766  C CH2 . TRP B 1 41 ? -6.353  0.722   -5.109  1.00 10.26 ? 43  TRP B CH2 1 
ATOM   767  N N   . THR B 1 42 ? -6.882  7.814   -9.210  1.00 9.10  ? 44  THR B N   1 
ATOM   768  C CA  . THR B 1 42 ? -7.299  9.202   -9.118  1.00 9.34  ? 44  THR B CA  1 
ATOM   769  C C   . THR B 1 42 ? -8.053  9.421   -7.825  1.00 9.48  ? 44  THR B C   1 
ATOM   770  O O   . THR B 1 42 ? -8.957  8.661   -7.508  1.00 9.14  ? 44  THR B O   1 
ATOM   771  C CB  . THR B 1 42 ? -8.208  9.567   -10.331 1.00 10.02 ? 44  THR B CB  1 
ATOM   772  O OG1 . THR B 1 42 ? -7.447  9.423   -11.531 1.00 9.26  ? 44  THR B OG1 1 
ATOM   773  C CG2 . THR B 1 42 ? -8.653  11.021  -10.304 1.00 12.09 ? 44  THR B CG2 1 
ATOM   774  N N   . GLY B 1 43 ? -7.668  10.448  -7.080  1.00 9.55  ? 45  GLY B N   1 
ATOM   775  C CA  . GLY B 1 43 ? -8.254  10.681  -5.776  1.00 11.59 ? 45  GLY B CA  1 
ATOM   776  C C   . GLY B 1 43 ? -8.446  12.137  -5.417  1.00 9.97  ? 45  GLY B C   1 
ATOM   777  O O   . GLY B 1 43 ? -7.988  13.024  -6.127  1.00 10.18 ? 45  GLY B O   1 
ATOM   778  N N   . ARG B 1 44 ? -9.143  12.352  -4.304  1.00 12.15 ? 46  ARG B N   1 
ATOM   779  C CA  . ARG B 1 44 ? -9.443  13.648  -3.731  1.00 12.02 ? 46  ARG B CA  1 
ATOM   780  C C   . ARG B 1 44 ? -9.115  13.659  -2.226  1.00 12.17 ? 46  ARG B C   1 
ATOM   781  O O   . ARG B 1 44 ? -9.461  12.713  -1.513  1.00 10.77 ? 46  ARG B O   1 
ATOM   782  C CB  . ARG B 1 44 ? -10.942 13.892  -3.942  1.00 14.04 ? 46  ARG B CB  1 
ATOM   783  C CG  A ARG B 1 44 ? -11.431 15.304  -3.764  0.50 15.99 ? 46  ARG B CG  1 
ATOM   784  C CG  B ARG B 1 44 ? -11.378 15.336  -3.874  0.50 16.38 ? 46  ARG B CG  1 
ATOM   785  C CD  A ARG B 1 44 ? -12.716 15.590  -4.533  0.50 15.70 ? 46  ARG B CD  1 
ATOM   786  C CD  B ARG B 1 44 ? -12.575 15.545  -2.992  0.50 17.18 ? 46  ARG B CD  1 
ATOM   787  N NE  A ARG B 1 44 ? -13.863 15.990  -3.709  0.50 18.23 ? 46  ARG B NE  1 
ATOM   788  N NE  B ARG B 1 44 ? -13.734 14.759  -3.414  0.50 17.98 ? 46  ARG B NE  1 
ATOM   789  C CZ  A ARG B 1 44 ? -13.880 16.985  -2.823  0.50 18.22 ? 46  ARG B CZ  1 
ATOM   790  C CZ  B ARG B 1 44 ? -14.634 14.216  -2.591  0.50 17.67 ? 46  ARG B CZ  1 
ATOM   791  N NH1 A ARG B 1 44 ? -12.799 17.736  -2.599  0.50 17.66 ? 46  ARG B NH1 1 
ATOM   792  N NH1 B ARG B 1 44 ? -14.523 14.334  -1.267  0.50 15.71 ? 46  ARG B NH1 1 
ATOM   793  N NH2 A ARG B 1 44 ? -14.999 17.227  -2.147  0.50 18.64 ? 46  ARG B NH2 1 
ATOM   794  N NH2 B ARG B 1 44 ? -15.661 13.541  -3.101  0.50 18.36 ? 46  ARG B NH2 1 
ATOM   795  N N   . THR B 1 45 ? -8.437  14.699  -1.748  1.00 12.72 ? 47  THR B N   1 
ATOM   796  C CA  . THR B 1 45 ? -8.299  14.921  -0.312  1.00 15.00 ? 47  THR B CA  1 
ATOM   797  C C   . THR B 1 45 ? -8.009  16.400  -0.012  1.00 17.84 ? 47  THR B C   1 
ATOM   798  O O   . THR B 1 45 ? -7.197  17.042  -0.684  1.00 18.46 ? 47  THR B O   1 
ATOM   799  C CB  . THR B 1 45 ? -7.242  13.967  0.316   1.00 16.24 ? 47  THR B CB  1 
ATOM   800  O OG1 . THR B 1 45 ? -7.305  14.030  1.754   1.00 16.44 ? 47  THR B OG1 1 
ATOM   801  C CG2 . THR B 1 45 ? -5.815  14.395  -0.043  1.00 17.13 ? 47  THR B CG2 1 
ATOM   802  N N   . ASN B 1 46 ? -8.702  16.918  0.996   1.00 18.68 ? 48  ASN B N   1 
ATOM   803  C CA  . ASN B 1 46 ? -8.560  18.313  1.436   1.00 21.23 ? 48  ASN B CA  1 
ATOM   804  C C   . ASN B 1 46 ? -8.777  19.301  0.277   1.00 20.26 ? 48  ASN B C   1 
ATOM   805  O O   . ASN B 1 46 ? -7.976  20.214  0.038   1.00 22.16 ? 48  ASN B O   1 
ATOM   806  C CB  . ASN B 1 46 ? -7.207  18.516  2.157   1.00 23.64 ? 48  ASN B CB  1 
ATOM   807  C CG  . ASN B 1 46 ? -7.113  17.721  3.486   1.00 25.76 ? 48  ASN B CG  1 
ATOM   808  O OD1 . ASN B 1 46 ? -7.551  18.205  4.539   1.00 27.45 ? 48  ASN B OD1 1 
ATOM   809  N ND2 . ASN B 1 46 ? -6.547  16.503  3.430   1.00 29.60 ? 48  ASN B ND2 1 
ATOM   810  N N   . GLY B 1 47 ? -9.870  19.076  -0.450  1.00 18.87 ? 49  GLY B N   1 
ATOM   811  C CA  . GLY B 1 47 ? -10.326 19.985  -1.480  1.00 17.73 ? 49  GLY B CA  1 
ATOM   812  C C   . GLY B 1 47 ? -9.618  19.886  -2.822  1.00 17.53 ? 49  GLY B C   1 
ATOM   813  O O   . GLY B 1 47 ? -9.904  20.671  -3.724  1.00 17.86 ? 49  GLY B O   1 
ATOM   814  N N   . LYS B 1 48 ? -8.718  18.919  -2.969  1.00 15.89 ? 50  LYS B N   1 
ATOM   815  C CA  . LYS B 1 48 ? -7.847  18.858  -4.151  1.00 16.12 ? 50  LYS B CA  1 
ATOM   816  C C   . LYS B 1 48 ? -7.902  17.487  -4.818  1.00 15.58 ? 50  LYS B C   1 
ATOM   817  O O   . LYS B 1 48 ? -8.203  16.489  -4.171  1.00 14.32 ? 50  LYS B O   1 
ATOM   818  C CB  . LYS B 1 48 ? -6.426  19.237  -3.753  1.00 17.52 ? 50  LYS B CB  1 
ATOM   819  C CG  . LYS B 1 48 ? -6.281  20.719  -3.416  1.00 19.33 ? 50  LYS B CG  1 
ATOM   820  C CD  . LYS B 1 48 ? -4.843  21.183  -3.399  1.00 21.17 ? 50  LYS B CD  1 
ATOM   821  C CE  . LYS B 1 48 ? -4.689  22.543  -2.707  1.00 21.78 ? 50  LYS B CE  1 
ATOM   822  N NZ  . LYS B 1 48 ? -5.307  23.664  -3.465  1.00 25.81 ? 50  LYS B NZ  1 
ATOM   823  N N   . GLU B 1 49 ? -7.615  17.455  -6.117  1.00 15.90 ? 51  GLU B N   1 
ATOM   824  C CA  . GLU B 1 49 ? -7.817  16.266  -6.937  1.00 15.55 ? 51  GLU B CA  1 
ATOM   825  C C   . GLU B 1 49 ? -6.579  15.972  -7.763  1.00 13.96 ? 51  GLU B C   1 
ATOM   826  O O   . GLU B 1 49 ? -5.887  16.894  -8.211  1.00 14.59 ? 51  GLU B O   1 
ATOM   827  C CB  . GLU B 1 49 ? -9.000  16.485  -7.875  1.00 15.95 ? 51  GLU B CB  1 
ATOM   828  C CG  . GLU B 1 49 ? -9.965  15.321  -7.979  1.00 19.38 ? 51  GLU B CG  1 
ATOM   829  C CD  . GLU B 1 49 ? -11.297 15.708  -8.615  1.00 20.53 ? 51  GLU B CD  1 
ATOM   830  O OE1 . GLU B 1 49 ? -12.227 16.200  -7.905  1.00 20.92 ? 51  GLU B OE1 1 
ATOM   831  O OE2 . GLU B 1 49 ? -11.404 15.493  -9.836  1.00 20.05 ? 51  GLU B OE2 1 
ATOM   832  N N   . GLY B 1 50 ? -6.328  14.692  -8.001  1.00 12.66 ? 52  GLY B N   1 
ATOM   833  C CA  . GLY B 1 50 ? -5.248  14.305  -8.897  1.00 10.13 ? 52  GLY B CA  1 
ATOM   834  C C   . GLY B 1 50 ? -4.906  12.833  -8.853  1.00 10.20 ? 52  GLY B C   1 
ATOM   835  O O   . GLY B 1 50 ? -5.595  12.048  -8.179  1.00 9.83  ? 52  GLY B O   1 
ATOM   836  N N   . ILE B 1 51 ? -3.836  12.460  -9.555  1.00 9.15  ? 53  ILE B N   1 
ATOM   837  C CA  . ILE B 1 51 ? -3.362  11.079  -9.552  1.00 9.89  ? 53  ILE B CA  1 
ATOM   838  C C   . ILE B 1 51 ? -2.363  10.808  -8.425  1.00 9.45  ? 53  ILE B C   1 
ATOM   839  O O   . ILE B 1 51 ? -1.622  11.687  -7.988  1.00 8.62  ? 53  ILE B O   1 
ATOM   840  C CB  . ILE B 1 51 ? -2.837  10.648  -10.952 1.00 9.62  ? 53  ILE B CB  1 
ATOM   841  C CG1 . ILE B 1 51 ? -1.579  11.442  -11.357 1.00 11.96 ? 53  ILE B CG1 1 
ATOM   842  C CG2 . ILE B 1 51 ? -3.955  10.798  -12.005 1.00 10.57 ? 53  ILE B CG2 1 
ATOM   843  C CD1 . ILE B 1 51 ? -0.806  10.788  -12.512 1.00 13.10 ? 53  ILE B CD1 1 
ATOM   844  N N   . PHE B 1 52 ? -2.325  9.560   -7.945  1.00 9.62  ? 54  PHE B N   1 
ATOM   845  C CA  . PHE B 1 52 ? -1.425  9.211   -6.859  1.00 9.90  ? 54  PHE B CA  1 
ATOM   846  C C   . PHE B 1 52 ? -1.060  7.735   -6.917  1.00 8.90  ? 54  PHE B C   1 
ATOM   847  O O   . PHE B 1 52 ? -1.754  6.934   -7.507  1.00 8.41  ? 54  PHE B O   1 
ATOM   848  C CB  . PHE B 1 52 ? -2.066  9.538   -5.527  1.00 10.44 ? 54  PHE B CB  1 
ATOM   849  C CG  . PHE B 1 52 ? -3.251  8.663   -5.183  1.00 11.12 ? 54  PHE B CG  1 
ATOM   850  C CD1 . PHE B 1 52 ? -3.099  7.557   -4.363  1.00 10.81 ? 54  PHE B CD1 1 
ATOM   851  C CD2 . PHE B 1 52 ? -4.519  8.931   -5.687  1.00 10.47 ? 54  PHE B CD2 1 
ATOM   852  C CE1 . PHE B 1 52 ? -4.174  6.762   -4.052  1.00 10.96 ? 54  PHE B CE1 1 
ATOM   853  C CE2 . PHE B 1 52 ? -5.606  8.127   -5.381  1.00 10.30 ? 54  PHE B CE2 1 
ATOM   854  C CZ  . PHE B 1 52 ? -5.428  7.033   -4.558  1.00 9.06  ? 54  PHE B CZ  1 
ATOM   855  N N   . PRO B 1 53 ? 0.079   7.396   -6.340  1.00 9.04  ? 55  PRO B N   1 
ATOM   856  C CA  . PRO B 1 53 ? 0.532   6.017   -6.280  1.00 8.05  ? 55  PRO B CA  1 
ATOM   857  C C   . PRO B 1 53 ? -0.257  5.196   -5.246  1.00 8.98  ? 55  PRO B C   1 
ATOM   858  O O   . PRO B 1 53 ? -0.206  5.478   -4.054  1.00 9.53  ? 55  PRO B O   1 
ATOM   859  C CB  . PRO B 1 53 ? 2.000   6.161   -5.865  1.00 8.34  ? 55  PRO B CB  1 
ATOM   860  C CG  . PRO B 1 53 ? 2.066   7.420   -5.116  1.00 10.07 ? 55  PRO B CG  1 
ATOM   861  C CD  . PRO B 1 53 ? 1.053   8.348   -5.748  1.00 9.75  ? 55  PRO B CD  1 
ATOM   862  N N   . ALA B 1 54 ? -1.001  4.202   -5.717  1.00 8.29  ? 56  ALA B N   1 
ATOM   863  C CA  . ALA B 1 54 ? -1.854  3.405   -4.838  1.00 9.02  ? 56  ALA B CA  1 
ATOM   864  C C   . ALA B 1 54 ? -1.044  2.606   -3.831  1.00 8.14  ? 56  ALA B C   1 
ATOM   865  O O   . ALA B 1 54 ? -1.558  2.190   -2.793  1.00 7.75  ? 56  ALA B O   1 
ATOM   866  C CB  . ALA B 1 54 ? -2.761  2.511   -5.626  1.00 8.46  ? 56  ALA B CB  1 
ATOM   867  N N   . ASN B 1 55 ? 0.239   2.404   -4.085  1.00 7.28  ? 57  ASN B N   1 
ATOM   868  C CA  . ASN B 1 55 ? 1.062   1.665   -3.122  1.00 8.85  ? 57  ASN B CA  1 
ATOM   869  C C   . ASN B 1 55 ? 1.453   2.477   -1.906  1.00 8.20  ? 57  ASN B C   1 
ATOM   870  O O   . ASN B 1 55 ? 1.971   1.886   -0.952  1.00 8.80  ? 57  ASN B O   1 
ATOM   871  C CB  . ASN B 1 55 ? 2.266   0.953   -3.768  1.00 10.63 ? 57  ASN B CB  1 
ATOM   872  C CG  . ASN B 1 55 ? 3.205   1.842   -4.427  1.00 12.02 ? 57  ASN B CG  1 
ATOM   873  O OD1 . ASN B 1 55 ? 3.296   3.037   -4.151  1.00 14.31 ? 57  ASN B OD1 1 
ATOM   874  N ND2 . ASN B 1 55 ? 3.939   1.262   -5.385  1.00 16.73 ? 57  ASN B ND2 1 
ATOM   875  N N   . TYR B 1 56 ? 1.049   3.755   -1.868  1.00 7.79  ? 58  TYR B N   1 
ATOM   876  C CA  . TYR B 1 56 ? 1.288   4.620   -0.693  1.00 8.38  ? 58  TYR B CA  1 
ATOM   877  C C   . TYR B 1 56 ? 0.154   4.574   0.310   1.00 9.49  ? 58  TYR B C   1 
ATOM   878  O O   . TYR B 1 56 ? 0.263   5.186   1.353   1.00 8.70  ? 58  TYR B O   1 
ATOM   879  C CB  . TYR B 1 56 ? 1.439   6.088   -1.092  1.00 8.81  ? 58  TYR B CB  1 
ATOM   880  C CG  . TYR B 1 56 ? 2.810   6.527   -1.498  1.00 10.08 ? 58  TYR B CG  1 
ATOM   881  C CD1 . TYR B 1 56 ? 3.549   5.836   -2.467  1.00 11.05 ? 58  TYR B CD1 1 
ATOM   882  C CD2 . TYR B 1 56 ? 3.350   7.708   -0.965  1.00 11.29 ? 58  TYR B CD2 1 
ATOM   883  C CE1 . TYR B 1 56 ? 4.810   6.324   -2.897  1.00 11.52 ? 58  TYR B CE1 1 
ATOM   884  C CE2 . TYR B 1 56 ? 4.584   8.157   -1.347  1.00 11.83 ? 58  TYR B CE2 1 
ATOM   885  C CZ  . TYR B 1 56 ? 5.301   7.468   -2.307  1.00 11.61 ? 58  TYR B CZ  1 
ATOM   886  O OH  . TYR B 1 56 ? 6.525   7.932   -2.713  1.00 17.60 ? 58  TYR B OH  1 
ATOM   887  N N   . VAL B 1 57 ? -0.925  3.864   -0.016  1.00 7.82  ? 59  VAL B N   1 
ATOM   888  C CA  . VAL B 1 57 ? -2.118  3.914   0.832   1.00 8.77  ? 59  VAL B CA  1 
ATOM   889  C C   . VAL B 1 57 ? -2.582  2.521   1.254   1.00 8.12  ? 59  VAL B C   1 
ATOM   890  O O   . VAL B 1 57 ? -2.170  1.484   0.698   1.00 7.15  ? 59  VAL B O   1 
ATOM   891  C CB  . VAL B 1 57 ? -3.291  4.638   0.122   1.00 8.34  ? 59  VAL B CB  1 
ATOM   892  C CG1 . VAL B 1 57 ? -2.836  5.960   -0.460  1.00 10.51 ? 59  VAL B CG1 1 
ATOM   893  C CG2 . VAL B 1 57 ? -3.911  3.768   -0.966  1.00 10.74 ? 59  VAL B CG2 1 
ATOM   894  N N   . ARG B 1 58 ? -3.484  2.535   2.230   1.00 8.26  ? 60  ARG B N   1 
ATOM   895  C CA  . ARG B 1 58 ? -4.240  1.335   2.639   1.00 6.74  ? 60  ARG B CA  1 
ATOM   896  C C   . ARG B 1 58 ? -5.673  1.550   2.189   1.00 7.59  ? 60  ARG B C   1 
ATOM   897  O O   . ARG B 1 58 ? -6.289  2.541   2.560   1.00 7.86  ? 60  ARG B O   1 
ATOM   898  C CB  . ARG B 1 58 ? -4.224  1.176   4.158   1.00 6.26  ? 60  ARG B CB  1 
ATOM   899  C CG  . ARG B 1 58 ? -5.163  0.109   4.683   1.00 5.01  ? 60  ARG B CG  1 
ATOM   900  C CD  . ARG B 1 58 ? -5.527  0.273   6.127   1.00 3.81  ? 60  ARG B CD  1 
ATOM   901  N NE  . ARG B 1 58 ? -6.408  -0.805  6.569   1.00 2.65  ? 60  ARG B NE  1 
ATOM   902  C CZ  . ARG B 1 58 ? -6.937  -0.897  7.787   1.00 3.12  ? 60  ARG B CZ  1 
ATOM   903  N NH1 . ARG B 1 58 ? -6.661  0.053   8.679   1.00 2.69  ? 60  ARG B NH1 1 
ATOM   904  N NH2 . ARG B 1 58 ? -7.721  -1.912  8.119   1.00 2.00  ? 60  ARG B NH2 1 
ATOM   905  N N   . VAL B 1 59 ? -6.222  0.612   1.437   1.00 7.35  ? 61  VAL B N   1 
ATOM   906  C CA  . VAL B 1 59 ? -7.626  0.678   1.005   1.00 10.86 ? 61  VAL B CA  1 
ATOM   907  C C   . VAL B 1 59 ? -8.457  0.402   2.258   1.00 10.95 ? 61  VAL B C   1 
ATOM   908  O O   . VAL B 1 59 ? -8.180  -0.548  3.007   1.00 11.06 ? 61  VAL B O   1 
ATOM   909  C CB  . VAL B 1 59 ? -7.882  -0.333  -0.128  1.00 11.51 ? 61  VAL B CB  1 
ATOM   910  C CG1 . VAL B 1 59 ? -9.399  -0.529  -0.400  1.00 15.50 ? 61  VAL B CG1 1 
ATOM   911  C CG2 . VAL B 1 59 ? -7.128  0.071   -1.369  1.00 13.71 ? 61  VAL B CG2 1 
ATOM   912  N N   . SER B 1 60 ? -9.436  1.262   2.531   1.00 11.20 ? 62  SER B N   1 
ATOM   913  C CA  . SER B 1 60 ? -10.086 1.252   3.838   1.00 13.81 ? 62  SER B CA  1 
ATOM   914  C C   . SER B 1 60 ? -11.576 1.069   3.643   1.00 15.02 ? 62  SER B C   1 
ATOM   915  O O   . SER B 1 60 ? -11.957 0.756   2.514   1.00 14.24 ? 62  SER B O   1 
ATOM   916  C CB  A SER B 1 60 ? -9.764  2.540   4.630   0.50 13.81 ? 62  SER B CB  1 
ATOM   917  C CB  B SER B 1 60 ? -9.778  2.550   4.592   0.50 14.77 ? 62  SER B CB  1 
ATOM   918  O OG  A SER B 1 60 ? -10.117 3.719   3.923   0.50 9.84  ? 62  SER B OG  1 
ATOM   919  O OG  B SER B 1 60 ? -8.396  2.624   4.886   0.50 14.71 ? 62  SER B OG  1 
ATOM   920  O OXT . SER B 1 60 ? -12.339 1.184   4.598   1.00 19.53 ? 62  SER B OXT 1 
HETATM 921  O O   . HOH C 2 .  ? 9.740   0.640   -1.047  1.00 14.34 ? 63  HOH A O   1 
HETATM 922  O O   . HOH C 2 .  ? -6.296  -3.408  15.140  1.00 14.02 ? 64  HOH A O   1 
HETATM 923  O O   . HOH C 2 .  ? 13.697  -9.272  -4.915  1.00 11.12 ? 65  HOH A O   1 
HETATM 924  O O   . HOH C 2 .  ? 14.563  -8.401  -2.398  1.00 12.98 ? 66  HOH A O   1 
HETATM 925  O O   . HOH C 2 .  ? 2.621   2.018   8.938   1.00 16.40 ? 67  HOH A O   1 
HETATM 926  O O   . HOH C 2 .  ? 10.012  -3.015  -3.952  1.00 15.52 ? 68  HOH A O   1 
HETATM 927  O O   . HOH C 2 .  ? 16.323  -9.263  5.421   1.00 14.29 ? 69  HOH A O   1 
HETATM 928  O O   . HOH C 2 .  ? 18.219  -11.101 2.957   1.00 14.09 ? 70  HOH A O   1 
HETATM 929  O O   . HOH C 2 .  ? 15.870  0.555   4.659   1.00 15.72 ? 71  HOH A O   1 
HETATM 930  O O   . HOH C 2 .  ? 10.865  -7.256  7.450   1.00 15.36 ? 72  HOH A O   1 
HETATM 931  O O   . HOH C 2 .  ? 15.814  1.716   10.050  1.00 16.92 ? 73  HOH A O   1 
HETATM 932  O O   . HOH C 2 .  ? 17.115  -13.633 3.588   1.00 15.10 ? 74  HOH A O   1 
HETATM 933  O O   . HOH C 2 .  ? 13.318  -7.899  6.402   1.00 21.41 ? 75  HOH A O   1 
HETATM 934  O O   . HOH C 2 .  ? 5.248   1.662   6.153   1.00 14.83 ? 76  HOH A O   1 
HETATM 935  O O   . HOH C 2 .  ? -5.304  -11.007 0.751   1.00 19.93 ? 77  HOH A O   1 
HETATM 936  O O   . HOH C 2 .  ? 15.237  -4.076  2.725   1.00 20.89 ? 78  HOH A O   1 
HETATM 937  O O   . HOH C 2 .  ? 14.375  5.667   7.978   1.00 18.83 ? 79  HOH A O   1 
HETATM 938  O O   . HOH C 2 .  ? 12.209  1.955   2.361   1.00 18.59 ? 80  HOH A O   1 
HETATM 939  O O   . HOH C 2 .  ? 3.670   -21.167 1.969   1.00 23.91 ? 81  HOH A O   1 
HETATM 940  O O   . HOH C 2 .  ? 15.336  3.448   2.349   1.00 17.18 ? 82  HOH A O   1 
HETATM 941  O O   . HOH C 2 .  ? 14.084  -2.252  6.458   1.00 21.66 ? 83  HOH A O   1 
HETATM 942  O O   . HOH C 2 .  ? 12.836  -1.244  13.214  1.00 22.77 ? 84  HOH A O   1 
HETATM 943  O O   . HOH C 2 .  ? 11.336  4.026   8.279   1.00 20.25 ? 85  HOH A O   1 
HETATM 944  O O   . HOH C 2 .  ? 9.502   -18.795 6.698   1.00 16.38 ? 86  HOH A O   1 
HETATM 945  O O   . HOH C 2 .  ? 8.262   -15.379 16.837  1.00 20.28 ? 87  HOH A O   1 
HETATM 946  O O   . HOH C 2 .  ? 12.239  -18.429 6.016   1.00 22.24 ? 88  HOH A O   1 
HETATM 947  O O   . HOH C 2 .  ? 8.497   1.095   -3.456  1.00 20.60 ? 89  HOH A O   1 
HETATM 948  O O   . HOH C 2 .  ? 7.918   4.199   -3.830  1.00 29.58 ? 90  HOH A O   1 
HETATM 949  O O   . HOH C 2 .  ? 0.321   -1.846  14.586  1.00 19.56 ? 91  HOH A O   1 
HETATM 950  O O   . HOH C 2 .  ? 8.630   4.806   9.096   1.00 20.78 ? 92  HOH A O   1 
HETATM 951  O O   . HOH C 2 .  ? 4.862   -3.994  12.019  1.00 24.35 ? 93  HOH A O   1 
HETATM 952  O O   . HOH C 2 .  ? -7.309  -11.742 13.058  1.00 22.61 ? 94  HOH A O   1 
HETATM 953  O O   . HOH C 2 .  ? 5.533   -12.594 -5.030  1.00 20.30 ? 95  HOH A O   1 
HETATM 954  O O   . HOH C 2 .  ? 11.707  -9.449  10.089  1.00 19.08 ? 96  HOH A O   1 
HETATM 955  O O   . HOH C 2 .  ? 7.712   3.536   12.749  1.00 26.44 ? 97  HOH A O   1 
HETATM 956  O O   . HOH C 2 .  ? 6.550   -0.853  -6.447  1.00 25.49 ? 98  HOH A O   1 
HETATM 957  O O   . HOH C 2 .  ? 4.676   -5.506  14.277  1.00 24.09 ? 99  HOH A O   1 
HETATM 958  O O   . HOH C 2 .  ? 14.338  -13.565 2.557   1.00 20.04 ? 100 HOH A O   1 
HETATM 959  O O   . HOH C 2 .  ? -3.403  -16.958 2.757   1.00 23.64 ? 101 HOH A O   1 
HETATM 960  O O   . HOH C 2 .  ? 0.067   -16.300 -0.948  1.00 24.27 ? 102 HOH A O   1 
HETATM 961  O O   . HOH C 2 .  ? 11.743  -7.709  13.488  1.00 22.57 ? 103 HOH A O   1 
HETATM 962  O O   . HOH C 2 .  ? 4.181   -10.010 -7.787  1.00 22.68 ? 104 HOH A O   1 
HETATM 963  O O   . HOH C 2 .  ? 2.615   -22.143 10.111  1.00 25.10 ? 105 HOH A O   1 
HETATM 964  O O   . HOH C 2 .  ? -9.563  -8.168  4.732   1.00 25.29 ? 106 HOH A O   1 
HETATM 965  O O   . HOH C 2 .  ? -13.012 -8.043  9.655   1.00 26.35 ? 107 HOH A O   1 
HETATM 966  O O   . HOH C 2 .  ? 2.779   -22.553 5.427   1.00 23.53 ? 108 HOH A O   1 
HETATM 967  O O   . HOH C 2 .  ? 9.231   -21.314 5.684   1.00 19.30 ? 109 HOH A O   1 
HETATM 968  O O   . HOH C 2 .  ? -8.106  -7.283  13.928  1.00 20.81 ? 110 HOH A O   1 
HETATM 969  O O   . HOH C 2 .  ? -3.704  -16.302 5.768   1.00 26.40 ? 111 HOH A O   1 
HETATM 970  O O   . HOH C 2 .  ? 1.174   -22.047 7.320   1.00 22.79 ? 112 HOH A O   1 
HETATM 971  O O   . HOH C 2 .  ? -12.219 -6.801  6.174   1.00 25.41 ? 113 HOH A O   1 
HETATM 972  O O   . HOH C 2 .  ? -10.265 -4.811  1.642   1.00 21.25 ? 114 HOH A O   1 
HETATM 973  O O   . HOH C 2 .  ? 0.606   1.349   1.244   1.00 19.31 ? 115 HOH A O   1 
HETATM 974  O O   . HOH C 2 .  ? 6.960   -4.702  15.563  1.00 23.41 ? 116 HOH A O   1 
HETATM 975  O O   . HOH C 2 .  ? 2.349   -18.038 12.291  1.00 23.04 ? 117 HOH A O   1 
HETATM 976  O O   . HOH C 2 .  ? 13.717  -3.191  8.742   1.00 29.86 ? 118 HOH A O   1 
HETATM 977  O O   . HOH C 2 .  ? 8.263   -9.513  -7.803  1.00 23.74 ? 119 HOH A O   1 
HETATM 978  O O   . HOH C 2 .  ? 15.470  -1.275  2.585   1.00 30.87 ? 120 HOH A O   1 
HETATM 979  O O   . HOH C 2 .  ? 9.995   -11.584 13.214  1.00 24.45 ? 121 HOH A O   1 
HETATM 980  O O   . HOH C 2 .  ? 10.901  -1.816  -1.685  1.00 18.94 ? 122 HOH A O   1 
HETATM 981  O O   . HOH C 2 .  ? 12.382  -8.611  -10.682 1.00 24.79 ? 123 HOH A O   1 
HETATM 982  O O   . HOH C 2 .  ? 14.209  -5.222  5.592   1.00 25.00 ? 124 HOH A O   1 
HETATM 983  O O   . HOH C 2 .  ? 8.994   -6.139  16.530  1.00 23.52 ? 125 HOH A O   1 
HETATM 984  O O   . HOH C 2 .  ? 15.431  -3.683  -0.260  1.00 27.96 ? 126 HOH A O   1 
HETATM 985  O O   . HOH C 2 .  ? -3.581  -13.492 0.044   1.00 21.90 ? 127 HOH A O   1 
HETATM 986  O O   . HOH C 2 .  ? 11.867  4.382   3.678   0.50 29.51 ? 128 HOH A O   1 
HETATM 987  O O   . HOH C 2 .  ? 9.415   -18.251 11.456  1.00 23.29 ? 129 HOH A O   1 
HETATM 988  O O   . HOH C 2 .  ? 10.907  -19.215 9.195   1.00 23.70 ? 130 HOH A O   1 
HETATM 989  O O   . HOH C 2 .  ? -5.836  -8.754  -0.474  1.00 26.19 ? 131 HOH A O   1 
HETATM 990  O O   . HOH C 2 .  ? 17.635  -5.834  2.580   1.00 29.59 ? 132 HOH A O   1 
HETATM 991  O O   . HOH C 2 .  ? 6.485   -20.131 -1.347  1.00 25.39 ? 133 HOH A O   1 
HETATM 992  O O   . HOH C 2 .  ? 3.189   -13.699 -6.589  1.00 27.74 ? 134 HOH A O   1 
HETATM 993  O O   . HOH C 2 .  ? -2.639  -14.630 -2.197  1.00 37.37 ? 135 HOH A O   1 
HETATM 994  O O   . HOH C 2 .  ? -7.618  -12.258 1.629   1.00 28.74 ? 136 HOH A O   1 
HETATM 995  O O   . HOH C 2 .  ? 3.625   -15.433 -3.986  1.00 24.79 ? 137 HOH A O   1 
HETATM 996  O O   . HOH C 2 .  ? 6.038   -22.680 1.212   1.00 27.52 ? 138 HOH A O   1 
HETATM 997  O O   . HOH C 2 .  ? 3.369   2.643   11.516  1.00 25.61 ? 139 HOH A O   1 
HETATM 998  O O   . HOH C 2 .  ? 2.179   0.806   13.132  1.00 28.52 ? 140 HOH A O   1 
HETATM 999  O O   . HOH C 2 .  ? 3.872   -4.811  -11.987 1.00 31.22 ? 141 HOH A O   1 
HETATM 1000 O O   . HOH C 2 .  ? -1.335  -17.996 0.958   1.00 27.38 ? 142 HOH A O   1 
HETATM 1001 O O   . HOH C 2 .  ? 10.508  4.669   12.504  1.00 27.60 ? 143 HOH A O   1 
HETATM 1002 O O   . HOH C 2 .  ? 10.296  -0.861  -5.715  1.00 25.86 ? 144 HOH A O   1 
HETATM 1003 O O   . HOH C 2 .  ? 1.307   -22.791 2.443   1.00 28.38 ? 145 HOH A O   1 
HETATM 1004 O O   . HOH C 2 .  ? 6.859   -19.489 12.055  1.00 28.88 ? 146 HOH A O   1 
HETATM 1005 O O   . HOH C 2 .  ? 5.309   -24.001 7.242   1.00 30.10 ? 147 HOH A O   1 
HETATM 1006 O O   . HOH C 2 .  ? 9.894   -5.494  -10.226 1.00 31.06 ? 148 HOH A O   1 
HETATM 1007 O O   . HOH C 2 .  ? 11.263  -16.324 12.738  1.00 26.88 ? 149 HOH A O   1 
HETATM 1008 O O   . HOH C 2 .  ? 2.970   -20.242 -1.558  1.00 29.12 ? 150 HOH A O   1 
HETATM 1009 O O   . HOH C 2 .  ? -8.255  -12.024 4.340   1.00 27.77 ? 151 HOH A O   1 
HETATM 1010 O O   . HOH C 2 .  ? 16.598  -3.618  -6.825  1.00 28.74 ? 152 HOH A O   1 
HETATM 1011 O O   . HOH C 2 .  ? 3.284   -2.094  14.541  1.00 25.18 ? 153 HOH A O   1 
HETATM 1012 O O   . HOH C 2 .  ? -1.949  -22.724 7.764   1.00 32.41 ? 154 HOH A O   1 
HETATM 1013 O O   . HOH C 2 .  ? 12.714  -11.294 12.318  1.00 30.00 ? 155 HOH A O   1 
HETATM 1014 O O   . HOH C 2 .  ? 10.939  -8.609  -7.987  1.00 30.79 ? 156 HOH A O   1 
HETATM 1015 O O   . HOH C 2 .  ? -7.217  -9.920  3.446   1.00 24.28 ? 157 HOH A O   1 
HETATM 1016 O O   . HOH C 2 .  ? -6.493  -15.827 5.561   1.00 27.41 ? 158 HOH A O   1 
HETATM 1017 O O   . HOH C 2 .  ? -6.186  -7.239  -3.949  1.00 29.08 ? 159 HOH A O   1 
HETATM 1018 O O   . HOH C 2 .  ? -5.695  -4.685  -5.058  1.00 26.45 ? 160 HOH A O   1 
HETATM 1019 O O   . HOH C 2 .  ? 6.552   -7.980  -9.821  1.00 28.18 ? 161 HOH A O   1 
HETATM 1020 O O   . HOH C 2 .  ? 9.038   -2.496  18.955  1.00 29.04 ? 162 HOH A O   1 
HETATM 1021 O O   . HOH C 2 .  ? 13.207  -2.391  -5.800  1.00 32.88 ? 163 HOH A O   1 
HETATM 1022 O O   . HOH C 2 .  ? -6.298  -5.248  -0.041  1.00 26.34 ? 164 HOH A O   1 
HETATM 1023 O O   . HOH C 2 .  ? 8.912   -21.223 0.858   1.00 29.70 ? 165 HOH A O   1 
HETATM 1024 O O   . HOH C 2 .  ? -8.078  -7.492  2.160   1.00 26.83 ? 166 HOH A O   1 
HETATM 1025 O O   . HOH C 2 .  ? 6.078   -24.168 10.489  1.00 32.12 ? 167 HOH A O   1 
HETATM 1026 O O   . HOH C 2 .  ? -4.783  -10.345 -10.015 1.00 31.03 ? 168 HOH A O   1 
HETATM 1027 O O   . HOH C 2 .  ? 13.564  -2.023  1.005   1.00 33.73 ? 169 HOH A O   1 
HETATM 1028 O O   . HOH C 2 .  ? 11.330  1.626   -4.447  1.00 30.69 ? 170 HOH A O   1 
HETATM 1029 O O   . HOH C 2 .  ? -4.142  -21.103 1.502   1.00 31.77 ? 171 HOH A O   1 
HETATM 1030 O O   . HOH C 2 .  ? -10.803 -7.018  13.911  1.00 28.38 ? 172 HOH A O   1 
HETATM 1031 O O   . HOH C 2 .  ? 9.816   5.226   -2.825  1.00 31.94 ? 173 HOH A O   1 
HETATM 1032 O O   . HOH C 2 .  ? 12.652  4.147   10.528  1.00 30.58 ? 174 HOH A O   1 
HETATM 1033 O O   . HOH C 2 .  ? 15.849  -3.809  -4.183  1.00 32.31 ? 175 HOH A O   1 
HETATM 1034 O O   . HOH C 2 .  ? 13.764  -1.914  -1.540  1.00 26.62 ? 176 HOH A O   1 
HETATM 1035 O O   . HOH C 2 .  ? -5.095  -15.617 1.004   1.00 27.93 ? 177 HOH A O   1 
HETATM 1036 O O   . HOH C 2 .  ? 14.545  -2.215  -9.347  1.00 30.27 ? 178 HOH A O   1 
HETATM 1037 O O   . HOH C 2 .  ? 13.353  1.958   -3.204  0.50 33.12 ? 179 HOH A O   1 
HETATM 1038 O O   . HOH C 2 .  ? -7.252  -14.882 2.886   1.00 30.35 ? 180 HOH A O   1 
HETATM 1039 O O   . HOH C 2 .  ? 0.279   -20.488 0.622   1.00 26.68 ? 181 HOH A O   1 
HETATM 1040 O O   . HOH C 2 .  ? 11.578  3.951   -3.153  1.00 30.23 ? 182 HOH A O   1 
HETATM 1041 O O   . HOH C 2 .  ? -6.573  -19.221 5.062   1.00 28.33 ? 183 HOH A O   1 
HETATM 1042 O O   . HOH C 2 .  ? 13.876  0.238   2.770   1.00 33.28 ? 184 HOH A O   1 
HETATM 1043 O O   . HOH C 2 .  ? -5.028  -16.421 -3.544  1.00 31.66 ? 185 HOH A O   1 
HETATM 1044 O O   . HOH C 2 .  ? 9.022   6.059   -5.386  1.00 29.17 ? 186 HOH A O   1 
HETATM 1045 O O   . HOH C 2 .  ? 11.699  4.065   14.539  1.00 29.44 ? 187 HOH A O   1 
HETATM 1046 O O   . HOH C 2 .  ? 12.384  0.981   13.802  1.00 32.52 ? 188 HOH A O   1 
HETATM 1047 O O   . HOH C 2 .  ? 2.317   2.496   15.260  1.00 30.93 ? 189 HOH A O   1 
HETATM 1048 O O   . HOH C 2 .  ? -3.445  -20.470 8.038   1.00 31.66 ? 190 HOH A O   1 
HETATM 1049 O O   . HOH C 2 .  ? 6.999   -22.899 5.319   1.00 30.70 ? 191 HOH A O   1 
HETATM 1050 O O   . HOH C 2 .  ? -12.310 -6.394  3.000   1.00 31.63 ? 192 HOH A O   1 
HETATM 1051 O O   . HOH C 2 .  ? 11.200  -14.109 13.559  1.00 29.01 ? 193 HOH A O   1 
HETATM 1052 O O   . HOH C 2 .  ? 18.955  -4.423  -7.504  1.00 33.65 ? 194 HOH A O   1 
HETATM 1053 O O   . HOH C 2 .  ? -1.703  -7.947  -8.804  1.00 36.92 ? 195 HOH A O   1 
HETATM 1054 O O   . HOH C 2 .  ? 9.551   4.564   -7.721  1.00 30.88 ? 196 HOH A O   1 
HETATM 1055 O O   . HOH C 2 .  ? 9.540   -3.518  -11.021 1.00 35.85 ? 197 HOH A O   1 
HETATM 1056 O O   . HOH C 2 .  ? -10.728 -8.120  11.750  1.00 34.39 ? 198 HOH A O   1 
HETATM 1057 O O   . HOH C 2 .  ? 10.893  -21.858 10.506  1.00 33.68 ? 199 HOH A O   1 
HETATM 1058 O O   . HOH C 2 .  ? -9.204  -12.725 -1.399  1.00 35.88 ? 200 HOH A O   1 
HETATM 1059 O O   . HOH D 2 .  ? -4.473  -1.732  0.964   1.00 14.33 ? 63  HOH B O   1 
HETATM 1060 O O   . HOH D 2 .  ? 3.272   0.468   3.285   1.00 13.58 ? 64  HOH B O   1 
HETATM 1061 O O   . HOH D 2 .  ? 1.325   2.387   -6.928  1.00 15.53 ? 65  HOH B O   1 
HETATM 1062 O O   . HOH D 2 .  ? -4.724  14.870  -12.729 1.00 17.29 ? 66  HOH B O   1 
HETATM 1063 O O   . HOH D 2 .  ? 7.525   10.177  -1.497  1.00 20.43 ? 67  HOH B O   1 
HETATM 1064 O O   . HOH D 2 .  ? 6.961   12.799  -2.187  1.00 17.03 ? 68  HOH B O   1 
HETATM 1065 O O   . HOH D 2 .  ? -0.958  3.403   -13.383 1.00 21.31 ? 69  HOH B O   1 
HETATM 1066 O O   . HOH D 2 .  ? -7.510  11.673  -13.363 1.00 24.36 ? 70  HOH B O   1 
HETATM 1067 O O   . HOH D 2 .  ? 7.140   9.777   1.768   1.00 21.77 ? 71  HOH B O   1 
HETATM 1068 O O   . HOH D 2 .  ? 4.712   4.319   7.008   1.00 21.25 ? 72  HOH B O   1 
HETATM 1069 O O   . HOH D 2 .  ? -6.600  7.006   -12.558 1.00 26.29 ? 73  HOH B O   1 
HETATM 1070 O O   . HOH D 2 .  ? 1.883   19.154  -8.922  1.00 21.79 ? 74  HOH B O   1 
HETATM 1071 O O   . HOH D 2 .  ? 4.903   4.903   9.768   1.00 25.88 ? 75  HOH B O   1 
HETATM 1072 O O   . HOH D 2 .  ? 5.391   4.102   -5.468  1.00 22.09 ? 76  HOH B O   1 
HETATM 1073 O O   . HOH D 2 .  ? -12.648 3.154   -11.383 1.00 26.40 ? 77  HOH B O   1 
HETATM 1074 O O   . HOH D 2 .  ? -2.596  18.320  -4.678  1.00 20.77 ? 78  HOH B O   1 
HETATM 1075 O O   . HOH D 2 .  ? 3.599   2.310   -8.461  1.00 27.26 ? 79  HOH B O   1 
HETATM 1076 O O   . HOH D 2 .  ? 4.664   20.308  -11.844 1.00 22.38 ? 80  HOH B O   1 
HETATM 1077 O O   . HOH D 2 .  ? 3.266   19.080  -1.927  1.00 24.72 ? 81  HOH B O   1 
HETATM 1078 O O   . HOH D 2 .  ? 5.953   7.399   6.473   1.00 22.41 ? 82  HOH B O   1 
HETATM 1079 O O   . HOH D 2 .  ? -5.121  3.019   -12.692 1.00 28.40 ? 83  HOH B O   1 
HETATM 1080 O O   . HOH D 2 .  ? -7.227  4.318   -12.405 1.00 24.84 ? 84  HOH B O   1 
HETATM 1081 O O   . HOH D 2 .  ? -0.295  -2.877  -11.649 1.00 27.99 ? 85  HOH B O   1 
HETATM 1082 O O   . HOH D 2 .  ? 7.308   13.304  -4.852  1.00 19.07 ? 86  HOH B O   1 
HETATM 1083 O O   . HOH D 2 .  ? -1.353  6.246   8.212   1.00 24.63 ? 87  HOH B O   1 
HETATM 1084 O O   . HOH D 2 .  ? 6.658   16.904  6.154   1.00 26.23 ? 88  HOH B O   1 
HETATM 1085 O O   . HOH D 2 .  ? -7.770  -3.005  -13.851 1.00 30.08 ? 89  HOH B O   1 
HETATM 1086 O O   . HOH D 2 .  ? -5.106  8.701   9.566   1.00 26.92 ? 90  HOH B O   1 
HETATM 1087 O O   . HOH D 2 .  ? 3.712   21.223  -8.681  1.00 28.64 ? 91  HOH B O   1 
HETATM 1088 O O   . HOH D 2 .  ? -2.993  13.575  8.115   1.00 24.30 ? 92  HOH B O   1 
HETATM 1089 O O   . HOH D 2 .  ? 1.534   13.614  8.344   1.00 26.60 ? 93  HOH B O   1 
HETATM 1090 O O   . HOH D 2 .  ? -11.676 16.345  -0.279  1.00 31.73 ? 94  HOH B O   1 
HETATM 1091 O O   . HOH D 2 .  ? -2.360  18.379  -9.467  1.00 29.27 ? 95  HOH B O   1 
HETATM 1092 O O   . HOH D 2 .  ? -0.210  20.282  -11.008 1.00 25.86 ? 96  HOH B O   1 
HETATM 1093 O O   . HOH D 2 .  ? -7.179  13.892  -11.793 1.00 23.43 ? 97  HOH B O   1 
HETATM 1094 O O   . HOH D 2 .  ? 2.455   -3.498  -11.191 1.00 28.68 ? 98  HOH B O   1 
HETATM 1095 O O   . HOH D 2 .  ? -10.355 5.675   5.735   1.00 24.21 ? 99  HOH B O   1 
HETATM 1096 O O   . HOH D 2 .  ? -5.828  -3.743  -2.592  1.00 23.88 ? 100 HOH B O   1 
HETATM 1097 O O   . HOH D 2 .  ? 9.209   18.197  -1.628  1.00 24.07 ? 101 HOH B O   1 
HETATM 1098 O O   . HOH D 2 .  ? 6.714   21.362  -8.712  1.00 25.77 ? 102 HOH B O   1 
HETATM 1099 O O   . HOH D 2 .  ? -12.385 -1.867  2.029   1.00 27.75 ? 103 HOH B O   1 
HETATM 1100 O O   . HOH D 2 .  ? -18.481 3.799   -3.271  1.00 27.75 ? 104 HOH B O   1 
HETATM 1101 O O   . HOH D 2 .  ? 6.852   10.830  7.650   1.00 25.81 ? 105 HOH B O   1 
HETATM 1102 O O   . HOH D 2 .  ? -7.938  13.428  6.045   1.00 26.59 ? 106 HOH B O   1 
HETATM 1103 O O   . HOH D 2 .  ? -12.871 1.446   0.424   1.00 31.81 ? 107 HOH B O   1 
HETATM 1104 O O   . HOH D 2 .  ? 7.421   12.820  4.053   1.00 29.02 ? 108 HOH B O   1 
HETATM 1105 O O   . HOH D 2 .  ? -14.499 0.749   5.031   1.00 27.91 ? 109 HOH B O   1 
HETATM 1106 O O   . HOH D 2 .  ? -16.205 5.108   -1.612  1.00 29.08 ? 110 HOH B O   1 
HETATM 1107 O O   . HOH D 2 .  ? 3.327   16.009  1.062   1.00 29.16 ? 111 HOH B O   1 
HETATM 1108 O O   . HOH D 2 .  ? -7.640  8.231   9.387   1.00 28.13 ? 112 HOH B O   1 
HETATM 1109 O O   . HOH D 2 .  ? -0.281  18.701  -6.565  1.00 27.63 ? 113 HOH B O   1 
HETATM 1110 O O   . HOH D 2 .  ? 2.227   21.691  -12.342 1.00 25.58 ? 114 HOH B O   1 
HETATM 1111 O O   . HOH D 2 .  ? -2.835  7.136   10.084  1.00 25.82 ? 115 HOH B O   1 
HETATM 1112 O O   . HOH D 2 .  ? -13.081 18.371  -5.047  1.00 35.55 ? 116 HOH B O   1 
HETATM 1113 O O   . HOH D 2 .  ? -4.477  17.177  -1.984  1.00 29.62 ? 117 HOH B O   1 
HETATM 1114 O O   . HOH D 2 .  ? -4.297  18.899  -6.618  1.00 25.90 ? 118 HOH B O   1 
HETATM 1115 O O   . HOH D 2 .  ? 2.132   19.574  -4.991  1.00 26.60 ? 119 HOH B O   1 
HETATM 1116 O O   . HOH D 2 .  ? -7.547  20.281  -7.311  1.00 30.76 ? 120 HOH B O   1 
HETATM 1117 O O   . HOH D 2 .  ? 1.836   22.141  -15.227 1.00 26.59 ? 121 HOH B O   1 
HETATM 1118 O O   . HOH D 2 .  ? -4.927  -7.295  -8.443  1.00 26.01 ? 122 HOH B O   1 
HETATM 1119 O O   . HOH D 2 .  ? -11.359 12.275  1.685   1.00 28.20 ? 123 HOH B O   1 
HETATM 1120 O O   . HOH D 2 .  ? 3.008   21.594  -5.888  1.00 29.93 ? 124 HOH B O   1 
HETATM 1121 O O   . HOH D 2 .  ? -11.108 -1.265  -11.046 1.00 30.81 ? 125 HOH B O   1 
HETATM 1122 O O   . HOH D 2 .  ? -10.217 11.452  -14.368 1.00 27.73 ? 126 HOH B O   1 
HETATM 1123 O O   . HOH D 2 .  ? -14.886 3.491   3.344   1.00 30.11 ? 127 HOH B O   1 
HETATM 1124 O O   . HOH D 2 .  ? -14.099 18.761  0.132   1.00 35.38 ? 128 HOH B O   1 
HETATM 1125 O O   . HOH D 2 .  ? -4.163  1.805   -14.964 1.00 29.38 ? 129 HOH B O   1 
HETATM 1126 O O   . HOH D 2 .  ? -10.160 17.074  3.700   1.00 34.54 ? 130 HOH B O   1 
HETATM 1127 O O   . HOH D 2 .  ? 5.929   16.721  3.710   1.00 35.80 ? 131 HOH B O   1 
HETATM 1128 O O   . HOH D 2 .  ? -3.108  23.010  -5.395  1.00 30.81 ? 132 HOH B O   1 
HETATM 1129 O O   . HOH D 2 .  ? 5.352   22.382  -3.579  1.00 30.31 ? 133 HOH B O   1 
HETATM 1130 O O   . HOH D 2 .  ? 4.020   14.113  7.578   1.00 28.49 ? 134 HOH B O   1 
HETATM 1131 O O   . HOH D 2 .  ? 6.194   15.709  1.320   1.00 25.02 ? 135 HOH B O   1 
HETATM 1132 O O   . HOH D 2 .  ? -9.190  10.700  9.857   1.00 27.80 ? 136 HOH B O   1 
HETATM 1133 O O   . HOH D 2 .  ? 4.411   16.807  7.332   1.00 34.98 ? 137 HOH B O   1 
HETATM 1134 O O   . HOH D 2 .  ? -4.547  18.261  -9.748  1.00 28.78 ? 138 HOH B O   1 
HETATM 1135 O O   . HOH D 2 .  ? -17.486 1.453   -1.334  1.00 30.05 ? 139 HOH B O   1 
HETATM 1136 O O   . HOH D 2 .  ? 7.037   18.192  -0.069  1.00 28.09 ? 140 HOH B O   1 
HETATM 1137 O O   . HOH D 2 .  ? -0.205  8.642   10.449  1.00 27.46 ? 141 HOH B O   1 
HETATM 1138 O O   . HOH D 2 .  ? -3.285  -3.076  -13.989 1.00 32.91 ? 142 HOH B O   1 
HETATM 1139 O O   . HOH D 2 .  ? -20.393 4.263   -2.198  1.00 35.09 ? 143 HOH B O   1 
HETATM 1140 O O   . HOH D 2 .  ? 3.434   20.199  2.358   1.00 32.30 ? 144 HOH B O   1 
HETATM 1141 O O   . HOH D 2 .  ? -16.079 8.651   -6.153  1.00 31.92 ? 145 HOH B O   1 
HETATM 1142 O O   . HOH D 2 .  ? -10.273 0.797   -3.420  1.00 36.31 ? 146 HOH B O   1 
HETATM 1143 O O   . HOH D 2 .  ? -6.086  15.627  6.325   1.00 32.24 ? 147 HOH B O   1 
HETATM 1144 O O   . HOH D 2 .  ? -14.367 4.103   -5.984  1.00 32.61 ? 148 HOH B O   1 
HETATM 1145 O O   . HOH D 2 .  ? -12.086 9.816   -15.993 1.00 36.61 ? 149 HOH B O   1 
HETATM 1146 O O   . HOH D 2 .  ? -3.777  16.944  3.065   1.00 31.10 ? 150 HOH B O   1 
HETATM 1147 O O   . HOH D 2 .  ? -8.956  3.587   -14.538 1.00 29.25 ? 151 HOH B O   1 
HETATM 1148 O O   . HOH D 2 .  ? -7.191  -8.423  -14.764 1.00 32.09 ? 152 HOH B O   1 
HETATM 1149 O O   . HOH D 2 .  ? -14.692 15.103  -6.676  1.00 29.65 ? 153 HOH B O   1 
# 
loop_
_pdbx_poly_seq_scheme.asym_id 
_pdbx_poly_seq_scheme.entity_id 
_pdbx_poly_seq_scheme.seq_id 
_pdbx_poly_seq_scheme.mon_id 
_pdbx_poly_seq_scheme.ndb_seq_num 
_pdbx_poly_seq_scheme.pdb_seq_num 
_pdbx_poly_seq_scheme.auth_seq_num 
_pdbx_poly_seq_scheme.pdb_mon_id 
_pdbx_poly_seq_scheme.auth_mon_id 
_pdbx_poly_seq_scheme.pdb_strand_id 
_pdbx_poly_seq_scheme.pdb_ins_code 
_pdbx_poly_seq_scheme.hetero 
A 1 1  GLY 1  3  ?  ?   ?   A . n 
A 1 2  ALA 2  4  4  ALA ALA A . n 
A 1 3  MET 3  5  5  MET MET A . n 
A 1 4  ALA 4  6  6  ALA ALA A . n 
A 1 5  THR 5  7  7  THR THR A . n 
A 1 6  ALA 6  8  8  ALA ALA A . n 
A 1 7  VAL 7  9  9  VAL VAL A . n 
A 1 8  ALA 8  10 10 ALA ALA A . n 
A 1 9  LEU 9  11 11 LEU LEU A . n 
A 1 10 TYR 10 12 12 TYR TYR A . n 
A 1 11 ASN 11 13 13 ASN ASN A . n 
A 1 12 PHE 12 14 14 PHE PHE A . n 
A 1 13 ALA 13 15 15 ALA ALA A . n 
A 1 14 GLY 14 16 16 GLY GLY A . n 
A 1 15 GLU 15 17 17 GLU GLU A . n 
A 1 16 GLN 16 18 18 GLN GLN A . n 
A 1 17 PRO 17 19 19 PRO PRO A . n 
A 1 18 GLY 18 20 20 GLY GLY A . n 
A 1 19 ASP 19 21 21 ASP ASP A . n 
A 1 20 LEU 20 22 22 LEU LEU A . n 
A 1 21 ALA 21 23 23 ALA ALA A . n 
A 1 22 PHE 22 24 24 PHE PHE A . n 
A 1 23 LYS 23 25 25 LYS LYS A . n 
A 1 24 LYS 24 26 26 LYS LYS A . n 
A 1 25 GLY 25 27 27 GLY GLY A . n 
A 1 26 ASP 26 28 28 ASP ASP A . n 
A 1 27 VAL 27 29 29 VAL VAL A . n 
A 1 28 ILE 28 30 30 ILE ILE A . n 
A 1 29 THR 29 31 31 THR THR A . n 
A 1 30 ILE 30 32 32 ILE ILE A . n 
A 1 31 LEU 31 33 33 LEU LEU A . n 
A 1 32 LYS 32 34 34 LYS LYS A . n 
A 1 33 LYS 33 35 35 LYS LYS A . n 
A 1 34 SER 34 36 36 SER SER A . n 
A 1 35 ASP 35 37 37 ASP ASP A . n 
A 1 36 SER 36 38 38 SER SER A . n 
A 1 37 GLN 37 39 39 GLN GLN A . n 
A 1 38 ASN 38 40 40 ASN ASN A . n 
A 1 39 ASP 39 41 41 ASP ASP A . n 
A 1 40 TRP 40 42 42 TRP TRP A . n 
A 1 41 TRP 41 43 43 TRP TRP A . n 
A 1 42 THR 42 44 44 THR THR A . n 
A 1 43 GLY 43 45 45 GLY GLY A . n 
A 1 44 ARG 44 46 46 ARG ARG A . n 
A 1 45 THR 45 47 47 THR THR A . n 
A 1 46 ASN 46 48 48 ASN ASN A . n 
A 1 47 GLY 47 49 49 GLY GLY A . n 
A 1 48 LYS 48 50 50 LYS LYS A . n 
A 1 49 GLU 49 51 51 GLU GLU A . n 
A 1 50 GLY 50 52 52 GLY GLY A . n 
A 1 51 ILE 51 53 53 ILE ILE A . n 
A 1 52 PHE 52 54 54 PHE PHE A . n 
A 1 53 PRO 53 55 55 PRO PRO A . n 
A 1 54 ALA 54 56 56 ALA ALA A . n 
A 1 55 ASN 55 57 57 ASN ASN A . n 
A 1 56 TYR 56 58 58 TYR TYR A . n 
A 1 57 VAL 57 59 59 VAL VAL A . n 
A 1 58 ARG 58 60 60 ARG ARG A . n 
A 1 59 VAL 59 61 61 VAL VAL A . n 
A 1 60 SER 60 62 62 SER SER A . n 
B 1 1  GLY 1  3  ?  ?   ?   B . n 
B 1 2  ALA 2  4  ?  ?   ?   B . n 
B 1 3  MET 3  5  ?  ?   ?   B . n 
B 1 4  ALA 4  6  6  ALA ALA B . n 
B 1 5  THR 5  7  7  THR THR B . n 
B 1 6  ALA 6  8  8  ALA ALA B . n 
B 1 7  VAL 7  9  9  VAL VAL B . n 
B 1 8  ALA 8  10 10 ALA ALA B . n 
B 1 9  LEU 9  11 11 LEU LEU B . n 
B 1 10 TYR 10 12 12 TYR TYR B . n 
B 1 11 ASN 11 13 13 ASN ASN B . n 
B 1 12 PHE 12 14 14 PHE PHE B . n 
B 1 13 ALA 13 15 15 ALA ALA B . n 
B 1 14 GLY 14 16 16 GLY GLY B . n 
B 1 15 GLU 15 17 17 GLU GLU B . n 
B 1 16 GLN 16 18 18 GLN GLN B . n 
B 1 17 PRO 17 19 19 PRO PRO B . n 
B 1 18 GLY 18 20 20 GLY GLY B . n 
B 1 19 ASP 19 21 21 ASP ASP B . n 
B 1 20 LEU 20 22 22 LEU LEU B . n 
B 1 21 ALA 21 23 23 ALA ALA B . n 
B 1 22 PHE 22 24 24 PHE PHE B . n 
B 1 23 LYS 23 25 25 LYS LYS B . n 
B 1 24 LYS 24 26 26 LYS LYS B . n 
B 1 25 GLY 25 27 27 GLY GLY B . n 
B 1 26 ASP 26 28 28 ASP ASP B . n 
B 1 27 VAL 27 29 29 VAL VAL B . n 
B 1 28 ILE 28 30 30 ILE ILE B . n 
B 1 29 THR 29 31 31 THR THR B . n 
B 1 30 ILE 30 32 32 ILE ILE B . n 
B 1 31 LEU 31 33 33 LEU LEU B . n 
B 1 32 LYS 32 34 34 LYS LYS B . n 
B 1 33 LYS 33 35 35 LYS LYS B . n 
B 1 34 SER 34 36 36 SER SER B . n 
B 1 35 ASP 35 37 37 ASP ASP B . n 
B 1 36 SER 36 38 38 SER SER B . n 
B 1 37 GLN 37 39 39 GLN GLN B . n 
B 1 38 ASN 38 40 40 ASN ASN B . n 
B 1 39 ASP 39 41 41 ASP ASP B . n 
B 1 40 TRP 40 42 42 TRP TRP B . n 
B 1 41 TRP 41 43 43 TRP TRP B . n 
B 1 42 THR 42 44 44 THR THR B . n 
B 1 43 GLY 43 45 45 GLY GLY B . n 
B 1 44 ARG 44 46 46 ARG ARG B . n 
B 1 45 THR 45 47 47 THR THR B . n 
B 1 46 ASN 46 48 48 ASN ASN B . n 
B 1 47 GLY 47 49 49 GLY GLY B . n 
B 1 48 LYS 48 50 50 LYS LYS B . n 
B 1 49 GLU 49 51 51 GLU GLU B . n 
B 1 50 GLY 50 52 52 GLY GLY B . n 
B 1 51 ILE 51 53 53 ILE ILE B . n 
B 1 52 PHE 52 54 54 PHE PHE B . n 
B 1 53 PRO 53 55 55 PRO PRO B . n 
B 1 54 ALA 54 56 56 ALA ALA B . n 
B 1 55 ASN 55 57 57 ASN ASN B . n 
B 1 56 TYR 56 58 58 TYR TYR B . n 
B 1 57 VAL 57 59 59 VAL VAL B . n 
B 1 58 ARG 58 60 60 ARG ARG B . n 
B 1 59 VAL 59 61 61 VAL VAL B . n 
B 1 60 SER 60 62 62 SER SER B . n 
# 
loop_
_pdbx_nonpoly_scheme.asym_id 
_pdbx_nonpoly_scheme.entity_id 
_pdbx_nonpoly_scheme.mon_id 
_pdbx_nonpoly_scheme.ndb_seq_num 
_pdbx_nonpoly_scheme.pdb_seq_num 
_pdbx_nonpoly_scheme.auth_seq_num 
_pdbx_nonpoly_scheme.pdb_mon_id 
_pdbx_nonpoly_scheme.auth_mon_id 
_pdbx_nonpoly_scheme.pdb_strand_id 
_pdbx_nonpoly_scheme.pdb_ins_code 
C 2 HOH 1   63  1   HOH WAT A . 
C 2 HOH 2   64  2   HOH WAT A . 
C 2 HOH 3   65  3   HOH WAT A . 
C 2 HOH 4   66  5   HOH WAT A . 
C 2 HOH 5   67  6   HOH WAT A . 
C 2 HOH 6   68  7   HOH WAT A . 
C 2 HOH 7   69  8   HOH WAT A . 
C 2 HOH 8   70  11  HOH WAT A . 
C 2 HOH 9   71  12  HOH WAT A . 
C 2 HOH 10  72  13  HOH WAT A . 
C 2 HOH 11  73  14  HOH WAT A . 
C 2 HOH 12  74  15  HOH WAT A . 
C 2 HOH 13  75  16  HOH WAT A . 
C 2 HOH 14  76  17  HOH WAT A . 
C 2 HOH 15  77  18  HOH WAT A . 
C 2 HOH 16  78  19  HOH WAT A . 
C 2 HOH 17  79  20  HOH WAT A . 
C 2 HOH 18  80  21  HOH WAT A . 
C 2 HOH 19  81  22  HOH WAT A . 
C 2 HOH 20  82  23  HOH WAT A . 
C 2 HOH 21  83  24  HOH WAT A . 
C 2 HOH 22  84  25  HOH WAT A . 
C 2 HOH 23  85  26  HOH WAT A . 
C 2 HOH 24  86  28  HOH WAT A . 
C 2 HOH 25  87  29  HOH WAT A . 
C 2 HOH 26  88  30  HOH WAT A . 
C 2 HOH 27  89  32  HOH WAT A . 
C 2 HOH 28  90  33  HOH WAT A . 
C 2 HOH 29  91  35  HOH WAT A . 
C 2 HOH 30  92  36  HOH WAT A . 
C 2 HOH 31  93  40  HOH WAT A . 
C 2 HOH 32  94  41  HOH WAT A . 
C 2 HOH 33  95  43  HOH WAT A . 
C 2 HOH 34  96  44  HOH WAT A . 
C 2 HOH 35  97  46  HOH WAT A . 
C 2 HOH 36  98  48  HOH WAT A . 
C 2 HOH 37  99  49  HOH WAT A . 
C 2 HOH 38  100 50  HOH WAT A . 
C 2 HOH 39  101 51  HOH WAT A . 
C 2 HOH 40  102 52  HOH WAT A . 
C 2 HOH 41  103 53  HOH WAT A . 
C 2 HOH 42  104 55  HOH WAT A . 
C 2 HOH 43  105 56  HOH WAT A . 
C 2 HOH 44  106 57  HOH WAT A . 
C 2 HOH 45  107 60  HOH WAT A . 
C 2 HOH 46  108 61  HOH WAT A . 
C 2 HOH 47  109 64  HOH WAT A . 
C 2 HOH 48  110 67  HOH WAT A . 
C 2 HOH 49  111 68  HOH WAT A . 
C 2 HOH 50  112 69  HOH WAT A . 
C 2 HOH 51  113 72  HOH WAT A . 
C 2 HOH 52  114 73  HOH WAT A . 
C 2 HOH 53  115 78  HOH WAT A . 
C 2 HOH 54  116 80  HOH WAT A . 
C 2 HOH 55  117 86  HOH WAT A . 
C 2 HOH 56  118 88  HOH WAT A . 
C 2 HOH 57  119 91  HOH WAT A . 
C 2 HOH 58  120 92  HOH WAT A . 
C 2 HOH 59  121 93  HOH WAT A . 
C 2 HOH 60  122 94  HOH WAT A . 
C 2 HOH 61  123 96  HOH WAT A . 
C 2 HOH 62  124 98  HOH WAT A . 
C 2 HOH 63  125 99  HOH WAT A . 
C 2 HOH 64  126 100 HOH WAT A . 
C 2 HOH 65  127 101 HOH WAT A . 
C 2 HOH 66  128 102 HOH WAT A . 
C 2 HOH 67  129 103 HOH WAT A . 
C 2 HOH 68  130 106 HOH WAT A . 
C 2 HOH 69  131 108 HOH WAT A . 
C 2 HOH 70  132 110 HOH WAT A . 
C 2 HOH 71  133 111 HOH WAT A . 
C 2 HOH 72  134 112 HOH WAT A . 
C 2 HOH 73  135 113 HOH WAT A . 
C 2 HOH 74  136 115 HOH WAT A . 
C 2 HOH 75  137 116 HOH WAT A . 
C 2 HOH 76  138 117 HOH WAT A . 
C 2 HOH 77  139 118 HOH WAT A . 
C 2 HOH 78  140 119 HOH WAT A . 
C 2 HOH 79  141 121 HOH WAT A . 
C 2 HOH 80  142 122 HOH WAT A . 
C 2 HOH 81  143 123 HOH WAT A . 
C 2 HOH 82  144 125 HOH WAT A . 
C 2 HOH 83  145 126 HOH WAT A . 
C 2 HOH 84  146 127 HOH WAT A . 
C 2 HOH 85  147 129 HOH WAT A . 
C 2 HOH 86  148 131 HOH WAT A . 
C 2 HOH 87  149 137 HOH WAT A . 
C 2 HOH 88  150 141 HOH WAT A . 
C 2 HOH 89  151 144 HOH WAT A . 
C 2 HOH 90  152 145 HOH WAT A . 
C 2 HOH 91  153 147 HOH WAT A . 
C 2 HOH 92  154 149 HOH WAT A . 
C 2 HOH 93  155 151 HOH WAT A . 
C 2 HOH 94  156 156 HOH WAT A . 
C 2 HOH 95  157 157 HOH WAT A . 
C 2 HOH 96  158 158 HOH WAT A . 
C 2 HOH 97  159 159 HOH WAT A . 
C 2 HOH 98  160 162 HOH WAT A . 
C 2 HOH 99  161 163 HOH WAT A . 
C 2 HOH 100 162 164 HOH WAT A . 
C 2 HOH 101 163 166 HOH WAT A . 
C 2 HOH 102 164 167 HOH WAT A . 
C 2 HOH 103 165 169 HOH WAT A . 
C 2 HOH 104 166 171 HOH WAT A . 
C 2 HOH 105 167 172 HOH WAT A . 
C 2 HOH 106 168 173 HOH WAT A . 
C 2 HOH 107 169 175 HOH WAT A . 
C 2 HOH 108 170 176 HOH WAT A . 
C 2 HOH 109 171 177 HOH WAT A . 
C 2 HOH 110 172 178 HOH WAT A . 
C 2 HOH 111 173 181 HOH WAT A . 
C 2 HOH 112 174 183 HOH WAT A . 
C 2 HOH 113 175 185 HOH WAT A . 
C 2 HOH 114 176 187 HOH WAT A . 
C 2 HOH 115 177 188 HOH WAT A . 
C 2 HOH 116 178 189 HOH WAT A . 
C 2 HOH 117 179 190 HOH WAT A . 
C 2 HOH 118 180 191 HOH WAT A . 
C 2 HOH 119 181 193 HOH WAT A . 
C 2 HOH 120 182 195 HOH WAT A . 
C 2 HOH 121 183 197 HOH WAT A . 
C 2 HOH 122 184 198 HOH WAT A . 
C 2 HOH 123 185 199 HOH WAT A . 
C 2 HOH 124 186 202 HOH WAT A . 
C 2 HOH 125 187 203 HOH WAT A . 
C 2 HOH 126 188 204 HOH WAT A . 
C 2 HOH 127 189 205 HOH WAT A . 
C 2 HOH 128 190 206 HOH WAT A . 
C 2 HOH 129 191 214 HOH WAT A . 
C 2 HOH 130 192 215 HOH WAT A . 
C 2 HOH 131 193 216 HOH WAT A . 
C 2 HOH 132 194 218 HOH WAT A . 
C 2 HOH 133 195 219 HOH WAT A . 
C 2 HOH 134 196 221 HOH WAT A . 
C 2 HOH 135 197 223 HOH WAT A . 
C 2 HOH 136 198 225 HOH WAT A . 
C 2 HOH 137 199 228 HOH WAT A . 
C 2 HOH 138 200 229 HOH WAT A . 
D 2 HOH 1   63  4   HOH WAT B . 
D 2 HOH 2   64  9   HOH WAT B . 
D 2 HOH 3   65  10  HOH WAT B . 
D 2 HOH 4   66  27  HOH WAT B . 
D 2 HOH 5   67  31  HOH WAT B . 
D 2 HOH 6   68  34  HOH WAT B . 
D 2 HOH 7   69  37  HOH WAT B . 
D 2 HOH 8   70  38  HOH WAT B . 
D 2 HOH 9   71  39  HOH WAT B . 
D 2 HOH 10  72  42  HOH WAT B . 
D 2 HOH 11  73  45  HOH WAT B . 
D 2 HOH 12  74  47  HOH WAT B . 
D 2 HOH 13  75  54  HOH WAT B . 
D 2 HOH 14  76  58  HOH WAT B . 
D 2 HOH 15  77  59  HOH WAT B . 
D 2 HOH 16  78  62  HOH WAT B . 
D 2 HOH 17  79  63  HOH WAT B . 
D 2 HOH 18  80  65  HOH WAT B . 
D 2 HOH 19  81  66  HOH WAT B . 
D 2 HOH 20  82  70  HOH WAT B . 
D 2 HOH 21  83  71  HOH WAT B . 
D 2 HOH 22  84  74  HOH WAT B . 
D 2 HOH 23  85  75  HOH WAT B . 
D 2 HOH 24  86  76  HOH WAT B . 
D 2 HOH 25  87  77  HOH WAT B . 
D 2 HOH 26  88  79  HOH WAT B . 
D 2 HOH 27  89  81  HOH WAT B . 
D 2 HOH 28  90  82  HOH WAT B . 
D 2 HOH 29  91  83  HOH WAT B . 
D 2 HOH 30  92  84  HOH WAT B . 
D 2 HOH 31  93  85  HOH WAT B . 
D 2 HOH 32  94  87  HOH WAT B . 
D 2 HOH 33  95  89  HOH WAT B . 
D 2 HOH 34  96  90  HOH WAT B . 
D 2 HOH 35  97  95  HOH WAT B . 
D 2 HOH 36  98  97  HOH WAT B . 
D 2 HOH 37  99  104 HOH WAT B . 
D 2 HOH 38  100 105 HOH WAT B . 
D 2 HOH 39  101 107 HOH WAT B . 
D 2 HOH 40  102 109 HOH WAT B . 
D 2 HOH 41  103 114 HOH WAT B . 
D 2 HOH 42  104 120 HOH WAT B . 
D 2 HOH 43  105 124 HOH WAT B . 
D 2 HOH 44  106 128 HOH WAT B . 
D 2 HOH 45  107 130 HOH WAT B . 
D 2 HOH 46  108 132 HOH WAT B . 
D 2 HOH 47  109 133 HOH WAT B . 
D 2 HOH 48  110 134 HOH WAT B . 
D 2 HOH 49  111 135 HOH WAT B . 
D 2 HOH 50  112 136 HOH WAT B . 
D 2 HOH 51  113 138 HOH WAT B . 
D 2 HOH 52  114 139 HOH WAT B . 
D 2 HOH 53  115 140 HOH WAT B . 
D 2 HOH 54  116 142 HOH WAT B . 
D 2 HOH 55  117 143 HOH WAT B . 
D 2 HOH 56  118 146 HOH WAT B . 
D 2 HOH 57  119 148 HOH WAT B . 
D 2 HOH 58  120 150 HOH WAT B . 
D 2 HOH 59  121 152 HOH WAT B . 
D 2 HOH 60  122 153 HOH WAT B . 
D 2 HOH 61  123 154 HOH WAT B . 
D 2 HOH 62  124 155 HOH WAT B . 
D 2 HOH 63  125 160 HOH WAT B . 
D 2 HOH 64  126 161 HOH WAT B . 
D 2 HOH 65  127 165 HOH WAT B . 
D 2 HOH 66  128 168 HOH WAT B . 
D 2 HOH 67  129 170 HOH WAT B . 
D 2 HOH 68  130 174 HOH WAT B . 
D 2 HOH 69  131 179 HOH WAT B . 
D 2 HOH 70  132 180 HOH WAT B . 
D 2 HOH 71  133 182 HOH WAT B . 
D 2 HOH 72  134 184 HOH WAT B . 
D 2 HOH 73  135 186 HOH WAT B . 
D 2 HOH 74  136 192 HOH WAT B . 
D 2 HOH 75  137 194 HOH WAT B . 
D 2 HOH 76  138 196 HOH WAT B . 
D 2 HOH 77  139 200 HOH WAT B . 
D 2 HOH 78  140 201 HOH WAT B . 
D 2 HOH 79  141 207 HOH WAT B . 
D 2 HOH 80  142 208 HOH WAT B . 
D 2 HOH 81  143 209 HOH WAT B . 
D 2 HOH 82  144 210 HOH WAT B . 
D 2 HOH 83  145 211 HOH WAT B . 
D 2 HOH 84  146 212 HOH WAT B . 
D 2 HOH 85  147 213 HOH WAT B . 
D 2 HOH 86  148 217 HOH WAT B . 
D 2 HOH 87  149 220 HOH WAT B . 
D 2 HOH 88  150 222 HOH WAT B . 
D 2 HOH 89  151 224 HOH WAT B . 
D 2 HOH 90  152 226 HOH WAT B . 
D 2 HOH 91  153 227 HOH WAT B . 
# 
loop_
_pdbx_struct_assembly.id 
_pdbx_struct_assembly.details 
_pdbx_struct_assembly.method_details 
_pdbx_struct_assembly.oligomeric_details 
_pdbx_struct_assembly.oligomeric_count 
1 author_defined_assembly ? monomeric 1 
2 author_defined_assembly ? monomeric 1 
# 
loop_
_pdbx_struct_assembly_gen.assembly_id 
_pdbx_struct_assembly_gen.oper_expression 
_pdbx_struct_assembly_gen.asym_id_list 
1 1 A,C 
2 1 B,D 
# 
_pdbx_struct_oper_list.id                   1 
_pdbx_struct_oper_list.type                 'identity operation' 
_pdbx_struct_oper_list.name                 1_555 
_pdbx_struct_oper_list.symmetry_operation   x,y,z 
_pdbx_struct_oper_list.matrix[1][1]         1.0000000000 
_pdbx_struct_oper_list.matrix[1][2]         0.0000000000 
_pdbx_struct_oper_list.matrix[1][3]         0.0000000000 
_pdbx_struct_oper_list.vector[1]            0.0000000000 
_pdbx_struct_oper_list.matrix[2][1]         0.0000000000 
_pdbx_struct_oper_list.matrix[2][2]         1.0000000000 
_pdbx_struct_oper_list.matrix[2][3]         0.0000000000 
_pdbx_struct_oper_list.vector[2]            0.0000000000 
_pdbx_struct_oper_list.matrix[3][1]         0.0000000000 
_pdbx_struct_oper_list.matrix[3][2]         0.0000000000 
_pdbx_struct_oper_list.matrix[3][3]         1.0000000000 
_pdbx_struct_oper_list.vector[3]            0.0000000000 
# 
loop_
_pdbx_struct_special_symmetry.id 
_pdbx_struct_special_symmetry.PDB_model_num 
_pdbx_struct_special_symmetry.auth_asym_id 
_pdbx_struct_special_symmetry.auth_comp_id 
_pdbx_struct_special_symmetry.auth_seq_id 
_pdbx_struct_special_symmetry.PDB_ins_code 
_pdbx_struct_special_symmetry.label_asym_id 
_pdbx_struct_special_symmetry.label_comp_id 
_pdbx_struct_special_symmetry.label_seq_id 
1 1 A HOH 128 ? C HOH . 
2 1 A HOH 179 ? C HOH . 
# 
loop_
_pdbx_audit_revision_history.ordinal 
_pdbx_audit_revision_history.data_content_type 
_pdbx_audit_revision_history.major_revision 
_pdbx_audit_revision_history.minor_revision 
_pdbx_audit_revision_history.revision_date 
1 'Structure model' 1 0 2006-06-27 
2 'Structure model' 1 1 2008-04-30 
3 'Structure model' 1 2 2011-07-13 
4 'Structure model' 1 3 2017-10-11 
5 'Structure model' 1 4 2018-01-24 
6 'Structure model' 1 5 2023-08-23 
# 
_pdbx_audit_revision_details.ordinal             1 
_pdbx_audit_revision_details.revision_ordinal    1 
_pdbx_audit_revision_details.data_content_type   'Structure model' 
_pdbx_audit_revision_details.provider            repository 
_pdbx_audit_revision_details.type                'Initial release' 
_pdbx_audit_revision_details.description         ? 
_pdbx_audit_revision_details.details             ? 
# 
loop_
_pdbx_audit_revision_group.ordinal 
_pdbx_audit_revision_group.revision_ordinal 
_pdbx_audit_revision_group.data_content_type 
_pdbx_audit_revision_group.group 
1 2 'Structure model' 'Version format compliance' 
2 3 'Structure model' 'Version format compliance' 
3 4 'Structure model' 'Refinement description'    
4 5 'Structure model' 'Database references'       
5 5 'Structure model' 'Structure summary'         
6 6 'Structure model' 'Data collection'           
7 6 'Structure model' 'Database references'       
8 6 'Structure model' 'Refinement description'    
# 
loop_
_pdbx_audit_revision_category.ordinal 
_pdbx_audit_revision_category.revision_ordinal 
_pdbx_audit_revision_category.data_content_type 
_pdbx_audit_revision_category.category 
1 4 'Structure model' software                      
2 5 'Structure model' audit_author                  
3 5 'Structure model' citation_author               
4 6 'Structure model' chem_comp_atom                
5 6 'Structure model' chem_comp_bond                
6 6 'Structure model' database_2                    
7 6 'Structure model' pdbx_initial_refinement_model 
8 6 'Structure model' struct_ncs_dom_lim            
9 6 'Structure model' struct_ref_seq_dif            
# 
loop_
_pdbx_audit_revision_item.ordinal 
_pdbx_audit_revision_item.revision_ordinal 
_pdbx_audit_revision_item.data_content_type 
_pdbx_audit_revision_item.item 
1 4 'Structure model' '_software.classification'             
2 4 'Structure model' '_software.name'                       
3 5 'Structure model' '_audit_author.name'                   
4 5 'Structure model' '_citation_author.name'                
5 6 'Structure model' '_database_2.pdbx_DOI'                 
6 6 'Structure model' '_database_2.pdbx_database_accession'  
7 6 'Structure model' '_struct_ncs_dom_lim.beg_auth_comp_id' 
8 6 'Structure model' '_struct_ncs_dom_lim.end_auth_comp_id' 
9 6 'Structure model' '_struct_ref_seq_dif.details'          
# 
loop_
_software.name 
_software.classification 
_software.version 
_software.citation_id 
_software.pdbx_ordinal 
REFMAC refinement        5.1.24 ? 1 
MAR345 'data collection' .      ? 2 
XDS    'data scaling'    .      ? 3 
MOLREP phasing           .      ? 4 
# 
loop_
_pdbx_validate_close_contact.id 
_pdbx_validate_close_contact.PDB_model_num 
_pdbx_validate_close_contact.auth_atom_id_1 
_pdbx_validate_close_contact.auth_asym_id_1 
_pdbx_validate_close_contact.auth_comp_id_1 
_pdbx_validate_close_contact.auth_seq_id_1 
_pdbx_validate_close_contact.PDB_ins_code_1 
_pdbx_validate_close_contact.label_alt_id_1 
_pdbx_validate_close_contact.auth_atom_id_2 
_pdbx_validate_close_contact.auth_asym_id_2 
_pdbx_validate_close_contact.auth_comp_id_2 
_pdbx_validate_close_contact.auth_seq_id_2 
_pdbx_validate_close_contact.PDB_ins_code_2 
_pdbx_validate_close_contact.label_alt_id_2 
_pdbx_validate_close_contact.dist 
1 1 O A HOH 141 ? ? O B HOH 98  ? ? 2.09 
2 1 O A HOH 148 ? ? O A HOH 197 ? ? 2.16 
3 1 N A ALA 4   ? ? O A HOH 178 ? ? 2.17 
# 
loop_
_pdbx_unobs_or_zero_occ_residues.id 
_pdbx_unobs_or_zero_occ_residues.PDB_model_num 
_pdbx_unobs_or_zero_occ_residues.polymer_flag 
_pdbx_unobs_or_zero_occ_residues.occupancy_flag 
_pdbx_unobs_or_zero_occ_residues.auth_asym_id 
_pdbx_unobs_or_zero_occ_residues.auth_comp_id 
_pdbx_unobs_or_zero_occ_residues.auth_seq_id 
_pdbx_unobs_or_zero_occ_residues.PDB_ins_code 
_pdbx_unobs_or_zero_occ_residues.label_asym_id 
_pdbx_unobs_or_zero_occ_residues.label_comp_id 
_pdbx_unobs_or_zero_occ_residues.label_seq_id 
1 1 Y 1 A GLY 3 ? A GLY 1 
2 1 Y 1 B GLY 3 ? B GLY 1 
3 1 Y 1 B ALA 4 ? B ALA 2 
4 1 Y 1 B MET 5 ? B MET 3 
# 
loop_
_chem_comp_atom.comp_id 
_chem_comp_atom.atom_id 
_chem_comp_atom.type_symbol 
_chem_comp_atom.pdbx_aromatic_flag 
_chem_comp_atom.pdbx_stereo_config 
_chem_comp_atom.pdbx_ordinal 
ALA N    N N N 1   
ALA CA   C N S 2   
ALA C    C N N 3   
ALA O    O N N 4   
ALA CB   C N N 5   
ALA OXT  O N N 6   
ALA H    H N N 7   
ALA H2   H N N 8   
ALA HA   H N N 9   
ALA HB1  H N N 10  
ALA HB2  H N N 11  
ALA HB3  H N N 12  
ALA HXT  H N N 13  
ARG N    N N N 14  
ARG CA   C N S 15  
ARG C    C N N 16  
ARG O    O N N 17  
ARG CB   C N N 18  
ARG CG   C N N 19  
ARG CD   C N N 20  
ARG NE   N N N 21  
ARG CZ   C N N 22  
ARG NH1  N N N 23  
ARG NH2  N N N 24  
ARG OXT  O N N 25  
ARG H    H N N 26  
ARG H2   H N N 27  
ARG HA   H N N 28  
ARG HB2  H N N 29  
ARG HB3  H N N 30  
ARG HG2  H N N 31  
ARG HG3  H N N 32  
ARG HD2  H N N 33  
ARG HD3  H N N 34  
ARG HE   H N N 35  
ARG HH11 H N N 36  
ARG HH12 H N N 37  
ARG HH21 H N N 38  
ARG HH22 H N N 39  
ARG HXT  H N N 40  
ASN N    N N N 41  
ASN CA   C N S 42  
ASN C    C N N 43  
ASN O    O N N 44  
ASN CB   C N N 45  
ASN CG   C N N 46  
ASN OD1  O N N 47  
ASN ND2  N N N 48  
ASN OXT  O N N 49  
ASN H    H N N 50  
ASN H2   H N N 51  
ASN HA   H N N 52  
ASN HB2  H N N 53  
ASN HB3  H N N 54  
ASN HD21 H N N 55  
ASN HD22 H N N 56  
ASN HXT  H N N 57  
ASP N    N N N 58  
ASP CA   C N S 59  
ASP C    C N N 60  
ASP O    O N N 61  
ASP CB   C N N 62  
ASP CG   C N N 63  
ASP OD1  O N N 64  
ASP OD2  O N N 65  
ASP OXT  O N N 66  
ASP H    H N N 67  
ASP H2   H N N 68  
ASP HA   H N N 69  
ASP HB2  H N N 70  
ASP HB3  H N N 71  
ASP HD2  H N N 72  
ASP HXT  H N N 73  
GLN N    N N N 74  
GLN CA   C N S 75  
GLN C    C N N 76  
GLN O    O N N 77  
GLN CB   C N N 78  
GLN CG   C N N 79  
GLN CD   C N N 80  
GLN OE1  O N N 81  
GLN NE2  N N N 82  
GLN OXT  O N N 83  
GLN H    H N N 84  
GLN H2   H N N 85  
GLN HA   H N N 86  
GLN HB2  H N N 87  
GLN HB3  H N N 88  
GLN HG2  H N N 89  
GLN HG3  H N N 90  
GLN HE21 H N N 91  
GLN HE22 H N N 92  
GLN HXT  H N N 93  
GLU N    N N N 94  
GLU CA   C N S 95  
GLU C    C N N 96  
GLU O    O N N 97  
GLU CB   C N N 98  
GLU CG   C N N 99  
GLU CD   C N N 100 
GLU OE1  O N N 101 
GLU OE2  O N N 102 
GLU OXT  O N N 103 
GLU H    H N N 104 
GLU H2   H N N 105 
GLU HA   H N N 106 
GLU HB2  H N N 107 
GLU HB3  H N N 108 
GLU HG2  H N N 109 
GLU HG3  H N N 110 
GLU HE2  H N N 111 
GLU HXT  H N N 112 
GLY N    N N N 113 
GLY CA   C N N 114 
GLY C    C N N 115 
GLY O    O N N 116 
GLY OXT  O N N 117 
GLY H    H N N 118 
GLY H2   H N N 119 
GLY HA2  H N N 120 
GLY HA3  H N N 121 
GLY HXT  H N N 122 
HOH O    O N N 123 
HOH H1   H N N 124 
HOH H2   H N N 125 
ILE N    N N N 126 
ILE CA   C N S 127 
ILE C    C N N 128 
ILE O    O N N 129 
ILE CB   C N S 130 
ILE CG1  C N N 131 
ILE CG2  C N N 132 
ILE CD1  C N N 133 
ILE OXT  O N N 134 
ILE H    H N N 135 
ILE H2   H N N 136 
ILE HA   H N N 137 
ILE HB   H N N 138 
ILE HG12 H N N 139 
ILE HG13 H N N 140 
ILE HG21 H N N 141 
ILE HG22 H N N 142 
ILE HG23 H N N 143 
ILE HD11 H N N 144 
ILE HD12 H N N 145 
ILE HD13 H N N 146 
ILE HXT  H N N 147 
LEU N    N N N 148 
LEU CA   C N S 149 
LEU C    C N N 150 
LEU O    O N N 151 
LEU CB   C N N 152 
LEU CG   C N N 153 
LEU CD1  C N N 154 
LEU CD2  C N N 155 
LEU OXT  O N N 156 
LEU H    H N N 157 
LEU H2   H N N 158 
LEU HA   H N N 159 
LEU HB2  H N N 160 
LEU HB3  H N N 161 
LEU HG   H N N 162 
LEU HD11 H N N 163 
LEU HD12 H N N 164 
LEU HD13 H N N 165 
LEU HD21 H N N 166 
LEU HD22 H N N 167 
LEU HD23 H N N 168 
LEU HXT  H N N 169 
LYS N    N N N 170 
LYS CA   C N S 171 
LYS C    C N N 172 
LYS O    O N N 173 
LYS CB   C N N 174 
LYS CG   C N N 175 
LYS CD   C N N 176 
LYS CE   C N N 177 
LYS NZ   N N N 178 
LYS OXT  O N N 179 
LYS H    H N N 180 
LYS H2   H N N 181 
LYS HA   H N N 182 
LYS HB2  H N N 183 
LYS HB3  H N N 184 
LYS HG2  H N N 185 
LYS HG3  H N N 186 
LYS HD2  H N N 187 
LYS HD3  H N N 188 
LYS HE2  H N N 189 
LYS HE3  H N N 190 
LYS HZ1  H N N 191 
LYS HZ2  H N N 192 
LYS HZ3  H N N 193 
LYS HXT  H N N 194 
MET N    N N N 195 
MET CA   C N S 196 
MET C    C N N 197 
MET O    O N N 198 
MET CB   C N N 199 
MET CG   C N N 200 
MET SD   S N N 201 
MET CE   C N N 202 
MET OXT  O N N 203 
MET H    H N N 204 
MET H2   H N N 205 
MET HA   H N N 206 
MET HB2  H N N 207 
MET HB3  H N N 208 
MET HG2  H N N 209 
MET HG3  H N N 210 
MET HE1  H N N 211 
MET HE2  H N N 212 
MET HE3  H N N 213 
MET HXT  H N N 214 
PHE N    N N N 215 
PHE CA   C N S 216 
PHE C    C N N 217 
PHE O    O N N 218 
PHE CB   C N N 219 
PHE CG   C Y N 220 
PHE CD1  C Y N 221 
PHE CD2  C Y N 222 
PHE CE1  C Y N 223 
PHE CE2  C Y N 224 
PHE CZ   C Y N 225 
PHE OXT  O N N 226 
PHE H    H N N 227 
PHE H2   H N N 228 
PHE HA   H N N 229 
PHE HB2  H N N 230 
PHE HB3  H N N 231 
PHE HD1  H N N 232 
PHE HD2  H N N 233 
PHE HE1  H N N 234 
PHE HE2  H N N 235 
PHE HZ   H N N 236 
PHE HXT  H N N 237 
PRO N    N N N 238 
PRO CA   C N S 239 
PRO C    C N N 240 
PRO O    O N N 241 
PRO CB   C N N 242 
PRO CG   C N N 243 
PRO CD   C N N 244 
PRO OXT  O N N 245 
PRO H    H N N 246 
PRO HA   H N N 247 
PRO HB2  H N N 248 
PRO HB3  H N N 249 
PRO HG2  H N N 250 
PRO HG3  H N N 251 
PRO HD2  H N N 252 
PRO HD3  H N N 253 
PRO HXT  H N N 254 
SER N    N N N 255 
SER CA   C N S 256 
SER C    C N N 257 
SER O    O N N 258 
SER CB   C N N 259 
SER OG   O N N 260 
SER OXT  O N N 261 
SER H    H N N 262 
SER H2   H N N 263 
SER HA   H N N 264 
SER HB2  H N N 265 
SER HB3  H N N 266 
SER HG   H N N 267 
SER HXT  H N N 268 
THR N    N N N 269 
THR CA   C N S 270 
THR C    C N N 271 
THR O    O N N 272 
THR CB   C N R 273 
THR OG1  O N N 274 
THR CG2  C N N 275 
THR OXT  O N N 276 
THR H    H N N 277 
THR H2   H N N 278 
THR HA   H N N 279 
THR HB   H N N 280 
THR HG1  H N N 281 
THR HG21 H N N 282 
THR HG22 H N N 283 
THR HG23 H N N 284 
THR HXT  H N N 285 
TRP N    N N N 286 
TRP CA   C N S 287 
TRP C    C N N 288 
TRP O    O N N 289 
TRP CB   C N N 290 
TRP CG   C Y N 291 
TRP CD1  C Y N 292 
TRP CD2  C Y N 293 
TRP NE1  N Y N 294 
TRP CE2  C Y N 295 
TRP CE3  C Y N 296 
TRP CZ2  C Y N 297 
TRP CZ3  C Y N 298 
TRP CH2  C Y N 299 
TRP OXT  O N N 300 
TRP H    H N N 301 
TRP H2   H N N 302 
TRP HA   H N N 303 
TRP HB2  H N N 304 
TRP HB3  H N N 305 
TRP HD1  H N N 306 
TRP HE1  H N N 307 
TRP HE3  H N N 308 
TRP HZ2  H N N 309 
TRP HZ3  H N N 310 
TRP HH2  H N N 311 
TRP HXT  H N N 312 
TYR N    N N N 313 
TYR CA   C N S 314 
TYR C    C N N 315 
TYR O    O N N 316 
TYR CB   C N N 317 
TYR CG   C Y N 318 
TYR CD1  C Y N 319 
TYR CD2  C Y N 320 
TYR CE1  C Y N 321 
TYR CE2  C Y N 322 
TYR CZ   C Y N 323 
TYR OH   O N N 324 
TYR OXT  O N N 325 
TYR H    H N N 326 
TYR H2   H N N 327 
TYR HA   H N N 328 
TYR HB2  H N N 329 
TYR HB3  H N N 330 
TYR HD1  H N N 331 
TYR HD2  H N N 332 
TYR HE1  H N N 333 
TYR HE2  H N N 334 
TYR HH   H N N 335 
TYR HXT  H N N 336 
VAL N    N N N 337 
VAL CA   C N S 338 
VAL C    C N N 339 
VAL O    O N N 340 
VAL CB   C N N 341 
VAL CG1  C N N 342 
VAL CG2  C N N 343 
VAL OXT  O N N 344 
VAL H    H N N 345 
VAL H2   H N N 346 
VAL HA   H N N 347 
VAL HB   H N N 348 
VAL HG11 H N N 349 
VAL HG12 H N N 350 
VAL HG13 H N N 351 
VAL HG21 H N N 352 
VAL HG22 H N N 353 
VAL HG23 H N N 354 
VAL HXT  H N N 355 
# 
loop_
_chem_comp_bond.comp_id 
_chem_comp_bond.atom_id_1 
_chem_comp_bond.atom_id_2 
_chem_comp_bond.value_order 
_chem_comp_bond.pdbx_aromatic_flag 
_chem_comp_bond.pdbx_stereo_config 
_chem_comp_bond.pdbx_ordinal 
ALA N   CA   sing N N 1   
ALA N   H    sing N N 2   
ALA N   H2   sing N N 3   
ALA CA  C    sing N N 4   
ALA CA  CB   sing N N 5   
ALA CA  HA   sing N N 6   
ALA C   O    doub N N 7   
ALA C   OXT  sing N N 8   
ALA CB  HB1  sing N N 9   
ALA CB  HB2  sing N N 10  
ALA CB  HB3  sing N N 11  
ALA OXT HXT  sing N N 12  
ARG N   CA   sing N N 13  
ARG N   H    sing N N 14  
ARG N   H2   sing N N 15  
ARG CA  C    sing N N 16  
ARG CA  CB   sing N N 17  
ARG CA  HA   sing N N 18  
ARG C   O    doub N N 19  
ARG C   OXT  sing N N 20  
ARG CB  CG   sing N N 21  
ARG CB  HB2  sing N N 22  
ARG CB  HB3  sing N N 23  
ARG CG  CD   sing N N 24  
ARG CG  HG2  sing N N 25  
ARG CG  HG3  sing N N 26  
ARG CD  NE   sing N N 27  
ARG CD  HD2  sing N N 28  
ARG CD  HD3  sing N N 29  
ARG NE  CZ   sing N N 30  
ARG NE  HE   sing N N 31  
ARG CZ  NH1  sing N N 32  
ARG CZ  NH2  doub N N 33  
ARG NH1 HH11 sing N N 34  
ARG NH1 HH12 sing N N 35  
ARG NH2 HH21 sing N N 36  
ARG NH2 HH22 sing N N 37  
ARG OXT HXT  sing N N 38  
ASN N   CA   sing N N 39  
ASN N   H    sing N N 40  
ASN N   H2   sing N N 41  
ASN CA  C    sing N N 42  
ASN CA  CB   sing N N 43  
ASN CA  HA   sing N N 44  
ASN C   O    doub N N 45  
ASN C   OXT  sing N N 46  
ASN CB  CG   sing N N 47  
ASN CB  HB2  sing N N 48  
ASN CB  HB3  sing N N 49  
ASN CG  OD1  doub N N 50  
ASN CG  ND2  sing N N 51  
ASN ND2 HD21 sing N N 52  
ASN ND2 HD22 sing N N 53  
ASN OXT HXT  sing N N 54  
ASP N   CA   sing N N 55  
ASP N   H    sing N N 56  
ASP N   H2   sing N N 57  
ASP CA  C    sing N N 58  
ASP CA  CB   sing N N 59  
ASP CA  HA   sing N N 60  
ASP C   O    doub N N 61  
ASP C   OXT  sing N N 62  
ASP CB  CG   sing N N 63  
ASP CB  HB2  sing N N 64  
ASP CB  HB3  sing N N 65  
ASP CG  OD1  doub N N 66  
ASP CG  OD2  sing N N 67  
ASP OD2 HD2  sing N N 68  
ASP OXT HXT  sing N N 69  
GLN N   CA   sing N N 70  
GLN N   H    sing N N 71  
GLN N   H2   sing N N 72  
GLN CA  C    sing N N 73  
GLN CA  CB   sing N N 74  
GLN CA  HA   sing N N 75  
GLN C   O    doub N N 76  
GLN C   OXT  sing N N 77  
GLN CB  CG   sing N N 78  
GLN CB  HB2  sing N N 79  
GLN CB  HB3  sing N N 80  
GLN CG  CD   sing N N 81  
GLN CG  HG2  sing N N 82  
GLN CG  HG3  sing N N 83  
GLN CD  OE1  doub N N 84  
GLN CD  NE2  sing N N 85  
GLN NE2 HE21 sing N N 86  
GLN NE2 HE22 sing N N 87  
GLN OXT HXT  sing N N 88  
GLU N   CA   sing N N 89  
GLU N   H    sing N N 90  
GLU N   H2   sing N N 91  
GLU CA  C    sing N N 92  
GLU CA  CB   sing N N 93  
GLU CA  HA   sing N N 94  
GLU C   O    doub N N 95  
GLU C   OXT  sing N N 96  
GLU CB  CG   sing N N 97  
GLU CB  HB2  sing N N 98  
GLU CB  HB3  sing N N 99  
GLU CG  CD   sing N N 100 
GLU CG  HG2  sing N N 101 
GLU CG  HG3  sing N N 102 
GLU CD  OE1  doub N N 103 
GLU CD  OE2  sing N N 104 
GLU OE2 HE2  sing N N 105 
GLU OXT HXT  sing N N 106 
GLY N   CA   sing N N 107 
GLY N   H    sing N N 108 
GLY N   H2   sing N N 109 
GLY CA  C    sing N N 110 
GLY CA  HA2  sing N N 111 
GLY CA  HA3  sing N N 112 
GLY C   O    doub N N 113 
GLY C   OXT  sing N N 114 
GLY OXT HXT  sing N N 115 
HOH O   H1   sing N N 116 
HOH O   H2   sing N N 117 
ILE N   CA   sing N N 118 
ILE N   H    sing N N 119 
ILE N   H2   sing N N 120 
ILE CA  C    sing N N 121 
ILE CA  CB   sing N N 122 
ILE CA  HA   sing N N 123 
ILE C   O    doub N N 124 
ILE C   OXT  sing N N 125 
ILE CB  CG1  sing N N 126 
ILE CB  CG2  sing N N 127 
ILE CB  HB   sing N N 128 
ILE CG1 CD1  sing N N 129 
ILE CG1 HG12 sing N N 130 
ILE CG1 HG13 sing N N 131 
ILE CG2 HG21 sing N N 132 
ILE CG2 HG22 sing N N 133 
ILE CG2 HG23 sing N N 134 
ILE CD1 HD11 sing N N 135 
ILE CD1 HD12 sing N N 136 
ILE CD1 HD13 sing N N 137 
ILE OXT HXT  sing N N 138 
LEU N   CA   sing N N 139 
LEU N   H    sing N N 140 
LEU N   H2   sing N N 141 
LEU CA  C    sing N N 142 
LEU CA  CB   sing N N 143 
LEU CA  HA   sing N N 144 
LEU C   O    doub N N 145 
LEU C   OXT  sing N N 146 
LEU CB  CG   sing N N 147 
LEU CB  HB2  sing N N 148 
LEU CB  HB3  sing N N 149 
LEU CG  CD1  sing N N 150 
LEU CG  CD2  sing N N 151 
LEU CG  HG   sing N N 152 
LEU CD1 HD11 sing N N 153 
LEU CD1 HD12 sing N N 154 
LEU CD1 HD13 sing N N 155 
LEU CD2 HD21 sing N N 156 
LEU CD2 HD22 sing N N 157 
LEU CD2 HD23 sing N N 158 
LEU OXT HXT  sing N N 159 
LYS N   CA   sing N N 160 
LYS N   H    sing N N 161 
LYS N   H2   sing N N 162 
LYS CA  C    sing N N 163 
LYS CA  CB   sing N N 164 
LYS CA  HA   sing N N 165 
LYS C   O    doub N N 166 
LYS C   OXT  sing N N 167 
LYS CB  CG   sing N N 168 
LYS CB  HB2  sing N N 169 
LYS CB  HB3  sing N N 170 
LYS CG  CD   sing N N 171 
LYS CG  HG2  sing N N 172 
LYS CG  HG3  sing N N 173 
LYS CD  CE   sing N N 174 
LYS CD  HD2  sing N N 175 
LYS CD  HD3  sing N N 176 
LYS CE  NZ   sing N N 177 
LYS CE  HE2  sing N N 178 
LYS CE  HE3  sing N N 179 
LYS NZ  HZ1  sing N N 180 
LYS NZ  HZ2  sing N N 181 
LYS NZ  HZ3  sing N N 182 
LYS OXT HXT  sing N N 183 
MET N   CA   sing N N 184 
MET N   H    sing N N 185 
MET N   H2   sing N N 186 
MET CA  C    sing N N 187 
MET CA  CB   sing N N 188 
MET CA  HA   sing N N 189 
MET C   O    doub N N 190 
MET C   OXT  sing N N 191 
MET CB  CG   sing N N 192 
MET CB  HB2  sing N N 193 
MET CB  HB3  sing N N 194 
MET CG  SD   sing N N 195 
MET CG  HG2  sing N N 196 
MET CG  HG3  sing N N 197 
MET SD  CE   sing N N 198 
MET CE  HE1  sing N N 199 
MET CE  HE2  sing N N 200 
MET CE  HE3  sing N N 201 
MET OXT HXT  sing N N 202 
PHE N   CA   sing N N 203 
PHE N   H    sing N N 204 
PHE N   H2   sing N N 205 
PHE CA  C    sing N N 206 
PHE CA  CB   sing N N 207 
PHE CA  HA   sing N N 208 
PHE C   O    doub N N 209 
PHE C   OXT  sing N N 210 
PHE CB  CG   sing N N 211 
PHE CB  HB2  sing N N 212 
PHE CB  HB3  sing N N 213 
PHE CG  CD1  doub Y N 214 
PHE CG  CD2  sing Y N 215 
PHE CD1 CE1  sing Y N 216 
PHE CD1 HD1  sing N N 217 
PHE CD2 CE2  doub Y N 218 
PHE CD2 HD2  sing N N 219 
PHE CE1 CZ   doub Y N 220 
PHE CE1 HE1  sing N N 221 
PHE CE2 CZ   sing Y N 222 
PHE CE2 HE2  sing N N 223 
PHE CZ  HZ   sing N N 224 
PHE OXT HXT  sing N N 225 
PRO N   CA   sing N N 226 
PRO N   CD   sing N N 227 
PRO N   H    sing N N 228 
PRO CA  C    sing N N 229 
PRO CA  CB   sing N N 230 
PRO CA  HA   sing N N 231 
PRO C   O    doub N N 232 
PRO C   OXT  sing N N 233 
PRO CB  CG   sing N N 234 
PRO CB  HB2  sing N N 235 
PRO CB  HB3  sing N N 236 
PRO CG  CD   sing N N 237 
PRO CG  HG2  sing N N 238 
PRO CG  HG3  sing N N 239 
PRO CD  HD2  sing N N 240 
PRO CD  HD3  sing N N 241 
PRO OXT HXT  sing N N 242 
SER N   CA   sing N N 243 
SER N   H    sing N N 244 
SER N   H2   sing N N 245 
SER CA  C    sing N N 246 
SER CA  CB   sing N N 247 
SER CA  HA   sing N N 248 
SER C   O    doub N N 249 
SER C   OXT  sing N N 250 
SER CB  OG   sing N N 251 
SER CB  HB2  sing N N 252 
SER CB  HB3  sing N N 253 
SER OG  HG   sing N N 254 
SER OXT HXT  sing N N 255 
THR N   CA   sing N N 256 
THR N   H    sing N N 257 
THR N   H2   sing N N 258 
THR CA  C    sing N N 259 
THR CA  CB   sing N N 260 
THR CA  HA   sing N N 261 
THR C   O    doub N N 262 
THR C   OXT  sing N N 263 
THR CB  OG1  sing N N 264 
THR CB  CG2  sing N N 265 
THR CB  HB   sing N N 266 
THR OG1 HG1  sing N N 267 
THR CG2 HG21 sing N N 268 
THR CG2 HG22 sing N N 269 
THR CG2 HG23 sing N N 270 
THR OXT HXT  sing N N 271 
TRP N   CA   sing N N 272 
TRP N   H    sing N N 273 
TRP N   H2   sing N N 274 
TRP CA  C    sing N N 275 
TRP CA  CB   sing N N 276 
TRP CA  HA   sing N N 277 
TRP C   O    doub N N 278 
TRP C   OXT  sing N N 279 
TRP CB  CG   sing N N 280 
TRP CB  HB2  sing N N 281 
TRP CB  HB3  sing N N 282 
TRP CG  CD1  doub Y N 283 
TRP CG  CD2  sing Y N 284 
TRP CD1 NE1  sing Y N 285 
TRP CD1 HD1  sing N N 286 
TRP CD2 CE2  doub Y N 287 
TRP CD2 CE3  sing Y N 288 
TRP NE1 CE2  sing Y N 289 
TRP NE1 HE1  sing N N 290 
TRP CE2 CZ2  sing Y N 291 
TRP CE3 CZ3  doub Y N 292 
TRP CE3 HE3  sing N N 293 
TRP CZ2 CH2  doub Y N 294 
TRP CZ2 HZ2  sing N N 295 
TRP CZ3 CH2  sing Y N 296 
TRP CZ3 HZ3  sing N N 297 
TRP CH2 HH2  sing N N 298 
TRP OXT HXT  sing N N 299 
TYR N   CA   sing N N 300 
TYR N   H    sing N N 301 
TYR N   H2   sing N N 302 
TYR CA  C    sing N N 303 
TYR CA  CB   sing N N 304 
TYR CA  HA   sing N N 305 
TYR C   O    doub N N 306 
TYR C   OXT  sing N N 307 
TYR CB  CG   sing N N 308 
TYR CB  HB2  sing N N 309 
TYR CB  HB3  sing N N 310 
TYR CG  CD1  doub Y N 311 
TYR CG  CD2  sing Y N 312 
TYR CD1 CE1  sing Y N 313 
TYR CD1 HD1  sing N N 314 
TYR CD2 CE2  doub Y N 315 
TYR CD2 HD2  sing N N 316 
TYR CE1 CZ   doub Y N 317 
TYR CE1 HE1  sing N N 318 
TYR CE2 CZ   sing Y N 319 
TYR CE2 HE2  sing N N 320 
TYR CZ  OH   sing N N 321 
TYR OH  HH   sing N N 322 
TYR OXT HXT  sing N N 323 
VAL N   CA   sing N N 324 
VAL N   H    sing N N 325 
VAL N   H2   sing N N 326 
VAL CA  C    sing N N 327 
VAL CA  CB   sing N N 328 
VAL CA  HA   sing N N 329 
VAL C   O    doub N N 330 
VAL C   OXT  sing N N 331 
VAL CB  CG1  sing N N 332 
VAL CB  CG2  sing N N 333 
VAL CB  HB   sing N N 334 
VAL CG1 HG11 sing N N 335 
VAL CG1 HG12 sing N N 336 
VAL CG1 HG13 sing N N 337 
VAL CG2 HG21 sing N N 338 
VAL CG2 HG22 sing N N 339 
VAL CG2 HG23 sing N N 340 
VAL OXT HXT  sing N N 341 
# 
_pdbx_entity_nonpoly.entity_id   2 
_pdbx_entity_nonpoly.name        water 
_pdbx_entity_nonpoly.comp_id     HOH 
# 
_pdbx_initial_refinement_model.id               1 
_pdbx_initial_refinement_model.entity_id_list   ? 
_pdbx_initial_refinement_model.type             'experimental model' 
_pdbx_initial_refinement_model.source_name      PDB 
_pdbx_initial_refinement_model.accession_code   1OOT 
_pdbx_initial_refinement_model.details          'PDB Entry: 1OOT' 
# 
